data_8CY3
#
_entry.id   8CY3
#
_cell.length_a   81.242
_cell.length_b   161.235
_cell.length_c   229.584
_cell.angle_alpha   90.000
_cell.angle_beta   90.000
_cell.angle_gamma   90.000
#
_symmetry.space_group_name_H-M   'P 21 21 21'
#
loop_
_entity.id
_entity.type
_entity.pdbx_description
1 polymer 'Site-specific DNA-methyltransferase (adenine-specific)'
2 polymer "DNA (5'-D(*TP*TP*CP*AP*AP*AP*AP*AP*GP*TP*CP*CP*CP*A)-3')"
3 polymer "DNA (5'-D(*TP*TP*CP*AP*AP*AP*AP*AP*GP*TP*CP*CP*CP*A)-3')"
4 non-polymer 'POTASSIUM ION'
5 non-polymer 1,2-ETHANEDIOL
6 non-polymer N-[3-(4-aminophenyl)propyl]adenosine
7 water water
#
loop_
_entity_poly.entity_id
_entity_poly.type
_entity_poly.pdbx_seq_one_letter_code
_entity_poly.pdbx_strand_id
1 'polypeptide(L)'
;HMDDISQDNFLLSKEYENSLDVDTKKASGIYYTPKIIVDYIVKKTLKNHDIIKNPYPRILDISCGCGNFLLEVYDILYDL
FEENIYELKKKYDENYWTVDNIHRHILNYCIYGADIDEKAISILKDSLTNKKVVNDLDESDIKINLFCCDSLKKKWRYKF
DYIVGNPPYIGHKKLEKKYKKFLLEKYSEVYKDKADLYFCFYKKIIDILKQGGIGSVITPRYFLESLSGKDLREYIKSNV
NVQEIVDFLGANIFKNIGVSSCILTFDKKKTKETYIDVFKIKNEDICINKFETLEELLKSSKFEHFNINQRLLSDEWILV
NKDDETFYNKIQEKCKYSLEDIAISFQGIITGCDKAFILSKDDVKLNLVDDKFLKCWIKSKNINKYIVDKSEYRLIYSND
IDNENTNKRILDEIIGLYKTKLENRRECKSGIRKWYELQWGREKLFFERKKIMYPYKSNENRFAIDYDNNFSSADVYSFF
IKEEYLDKFSYEYLVGILNSSVYDKYFKITAKKMSKNIYDYYPNKVMKIRIFRDNNYEEIENLSKQIISILLNKSIDKGK
VEKLQIKMDNLIMDSLGI
;
A,B,C
2 'polydeoxyribonucleotide' (DT)(DT)(DC)(DA)(DA)(DA)(DA)(DA)(DG)(DT)(DC)(DC)(DC)(DA) D,F,H
3 'polydeoxyribonucleotide' (DA)(DT)(DG)(DG)(DG)(DA)(DC)(DT)(DT)(DT)(DT)(DT)(DG)(DA) E,G,I
#
# COMPACT_ATOMS: atom_id res chain seq x y z
N GLY A 29 -35.44 21.89 -27.35
CA GLY A 29 -34.87 20.57 -27.56
C GLY A 29 -35.78 19.63 -28.35
N ILE A 30 -36.58 20.21 -29.24
CA ILE A 30 -37.50 19.46 -30.09
C ILE A 30 -37.21 19.82 -31.54
N TYR A 31 -36.95 18.81 -32.36
CA TYR A 31 -36.58 18.99 -33.76
C TYR A 31 -37.67 18.42 -34.66
N TYR A 32 -38.06 19.18 -35.67
CA TYR A 32 -39.13 18.78 -36.60
C TYR A 32 -38.52 18.10 -37.82
N THR A 33 -38.76 16.80 -37.95
CA THR A 33 -38.36 16.08 -39.14
C THR A 33 -39.22 16.49 -40.33
N PRO A 34 -38.64 16.72 -41.50
CA PRO A 34 -39.44 17.13 -42.66
C PRO A 34 -40.49 16.09 -42.99
N LYS A 35 -41.67 16.56 -43.40
CA LYS A 35 -42.81 15.66 -43.59
C LYS A 35 -42.54 14.62 -44.67
N ILE A 36 -41.74 14.96 -45.68
CA ILE A 36 -41.44 14.00 -46.74
C ILE A 36 -40.69 12.80 -46.16
N ILE A 37 -39.72 13.05 -45.29
CA ILE A 37 -38.96 11.97 -44.65
C ILE A 37 -39.85 11.16 -43.71
N VAL A 38 -40.72 11.84 -42.95
CA VAL A 38 -41.62 11.14 -42.04
C VAL A 38 -42.52 10.18 -42.81
N ASP A 39 -43.09 10.66 -43.91
CA ASP A 39 -43.94 9.82 -44.73
C ASP A 39 -43.16 8.64 -45.28
N TYR A 40 -41.92 8.87 -45.72
CA TYR A 40 -41.13 7.76 -46.24
C TYR A 40 -40.90 6.70 -45.17
N ILE A 41 -40.58 7.12 -43.95
CA ILE A 41 -40.25 6.16 -42.89
C ILE A 41 -41.48 5.33 -42.52
N VAL A 42 -42.62 6.01 -42.31
CA VAL A 42 -43.85 5.29 -41.95
C VAL A 42 -44.25 4.32 -43.06
N LYS A 43 -44.22 4.79 -44.31
CA LYS A 43 -44.55 3.92 -45.44
C LYS A 43 -43.59 2.74 -45.53
N LYS A 44 -42.31 2.98 -45.24
CA LYS A 44 -41.31 1.91 -45.29
C LYS A 44 -41.66 0.81 -44.30
N THR A 45 -42.15 1.19 -43.13
CA THR A 45 -42.45 0.14 -42.15
C THR A 45 -43.86 -0.43 -42.27
N LEU A 46 -44.79 0.20 -43.00
CA LEU A 46 -46.16 -0.31 -42.99
C LEU A 46 -46.74 -0.65 -44.35
N LYS A 47 -46.00 -0.51 -45.45
CA LYS A 47 -46.60 -0.66 -46.77
C LYS A 47 -47.11 -2.08 -47.01
N ASN A 48 -46.40 -3.08 -46.51
CA ASN A 48 -46.73 -4.48 -46.76
C ASN A 48 -47.24 -5.20 -45.53
N HIS A 49 -47.83 -4.46 -44.59
CA HIS A 49 -48.37 -5.11 -43.39
C HIS A 49 -49.65 -5.85 -43.73
N ASP A 50 -49.74 -7.11 -43.28
CA ASP A 50 -50.91 -7.96 -43.51
C ASP A 50 -51.86 -7.74 -42.34
N ILE A 51 -52.75 -6.76 -42.49
CA ILE A 51 -53.66 -6.41 -41.41
C ILE A 51 -54.65 -7.53 -41.13
N ILE A 52 -54.98 -8.33 -42.14
CA ILE A 52 -55.88 -9.46 -41.93
C ILE A 52 -55.22 -10.50 -41.03
N LYS A 53 -53.96 -10.83 -41.31
CA LYS A 53 -53.24 -11.80 -40.50
C LYS A 53 -53.00 -11.27 -39.09
N ASN A 54 -52.62 -10.01 -38.97
CA ASN A 54 -52.32 -9.38 -37.68
C ASN A 54 -53.01 -8.03 -37.58
N PRO A 55 -54.25 -8.00 -37.08
CA PRO A 55 -54.93 -6.72 -36.85
C PRO A 55 -54.54 -6.00 -35.57
N TYR A 56 -53.49 -6.46 -34.89
CA TYR A 56 -53.04 -5.84 -33.64
C TYR A 56 -51.55 -5.51 -33.71
N PRO A 57 -51.13 -4.65 -34.64
CA PRO A 57 -49.72 -4.27 -34.70
C PRO A 57 -49.38 -3.20 -33.67
N ARG A 58 -48.17 -3.29 -33.14
CA ARG A 58 -47.66 -2.32 -32.17
C ARG A 58 -46.63 -1.44 -32.86
N ILE A 59 -46.94 -0.15 -33.01
CA ILE A 59 -46.04 0.81 -33.63
C ILE A 59 -45.60 1.79 -32.56
N LEU A 60 -44.29 1.89 -32.34
CA LEU A 60 -43.73 2.63 -31.22
C LEU A 60 -42.76 3.71 -31.70
N ASP A 61 -42.82 4.88 -31.06
CA ASP A 61 -41.80 5.90 -31.20
C ASP A 61 -41.33 6.29 -29.81
N ILE A 62 -40.04 6.05 -29.52
CA ILE A 62 -39.53 6.25 -28.17
C ILE A 62 -38.97 7.65 -27.95
N SER A 63 -39.00 8.52 -28.97
CA SER A 63 -38.72 9.94 -28.80
C SER A 63 -39.76 10.74 -29.60
N CYS A 64 -41.03 10.40 -29.37
CA CYS A 64 -42.12 10.84 -30.26
C CYS A 64 -42.31 12.35 -30.29
N GLY A 65 -41.84 13.08 -29.29
CA GLY A 65 -42.00 14.53 -29.30
C GLY A 65 -43.48 14.91 -29.33
N CYS A 66 -43.83 15.81 -30.24
CA CYS A 66 -45.23 16.18 -30.46
C CYS A 66 -45.94 15.21 -31.39
N GLY A 67 -45.31 14.08 -31.73
CA GLY A 67 -45.95 13.09 -32.57
C GLY A 67 -45.83 13.35 -34.05
N ASN A 68 -44.65 13.76 -34.52
CA ASN A 68 -44.45 13.92 -35.95
C ASN A 68 -44.67 12.61 -36.68
N PHE A 69 -44.16 11.51 -36.12
CA PHE A 69 -44.31 10.20 -36.74
C PHE A 69 -45.64 9.54 -36.38
N LEU A 70 -46.07 9.67 -35.11
CA LEU A 70 -47.21 8.90 -34.63
C LEU A 70 -48.52 9.35 -35.27
N LEU A 71 -48.69 10.66 -35.50
CA LEU A 71 -49.91 11.13 -36.14
C LEU A 71 -50.02 10.59 -37.57
N GLU A 72 -48.90 10.58 -38.31
CA GLU A 72 -48.88 9.96 -39.63
C GLU A 72 -49.16 8.47 -39.56
N VAL A 73 -48.63 7.80 -38.53
CA VAL A 73 -48.91 6.38 -38.34
C VAL A 73 -50.42 6.17 -38.14
N TYR A 74 -51.06 7.09 -37.41
CA TYR A 74 -52.51 6.99 -37.23
C TYR A 74 -53.22 7.10 -38.58
N ASP A 75 -52.80 8.04 -39.43
CA ASP A 75 -53.45 8.18 -40.72
C ASP A 75 -53.31 6.88 -41.54
N ILE A 76 -52.09 6.35 -41.60
CA ILE A 76 -51.84 5.13 -42.38
C ILE A 76 -52.67 3.97 -41.84
N LEU A 77 -52.69 3.81 -40.51
CA LEU A 77 -53.44 2.72 -39.88
C LEU A 77 -54.93 2.85 -40.14
N TYR A 78 -55.46 4.07 -40.06
CA TYR A 78 -56.90 4.24 -40.27
C TYR A 78 -57.27 3.84 -41.69
N ASP A 79 -56.48 4.26 -42.67
CA ASP A 79 -56.78 3.81 -44.03
C ASP A 79 -56.67 2.28 -44.14
N LEU A 80 -55.65 1.70 -43.50
CA LEU A 80 -55.45 0.26 -43.60
C LEU A 80 -56.63 -0.52 -43.02
N PHE A 81 -57.16 -0.08 -41.88
CA PHE A 81 -58.28 -0.77 -41.26
C PHE A 81 -59.57 -0.54 -42.05
N GLU A 82 -59.81 0.70 -42.49
CA GLU A 82 -61.06 0.98 -43.20
C GLU A 82 -61.11 0.29 -44.55
N GLU A 83 -59.96 0.04 -45.18
CA GLU A 83 -59.97 -0.63 -46.47
C GLU A 83 -60.27 -2.12 -46.37
N ASN A 84 -60.11 -2.73 -45.18
CA ASN A 84 -60.35 -4.16 -44.97
C ASN A 84 -61.33 -4.40 -43.83
N ILE A 85 -62.16 -3.40 -43.53
CA ILE A 85 -63.11 -3.51 -42.42
C ILE A 85 -64.05 -4.70 -42.59
N TYR A 86 -64.53 -4.95 -43.81
CA TYR A 86 -65.46 -6.06 -43.97
C TYR A 86 -64.76 -7.42 -43.91
N GLU A 87 -63.54 -7.51 -44.44
CA GLU A 87 -62.76 -8.73 -44.27
C GLU A 87 -62.52 -9.03 -42.80
N LEU A 88 -62.15 -8.01 -42.02
CA LEU A 88 -61.96 -8.21 -40.58
C LEU A 88 -63.26 -8.59 -39.89
N LYS A 89 -64.36 -7.92 -40.24
CA LYS A 89 -65.65 -8.24 -39.65
C LYS A 89 -66.06 -9.67 -39.96
N LYS A 90 -65.66 -10.21 -41.11
CA LYS A 90 -66.02 -11.58 -41.43
C LYS A 90 -65.09 -12.60 -40.77
N LYS A 91 -63.78 -12.33 -40.72
CA LYS A 91 -62.86 -13.31 -40.17
C LYS A 91 -62.91 -13.36 -38.65
N TYR A 92 -63.12 -12.21 -38.01
CA TYR A 92 -63.04 -12.05 -36.57
C TYR A 92 -64.41 -11.65 -36.02
N ASP A 93 -64.42 -11.24 -34.75
CA ASP A 93 -65.62 -10.75 -34.08
C ASP A 93 -66.32 -9.71 -34.96
N GLU A 94 -67.53 -10.03 -35.42
CA GLU A 94 -68.23 -9.17 -36.36
C GLU A 94 -68.78 -7.90 -35.69
N ASN A 95 -68.97 -7.93 -34.38
CA ASN A 95 -69.45 -6.74 -33.69
C ASN A 95 -68.32 -5.78 -33.36
N TYR A 96 -67.10 -6.29 -33.18
CA TYR A 96 -65.96 -5.46 -32.83
C TYR A 96 -65.43 -4.66 -34.02
N TRP A 97 -65.51 -5.22 -35.22
CA TRP A 97 -64.87 -4.63 -36.39
C TRP A 97 -65.90 -3.84 -37.19
N THR A 98 -66.03 -2.56 -36.83
CA THR A 98 -66.84 -1.59 -37.56
C THR A 98 -65.99 -0.35 -37.79
N VAL A 99 -66.44 0.50 -38.71
CA VAL A 99 -65.72 1.75 -38.95
C VAL A 99 -65.70 2.60 -37.68
N ASP A 100 -66.83 2.69 -36.99
CA ASP A 100 -66.93 3.51 -35.79
C ASP A 100 -65.92 3.09 -34.72
N ASN A 101 -65.57 1.81 -34.69
CA ASN A 101 -64.64 1.30 -33.69
C ASN A 101 -63.18 1.39 -34.13
N ILE A 102 -62.90 1.91 -35.32
CA ILE A 102 -61.51 1.97 -35.77
C ILE A 102 -60.70 2.89 -34.86
N HIS A 103 -61.18 4.12 -34.64
CA HIS A 103 -60.42 5.11 -33.90
C HIS A 103 -60.07 4.63 -32.50
N ARG A 104 -61.04 4.02 -31.81
CA ARG A 104 -60.73 3.47 -30.50
C ARG A 104 -59.67 2.38 -30.61
N HIS A 105 -59.86 1.43 -31.53
CA HIS A 105 -58.95 0.28 -31.59
C HIS A 105 -57.51 0.73 -31.75
N ILE A 106 -57.26 1.61 -32.73
CA ILE A 106 -55.91 2.13 -32.96
C ILE A 106 -55.30 2.66 -31.67
N LEU A 107 -56.05 3.45 -30.92
CA LEU A 107 -55.44 4.03 -29.74
C LEU A 107 -55.21 3.00 -28.64
N ASN A 108 -56.08 1.98 -28.55
CA ASN A 108 -55.95 1.02 -27.45
C ASN A 108 -54.77 0.06 -27.64
N TYR A 109 -54.52 -0.35 -28.89
CA TYR A 109 -53.69 -1.51 -29.16
C TYR A 109 -52.53 -1.25 -30.13
N CYS A 110 -52.51 -0.12 -30.83
CA CYS A 110 -51.59 0.05 -31.94
C CYS A 110 -50.52 1.11 -31.73
N ILE A 111 -50.89 2.32 -31.32
CA ILE A 111 -49.95 3.42 -31.26
C ILE A 111 -49.34 3.52 -29.87
N TYR A 112 -48.00 3.62 -29.82
CA TYR A 112 -47.26 3.74 -28.57
C TYR A 112 -46.20 4.82 -28.72
N GLY A 113 -46.14 5.72 -27.75
CA GLY A 113 -45.18 6.81 -27.79
C GLY A 113 -44.57 7.03 -26.42
N ALA A 114 -43.30 7.43 -26.43
CA ALA A 114 -42.58 7.77 -25.22
C ALA A 114 -41.72 9.00 -25.48
N ASP A 115 -41.68 9.91 -24.50
CA ASP A 115 -40.84 11.08 -24.61
C ASP A 115 -40.57 11.64 -23.22
N ILE A 116 -39.49 12.40 -23.11
CA ILE A 116 -39.11 12.97 -21.82
C ILE A 116 -39.82 14.30 -21.55
N ASP A 117 -40.38 14.93 -22.58
CA ASP A 117 -41.02 16.23 -22.45
C ASP A 117 -42.50 16.05 -22.15
N GLU A 118 -42.93 16.54 -20.98
CA GLU A 118 -44.33 16.38 -20.58
C GLU A 118 -45.26 17.17 -21.48
N LYS A 119 -44.89 18.41 -21.80
CA LYS A 119 -45.74 19.25 -22.65
C LYS A 119 -45.96 18.62 -24.01
N ALA A 120 -44.90 18.01 -24.58
CA ALA A 120 -45.02 17.34 -25.86
C ALA A 120 -46.02 16.19 -25.80
N ILE A 121 -45.95 15.40 -24.74
CA ILE A 121 -46.88 14.26 -24.60
C ILE A 121 -48.30 14.77 -24.44
N SER A 122 -48.49 15.83 -23.67
CA SER A 122 -49.82 16.41 -23.51
C SER A 122 -50.38 16.87 -24.86
N ILE A 123 -49.56 17.58 -25.65
CA ILE A 123 -49.98 18.06 -26.95
C ILE A 123 -50.34 16.90 -27.87
N LEU A 124 -49.48 15.87 -27.90
CA LEU A 124 -49.73 14.73 -28.77
C LEU A 124 -50.99 13.97 -28.36
N LYS A 125 -51.21 13.85 -27.05
CA LYS A 125 -52.42 13.20 -26.57
C LYS A 125 -53.66 13.95 -27.02
N ASP A 126 -53.62 15.28 -26.96
CA ASP A 126 -54.76 16.06 -27.44
C ASP A 126 -54.95 15.88 -28.95
N SER A 127 -53.86 15.85 -29.71
CA SER A 127 -54.00 15.67 -31.16
C SER A 127 -54.60 14.31 -31.50
N LEU A 128 -54.12 13.24 -30.86
CA LEU A 128 -54.66 11.91 -31.08
C LEU A 128 -56.13 11.83 -30.68
N THR A 129 -56.50 12.49 -29.57
CA THR A 129 -57.90 12.53 -29.18
C THR A 129 -58.74 13.27 -30.22
N ASN A 130 -58.18 14.32 -30.83
CA ASN A 130 -58.91 15.11 -31.82
C ASN A 130 -58.92 14.49 -33.20
N LYS A 131 -58.23 13.36 -33.40
CA LYS A 131 -58.34 12.66 -34.69
C LYS A 131 -59.77 12.22 -35.02
N LYS A 132 -60.66 12.10 -34.03
CA LYS A 132 -62.02 11.62 -34.29
C LYS A 132 -63.06 12.73 -34.15
N VAL A 133 -63.10 13.40 -33.00
CA VAL A 133 -64.04 14.50 -32.75
C VAL A 133 -65.48 14.12 -33.03
N ASP A 138 -67.58 12.62 -23.23
CA ASP A 138 -66.89 11.51 -23.87
C ASP A 138 -67.80 10.29 -23.97
N GLU A 139 -67.30 9.25 -24.65
CA GLU A 139 -68.04 7.99 -24.74
C GLU A 139 -67.59 7.02 -23.66
N SER A 140 -66.30 6.67 -23.63
CA SER A 140 -65.78 5.81 -22.58
C SER A 140 -64.36 6.18 -22.14
N ASP A 141 -63.86 7.36 -22.54
CA ASP A 141 -62.55 7.85 -22.10
C ASP A 141 -61.42 6.89 -22.49
N ILE A 142 -61.21 6.82 -23.81
CA ILE A 142 -60.20 5.93 -24.38
C ILE A 142 -58.83 6.18 -23.75
N LYS A 143 -58.12 5.11 -23.46
CA LYS A 143 -56.75 5.17 -22.96
C LYS A 143 -55.77 5.18 -24.12
N ILE A 144 -54.74 6.01 -24.02
CA ILE A 144 -53.73 6.18 -25.06
C ILE A 144 -52.37 5.82 -24.47
N ASN A 145 -51.62 4.97 -25.17
CA ASN A 145 -50.36 4.43 -24.68
C ASN A 145 -49.22 5.41 -24.93
N LEU A 146 -49.24 6.48 -24.14
CA LEU A 146 -48.18 7.49 -24.15
C LEU A 146 -47.51 7.52 -22.78
N PHE A 147 -46.18 7.52 -22.78
CA PHE A 147 -45.39 7.51 -21.56
C PHE A 147 -44.49 8.73 -21.53
N CYS A 148 -44.48 9.43 -20.41
CA CYS A 148 -43.54 10.53 -20.17
C CYS A 148 -42.41 9.98 -19.32
N CYS A 149 -41.30 9.62 -19.97
CA CYS A 149 -40.24 8.89 -19.29
C CYS A 149 -38.96 8.98 -20.10
N ASP A 150 -37.88 8.47 -19.50
CA ASP A 150 -36.61 8.29 -20.19
C ASP A 150 -36.64 6.91 -20.84
N SER A 151 -36.72 6.89 -22.17
CA SER A 151 -36.83 5.62 -22.89
C SER A 151 -35.63 4.71 -22.65
N LEU A 152 -34.47 5.28 -22.30
CA LEU A 152 -33.30 4.46 -21.99
C LEU A 152 -33.35 3.85 -20.60
N LYS A 153 -34.30 4.26 -19.76
CA LYS A 153 -34.45 3.69 -18.43
C LYS A 153 -35.74 2.90 -18.24
N LYS A 154 -36.74 3.11 -19.09
CA LYS A 154 -38.05 2.51 -18.88
C LYS A 154 -37.95 0.99 -18.94
N LYS A 155 -38.60 0.33 -17.99
CA LYS A 155 -38.78 -1.12 -18.04
C LYS A 155 -39.88 -1.41 -19.06
N TRP A 156 -39.46 -1.80 -20.26
CA TRP A 156 -40.42 -2.08 -21.33
C TRP A 156 -40.98 -3.49 -21.14
N ARG A 157 -42.32 -3.57 -21.00
CA ARG A 157 -42.96 -4.82 -20.61
C ARG A 157 -43.17 -5.77 -21.79
N TYR A 158 -43.08 -5.29 -23.02
CA TYR A 158 -43.24 -6.14 -24.18
C TYR A 158 -42.53 -5.53 -25.38
N LYS A 159 -42.33 -6.35 -26.41
CA LYS A 159 -41.67 -5.91 -27.62
C LYS A 159 -42.70 -5.45 -28.66
N PHE A 160 -42.20 -4.87 -29.74
CA PHE A 160 -43.04 -4.13 -30.67
C PHE A 160 -42.84 -4.61 -32.10
N ASP A 161 -43.91 -4.52 -32.88
CA ASP A 161 -43.85 -4.93 -34.29
C ASP A 161 -43.11 -3.91 -35.14
N TYR A 162 -43.34 -2.61 -34.89
CA TYR A 162 -42.76 -1.56 -35.72
C TYR A 162 -42.30 -0.41 -34.84
N ILE A 163 -41.10 0.10 -35.12
CA ILE A 163 -40.53 1.22 -34.37
C ILE A 163 -39.99 2.25 -35.36
N VAL A 164 -40.42 3.51 -35.19
CA VAL A 164 -40.01 4.61 -36.06
C VAL A 164 -39.69 5.82 -35.19
N GLY A 165 -38.99 6.79 -35.78
CA GLY A 165 -38.84 8.07 -35.12
C GLY A 165 -37.47 8.68 -35.37
N ASN A 166 -37.22 9.77 -34.66
CA ASN A 166 -35.98 10.55 -34.77
C ASN A 166 -35.38 10.70 -33.38
N PRO A 167 -34.39 9.88 -33.03
CA PRO A 167 -33.85 9.90 -31.65
C PRO A 167 -33.08 11.18 -31.39
N PRO A 168 -32.82 11.51 -30.13
CA PRO A 168 -31.99 12.67 -29.82
C PRO A 168 -30.51 12.40 -30.06
N TYR A 169 -29.82 13.40 -30.58
CA TYR A 169 -28.37 13.32 -30.78
C TYR A 169 -27.71 14.23 -29.74
N ILE A 170 -26.93 13.65 -28.84
CA ILE A 170 -26.17 14.42 -27.86
C ILE A 170 -24.77 13.84 -27.78
N GLY A 171 -23.75 14.68 -28.01
CA GLY A 171 -22.37 14.23 -28.07
C GLY A 171 -21.70 14.23 -26.72
N HIS A 172 -20.39 13.96 -26.75
CA HIS A 172 -19.66 13.71 -25.51
C HIS A 172 -19.44 14.98 -24.70
N LYS A 173 -19.37 16.13 -25.35
CA LYS A 173 -19.24 17.39 -24.61
C LYS A 173 -20.56 17.83 -23.99
N LYS A 174 -21.66 17.66 -24.72
CA LYS A 174 -22.94 18.25 -24.34
C LYS A 174 -23.80 17.32 -23.48
N LEU A 175 -23.38 16.07 -23.27
CA LEU A 175 -24.14 15.15 -22.44
C LEU A 175 -23.71 15.28 -20.98
N GLU A 176 -24.70 15.25 -20.09
CA GLU A 176 -24.41 15.38 -18.66
C GLU A 176 -23.54 14.24 -18.18
N LYS A 177 -22.52 14.58 -17.39
CA LYS A 177 -21.55 13.57 -16.94
C LYS A 177 -22.21 12.51 -16.08
N LYS A 178 -23.09 12.93 -15.16
CA LYS A 178 -23.77 11.98 -14.29
C LYS A 178 -24.60 10.99 -15.10
N TYR A 179 -25.26 11.46 -16.16
CA TYR A 179 -26.03 10.57 -17.03
C TYR A 179 -25.09 9.67 -17.84
N LYS A 180 -23.93 10.20 -18.24
CA LYS A 180 -22.97 9.40 -18.97
C LYS A 180 -22.48 8.22 -18.14
N LYS A 181 -22.40 8.38 -16.81
CA LYS A 181 -22.03 7.23 -15.99
C LYS A 181 -23.04 6.08 -16.15
N PHE A 182 -24.33 6.40 -16.13
CA PHE A 182 -25.36 5.40 -16.33
C PHE A 182 -25.22 4.74 -17.70
N LEU A 183 -25.01 5.56 -18.74
CA LEU A 183 -24.89 4.99 -20.08
C LEU A 183 -23.68 4.06 -20.18
N LEU A 184 -22.56 4.46 -19.59
CA LEU A 184 -21.35 3.63 -19.64
C LEU A 184 -21.56 2.32 -18.90
N GLU A 185 -22.28 2.35 -17.78
CA GLU A 185 -22.49 1.10 -17.04
C GLU A 185 -23.50 0.19 -17.71
N LYS A 186 -24.56 0.75 -18.31
CA LYS A 186 -25.69 -0.06 -18.78
C LYS A 186 -25.73 -0.26 -20.30
N TYR A 187 -25.06 0.60 -21.07
CA TYR A 187 -25.07 0.50 -22.53
C TYR A 187 -23.67 0.30 -23.08
N SER A 188 -22.84 -0.45 -22.35
CA SER A 188 -21.44 -0.61 -22.71
C SER A 188 -21.21 -1.35 -24.01
N GLU A 189 -22.24 -2.02 -24.55
CA GLU A 189 -22.06 -2.71 -25.84
C GLU A 189 -22.00 -1.73 -27.01
N VAL A 190 -22.55 -0.53 -26.86
CA VAL A 190 -22.48 0.47 -27.92
C VAL A 190 -21.95 1.82 -27.46
N TYR A 191 -21.92 2.12 -26.16
CA TYR A 191 -21.53 3.43 -25.68
C TYR A 191 -20.21 3.35 -24.94
N LYS A 192 -19.21 4.07 -25.45
CA LYS A 192 -17.84 4.07 -24.95
C LYS A 192 -17.29 5.46 -25.19
N ASP A 193 -15.96 5.55 -25.31
CA ASP A 193 -15.16 6.76 -25.13
C ASP A 193 -15.83 8.03 -25.64
N LYS A 194 -16.07 8.13 -26.94
CA LYS A 194 -16.61 9.36 -27.51
C LYS A 194 -17.92 9.10 -28.24
N ALA A 195 -18.64 8.07 -27.81
CA ALA A 195 -19.91 7.70 -28.44
C ALA A 195 -20.95 8.80 -28.25
N ASP A 196 -22.07 8.64 -28.94
CA ASP A 196 -23.19 9.56 -28.88
C ASP A 196 -24.41 8.84 -28.31
N LEU A 197 -25.36 9.65 -27.81
CA LEU A 197 -26.54 9.12 -27.14
C LEU A 197 -27.39 8.26 -28.08
N TYR A 198 -27.48 8.67 -29.35
CA TYR A 198 -28.32 7.91 -30.26
C TYR A 198 -27.77 6.51 -30.54
N PHE A 199 -26.50 6.25 -30.21
CA PHE A 199 -26.01 4.88 -30.17
C PHE A 199 -26.86 4.03 -29.23
N CYS A 200 -27.07 4.55 -28.01
CA CYS A 200 -27.92 3.88 -27.03
C CYS A 200 -29.34 3.75 -27.55
N PHE A 201 -29.84 4.78 -28.25
CA PHE A 201 -31.20 4.63 -28.78
C PHE A 201 -31.28 3.51 -29.82
N TYR A 202 -30.26 3.38 -30.67
CA TYR A 202 -30.22 2.26 -31.61
C TYR A 202 -30.28 0.93 -30.86
N LYS A 203 -29.47 0.79 -29.82
CA LYS A 203 -29.45 -0.47 -29.08
C LYS A 203 -30.80 -0.75 -28.44
N LYS A 204 -31.44 0.26 -27.86
CA LYS A 204 -32.74 0.07 -27.24
C LYS A 204 -33.79 -0.36 -28.27
N ILE A 205 -33.83 0.32 -29.42
CA ILE A 205 -34.80 -0.01 -30.45
C ILE A 205 -34.63 -1.46 -30.90
N ILE A 206 -33.38 -1.86 -31.16
CA ILE A 206 -33.13 -3.24 -31.55
C ILE A 206 -33.60 -4.20 -30.47
N ASP A 207 -33.37 -3.85 -29.19
CA ASP A 207 -33.66 -4.78 -28.11
C ASP A 207 -35.16 -5.03 -27.94
N ILE A 208 -36.00 -4.03 -28.18
CA ILE A 208 -37.43 -4.16 -27.94
C ILE A 208 -38.22 -4.33 -29.24
N LEU A 209 -37.57 -4.84 -30.29
CA LEU A 209 -38.22 -5.12 -31.56
C LEU A 209 -38.60 -6.59 -31.61
N LYS A 210 -39.85 -6.88 -31.96
CA LYS A 210 -40.30 -8.26 -32.02
C LYS A 210 -39.57 -9.01 -33.13
N GLN A 211 -39.55 -10.34 -33.00
CA GLN A 211 -39.11 -11.18 -34.09
C GLN A 211 -39.93 -10.88 -35.34
N GLY A 212 -39.24 -10.66 -36.46
CA GLY A 212 -39.91 -10.28 -37.68
C GLY A 212 -40.38 -8.85 -37.74
N GLY A 213 -40.02 -8.02 -36.74
CA GLY A 213 -40.41 -6.63 -36.76
C GLY A 213 -39.56 -5.80 -37.70
N ILE A 214 -39.96 -4.55 -37.87
CA ILE A 214 -39.27 -3.61 -38.76
C ILE A 214 -39.06 -2.29 -38.02
N GLY A 215 -37.85 -1.77 -38.09
CA GLY A 215 -37.53 -0.45 -37.56
C GLY A 215 -36.96 0.44 -38.64
N SER A 216 -37.33 1.71 -38.61
CA SER A 216 -36.86 2.70 -39.58
C SER A 216 -36.72 4.04 -38.86
N VAL A 217 -35.50 4.61 -38.87
CA VAL A 217 -35.20 5.82 -38.13
C VAL A 217 -34.27 6.71 -38.94
N ILE A 218 -34.23 7.99 -38.58
CA ILE A 218 -33.30 8.96 -39.14
C ILE A 218 -32.36 9.42 -38.04
N THR A 219 -31.05 9.24 -38.28
CA THR A 219 -30.04 9.59 -37.28
C THR A 219 -28.93 10.37 -37.96
N PRO A 220 -27.89 10.82 -37.25
CA PRO A 220 -26.70 11.27 -37.94
C PRO A 220 -26.06 10.12 -38.70
N ARG A 221 -25.34 10.47 -39.76
CA ARG A 221 -24.67 9.48 -40.58
C ARG A 221 -23.32 9.07 -40.03
N TYR A 222 -22.79 9.79 -39.04
CA TYR A 222 -21.37 9.68 -38.68
C TYR A 222 -21.02 8.29 -38.14
N PHE A 223 -21.97 7.57 -37.56
CA PHE A 223 -21.67 6.25 -37.02
C PHE A 223 -21.34 5.23 -38.11
N LEU A 224 -21.64 5.53 -39.37
CA LEU A 224 -21.33 4.61 -40.46
C LEU A 224 -19.84 4.45 -40.65
N GLU A 225 -19.05 5.48 -40.35
CA GLU A 225 -17.61 5.45 -40.57
C GLU A 225 -16.78 5.79 -39.34
N SER A 226 -17.37 6.41 -38.32
CA SER A 226 -16.57 6.96 -37.23
C SER A 226 -15.96 5.84 -36.38
N LEU A 227 -14.84 6.18 -35.74
CA LEU A 227 -14.18 5.25 -34.83
C LEU A 227 -15.05 4.92 -33.62
N SER A 228 -15.79 5.92 -33.11
CA SER A 228 -16.69 5.68 -31.99
C SER A 228 -17.83 4.74 -32.34
N GLY A 229 -18.18 4.62 -33.62
CA GLY A 229 -19.28 3.80 -34.02
C GLY A 229 -18.98 2.33 -34.26
N LYS A 230 -17.76 1.87 -33.96
CA LYS A 230 -17.39 0.49 -34.28
C LYS A 230 -18.26 -0.50 -33.53
N ASP A 231 -18.41 -0.31 -32.22
CA ASP A 231 -19.22 -1.22 -31.42
C ASP A 231 -20.68 -1.20 -31.86
N LEU A 232 -21.21 0.00 -32.17
CA LEU A 232 -22.58 0.12 -32.65
C LEU A 232 -22.76 -0.61 -33.98
N ARG A 233 -21.80 -0.43 -34.90
CA ARG A 233 -21.90 -1.12 -36.19
C ARG A 233 -21.88 -2.63 -36.00
N GLU A 234 -21.03 -3.13 -35.11
CA GLU A 234 -21.02 -4.57 -34.83
C GLU A 234 -22.37 -5.03 -34.31
N TYR A 235 -22.94 -4.28 -33.36
CA TYR A 235 -24.23 -4.66 -32.77
C TYR A 235 -25.31 -4.74 -33.84
N ILE A 236 -25.42 -3.69 -34.67
CA ILE A 236 -26.44 -3.68 -35.71
C ILE A 236 -26.23 -4.83 -36.69
N LYS A 237 -24.99 -5.01 -37.15
CA LYS A 237 -24.69 -6.06 -38.10
C LYS A 237 -25.08 -7.43 -37.56
N SER A 238 -24.79 -7.70 -36.30
CA SER A 238 -24.97 -9.03 -35.75
C SER A 238 -26.31 -9.26 -35.06
N ASN A 239 -27.20 -8.26 -35.01
CA ASN A 239 -28.50 -8.51 -34.37
C ASN A 239 -29.71 -8.22 -35.23
N VAL A 240 -29.59 -7.48 -36.33
CA VAL A 240 -30.71 -7.23 -37.24
C VAL A 240 -30.22 -7.41 -38.67
N ASN A 241 -31.18 -7.60 -39.58
CA ASN A 241 -30.92 -7.56 -41.01
C ASN A 241 -31.14 -6.13 -41.49
N VAL A 242 -30.07 -5.48 -41.95
CA VAL A 242 -30.18 -4.12 -42.45
C VAL A 242 -30.82 -4.18 -43.83
N GLN A 243 -32.00 -3.57 -43.96
CA GLN A 243 -32.68 -3.54 -45.25
C GLN A 243 -32.14 -2.42 -46.13
N GLU A 244 -32.10 -1.20 -45.62
CA GLU A 244 -31.85 -0.06 -46.48
C GLU A 244 -31.14 1.06 -45.72
N ILE A 245 -30.18 1.69 -46.39
CA ILE A 245 -29.47 2.85 -45.89
C ILE A 245 -29.60 3.97 -46.92
N VAL A 246 -30.23 5.07 -46.51
CA VAL A 246 -30.27 6.29 -47.30
C VAL A 246 -29.24 7.25 -46.69
N ASP A 247 -28.24 7.62 -47.48
CA ASP A 247 -27.16 8.49 -47.03
C ASP A 247 -27.30 9.83 -47.73
N PHE A 248 -27.65 10.86 -46.98
CA PHE A 248 -27.81 12.22 -47.51
C PHE A 248 -26.50 12.98 -47.56
N LEU A 249 -25.40 12.41 -47.05
CA LEU A 249 -24.06 13.01 -47.07
C LEU A 249 -24.15 14.41 -46.46
N GLY A 250 -23.60 15.44 -47.10
CA GLY A 250 -23.59 16.78 -46.53
C GLY A 250 -24.86 17.58 -46.72
N ALA A 251 -25.86 17.04 -47.42
CA ALA A 251 -27.09 17.77 -47.65
C ALA A 251 -27.73 18.16 -46.32
N ASN A 252 -28.29 19.37 -46.27
CA ASN A 252 -28.84 19.92 -45.04
C ASN A 252 -30.32 19.57 -44.97
N ILE A 253 -30.63 18.50 -44.24
CA ILE A 253 -32.02 18.04 -44.10
C ILE A 253 -32.77 18.90 -43.11
N PHE A 254 -32.16 19.16 -41.95
CA PHE A 254 -32.78 19.94 -40.90
C PHE A 254 -32.34 21.40 -41.07
N LYS A 255 -33.29 22.27 -41.39
CA LYS A 255 -32.98 23.67 -41.61
C LYS A 255 -32.35 24.29 -40.36
N ASN A 256 -31.27 25.05 -40.56
CA ASN A 256 -30.58 25.76 -39.49
C ASN A 256 -29.99 24.80 -38.45
N ILE A 257 -29.70 23.56 -38.84
CA ILE A 257 -29.07 22.58 -37.97
C ILE A 257 -27.82 22.06 -38.66
N GLY A 258 -26.69 22.12 -37.95
CA GLY A 258 -25.44 21.62 -38.49
C GLY A 258 -25.24 20.13 -38.24
N VAL A 259 -25.99 19.29 -38.94
CA VAL A 259 -25.89 17.84 -38.80
C VAL A 259 -26.12 17.19 -40.16
N SER A 260 -25.49 16.05 -40.37
CA SER A 260 -25.60 15.28 -41.60
C SER A 260 -26.31 13.97 -41.30
N SER A 261 -27.33 13.66 -42.08
CA SER A 261 -28.32 12.66 -41.69
C SER A 261 -28.28 11.43 -42.59
N CYS A 262 -28.85 10.35 -42.07
CA CYS A 262 -29.12 9.15 -42.83
C CYS A 262 -30.38 8.50 -42.28
N ILE A 263 -30.98 7.65 -43.11
CA ILE A 263 -32.14 6.85 -42.73
C ILE A 263 -31.73 5.38 -42.77
N LEU A 264 -31.95 4.68 -41.66
CA LEU A 264 -31.65 3.27 -41.53
C LEU A 264 -32.95 2.49 -41.38
N THR A 265 -33.08 1.41 -42.15
CA THR A 265 -34.22 0.49 -42.05
C THR A 265 -33.70 -0.93 -41.92
N PHE A 266 -34.16 -1.62 -40.88
CA PHE A 266 -33.69 -2.95 -40.49
C PHE A 266 -34.87 -3.78 -40.02
N ASP A 267 -34.67 -5.11 -39.98
CA ASP A 267 -35.73 -6.02 -39.55
C ASP A 267 -35.12 -7.20 -38.81
N LYS A 268 -36.00 -8.01 -38.20
CA LYS A 268 -35.59 -9.24 -37.55
C LYS A 268 -36.28 -10.44 -38.19
N LYS A 269 -36.31 -10.47 -39.52
CA LYS A 269 -37.03 -11.51 -40.24
C LYS A 269 -36.09 -12.64 -40.62
N LYS A 270 -36.58 -13.88 -40.45
CA LYS A 270 -35.83 -15.05 -40.86
C LYS A 270 -35.75 -15.09 -42.38
N THR A 271 -34.58 -14.77 -42.92
CA THR A 271 -34.37 -14.78 -44.36
C THR A 271 -32.91 -15.09 -44.65
N LYS A 272 -32.69 -15.94 -45.66
CA LYS A 272 -31.33 -16.19 -46.13
C LYS A 272 -30.77 -15.02 -46.92
N GLU A 273 -31.61 -14.05 -47.27
CA GLU A 273 -31.15 -12.85 -47.96
C GLU A 273 -30.39 -11.95 -46.98
N THR A 274 -29.22 -11.48 -47.40
CA THR A 274 -28.36 -10.66 -46.54
C THR A 274 -27.80 -9.47 -47.33
N TYR A 275 -28.62 -8.86 -48.17
CA TYR A 275 -28.19 -7.75 -49.00
C TYR A 275 -28.90 -6.46 -48.62
N ILE A 276 -28.15 -5.36 -48.66
CA ILE A 276 -28.61 -4.03 -48.27
C ILE A 276 -28.73 -3.17 -49.52
N ASP A 277 -29.85 -2.44 -49.61
CA ASP A 277 -30.04 -1.38 -50.59
C ASP A 277 -29.44 -0.09 -50.04
N VAL A 278 -28.43 0.44 -50.71
CA VAL A 278 -27.82 1.71 -50.34
C VAL A 278 -28.17 2.75 -51.39
N PHE A 279 -28.80 3.83 -50.94
CA PHE A 279 -29.06 5.02 -51.74
C PHE A 279 -28.15 6.12 -51.23
N LYS A 280 -27.19 6.52 -52.06
CA LYS A 280 -26.24 7.58 -51.72
C LYS A 280 -26.50 8.78 -52.62
N ILE A 281 -26.64 9.95 -52.00
CA ILE A 281 -26.95 11.16 -52.77
C ILE A 281 -25.77 11.52 -53.65
N LYS A 282 -26.07 12.14 -54.80
CA LYS A 282 -25.05 12.55 -55.75
C LYS A 282 -24.82 14.06 -55.78
N ASN A 283 -25.83 14.86 -55.45
CA ASN A 283 -25.72 16.31 -55.46
C ASN A 283 -26.21 16.83 -54.11
N GLU A 284 -25.27 17.29 -53.28
CA GLU A 284 -25.62 17.75 -51.94
C GLU A 284 -26.35 19.08 -51.93
N ASP A 285 -26.43 19.77 -53.06
CA ASP A 285 -27.10 21.06 -53.14
C ASP A 285 -28.60 20.94 -53.35
N ILE A 286 -29.13 19.72 -53.47
CA ILE A 286 -30.56 19.56 -53.78
C ILE A 286 -31.40 19.99 -52.58
N CYS A 287 -32.60 20.49 -52.86
CA CYS A 287 -33.59 20.74 -51.83
C CYS A 287 -34.50 19.52 -51.71
N ILE A 288 -34.87 19.21 -50.46
CA ILE A 288 -35.52 17.93 -50.16
C ILE A 288 -36.93 17.83 -50.71
N ASN A 289 -37.51 18.93 -51.21
CA ASN A 289 -38.91 18.97 -51.60
C ASN A 289 -39.11 19.02 -53.12
N LYS A 290 -38.17 18.45 -53.88
CA LYS A 290 -38.27 18.50 -55.34
C LYS A 290 -39.51 17.78 -55.84
N PHE A 291 -39.78 16.59 -55.32
CA PHE A 291 -40.97 15.83 -55.66
C PHE A 291 -41.90 15.75 -54.46
N GLU A 292 -43.08 15.18 -54.68
CA GLU A 292 -44.04 15.01 -53.60
C GLU A 292 -43.58 13.96 -52.59
N THR A 293 -42.74 13.02 -52.99
CA THR A 293 -42.33 11.91 -52.14
C THR A 293 -40.83 11.73 -52.20
N LEU A 294 -40.27 11.15 -51.13
CA LEU A 294 -38.84 10.87 -51.10
C LEU A 294 -38.45 9.76 -52.06
N GLU A 295 -39.35 8.78 -52.27
CA GLU A 295 -39.03 7.67 -53.16
C GLU A 295 -38.84 8.12 -54.60
N GLU A 296 -39.57 9.16 -55.01
CA GLU A 296 -39.33 9.76 -56.32
C GLU A 296 -37.91 10.30 -56.40
N LEU A 297 -37.43 10.94 -55.34
CA LEU A 297 -36.05 11.44 -55.32
C LEU A 297 -35.05 10.30 -55.36
N LEU A 298 -35.32 9.23 -54.61
CA LEU A 298 -34.38 8.10 -54.57
C LEU A 298 -34.27 7.41 -55.92
N LYS A 299 -35.39 7.25 -56.61
CA LYS A 299 -35.31 6.59 -57.92
C LYS A 299 -34.67 7.45 -58.99
N SER A 300 -34.49 8.75 -58.75
CA SER A 300 -34.05 9.67 -59.78
C SER A 300 -32.53 9.64 -59.95
N SER A 301 -32.03 10.53 -60.81
CA SER A 301 -30.59 10.70 -61.01
C SER A 301 -29.92 11.42 -59.85
N LYS A 302 -30.69 12.01 -58.93
CA LYS A 302 -30.10 12.71 -57.80
C LYS A 302 -29.40 11.74 -56.85
N PHE A 303 -29.83 10.48 -56.82
CA PHE A 303 -29.22 9.44 -56.00
C PHE A 303 -28.64 8.35 -56.88
N GLU A 304 -27.60 7.69 -56.37
CA GLU A 304 -27.14 6.43 -56.93
C GLU A 304 -27.51 5.30 -55.98
N HIS A 305 -27.79 4.14 -56.54
CA HIS A 305 -28.20 2.97 -55.77
C HIS A 305 -27.26 1.82 -56.02
N PHE A 306 -26.92 1.09 -54.97
CA PHE A 306 -26.13 -0.12 -55.12
C PHE A 306 -26.44 -1.05 -53.96
N ASN A 307 -25.89 -2.26 -54.02
CA ASN A 307 -26.18 -3.29 -53.03
C ASN A 307 -24.91 -3.69 -52.29
N ILE A 308 -25.05 -3.93 -50.98
CA ILE A 308 -23.91 -4.34 -50.15
C ILE A 308 -24.28 -5.61 -49.41
N ASN A 309 -23.40 -6.62 -49.49
CA ASN A 309 -23.62 -7.88 -48.80
C ASN A 309 -23.30 -7.70 -47.31
N GLN A 310 -24.31 -7.88 -46.46
CA GLN A 310 -24.12 -7.66 -45.03
C GLN A 310 -23.12 -8.65 -44.44
N ARG A 311 -23.05 -9.86 -44.98
CA ARG A 311 -22.10 -10.84 -44.46
C ARG A 311 -20.65 -10.49 -44.81
N LEU A 312 -20.44 -9.62 -45.79
CA LEU A 312 -19.11 -9.20 -46.17
C LEU A 312 -18.69 -7.90 -45.49
N LEU A 313 -19.43 -7.46 -44.48
CA LEU A 313 -19.05 -6.28 -43.71
C LEU A 313 -17.98 -6.64 -42.69
N SER A 314 -16.91 -5.84 -42.66
CA SER A 314 -15.89 -5.95 -41.64
C SER A 314 -16.23 -4.99 -40.50
N ASP A 315 -15.26 -4.71 -39.62
CA ASP A 315 -15.46 -3.66 -38.62
C ASP A 315 -15.84 -2.33 -39.27
N GLU A 316 -15.31 -2.07 -40.46
CA GLU A 316 -15.72 -0.93 -41.26
C GLU A 316 -16.81 -1.33 -42.25
N TRP A 317 -17.63 -0.36 -42.62
CA TRP A 317 -18.71 -0.55 -43.58
C TRP A 317 -18.36 0.19 -44.86
N ILE A 318 -17.72 -0.51 -45.80
CA ILE A 318 -17.28 0.09 -47.05
C ILE A 318 -18.47 0.04 -48.01
N LEU A 319 -19.23 1.14 -48.02
CA LEU A 319 -20.47 1.23 -48.81
C LEU A 319 -20.17 2.01 -50.09
N VAL A 320 -19.69 1.28 -51.10
CA VAL A 320 -19.35 1.84 -52.40
C VAL A 320 -19.90 0.93 -53.48
N ASN A 321 -19.97 1.46 -54.71
CA ASN A 321 -20.42 0.69 -55.85
C ASN A 321 -19.27 -0.19 -56.36
N LYS A 322 -19.58 -1.01 -57.37
CA LYS A 322 -18.62 -2.00 -57.84
C LYS A 322 -17.39 -1.37 -58.47
N ASP A 323 -17.56 -0.25 -59.18
CA ASP A 323 -16.40 0.47 -59.72
C ASP A 323 -15.47 0.92 -58.58
N ASP A 324 -16.04 1.54 -57.55
CA ASP A 324 -15.23 2.01 -56.44
C ASP A 324 -14.70 0.85 -55.60
N GLU A 325 -15.47 -0.23 -55.49
CA GLU A 325 -14.96 -1.40 -54.76
C GLU A 325 -13.74 -1.99 -55.47
N THR A 326 -13.80 -2.09 -56.80
CA THR A 326 -12.66 -2.59 -57.57
C THR A 326 -11.47 -1.64 -57.43
N PHE A 327 -11.72 -0.33 -57.51
CA PHE A 327 -10.67 0.68 -57.35
C PHE A 327 -9.98 0.54 -56.00
N TYR A 328 -10.78 0.52 -54.92
CA TYR A 328 -10.26 0.42 -53.57
C TYR A 328 -9.49 -0.87 -53.34
N ASN A 329 -10.03 -1.99 -53.83
CA ASN A 329 -9.37 -3.28 -53.62
C ASN A 329 -8.08 -3.39 -54.40
N LYS A 330 -8.03 -2.85 -55.62
CA LYS A 330 -6.76 -2.76 -56.34
C LYS A 330 -5.73 -2.02 -55.51
N ILE A 331 -6.09 -0.84 -54.99
CA ILE A 331 -5.11 -0.07 -54.22
C ILE A 331 -4.68 -0.83 -52.98
N GLN A 332 -5.63 -1.43 -52.26
CA GLN A 332 -5.28 -2.14 -51.02
C GLN A 332 -4.36 -3.32 -51.31
N GLU A 333 -4.63 -4.05 -52.40
CA GLU A 333 -3.80 -5.21 -52.73
C GLU A 333 -2.40 -4.78 -53.16
N LYS A 334 -2.28 -3.69 -53.92
CA LYS A 334 -0.97 -3.34 -54.48
C LYS A 334 -0.03 -2.79 -53.41
N CYS A 335 -0.53 -1.93 -52.53
CA CYS A 335 0.32 -1.23 -51.58
C CYS A 335 0.73 -2.14 -50.43
N LYS A 336 2.04 -2.25 -50.18
CA LYS A 336 2.57 -3.13 -49.16
C LYS A 336 2.85 -2.43 -47.83
N TYR A 337 2.61 -1.13 -47.75
CA TYR A 337 2.83 -0.37 -46.52
C TYR A 337 1.62 0.51 -46.24
N SER A 338 1.58 1.02 -45.01
CA SER A 338 0.62 2.04 -44.60
C SER A 338 1.39 3.18 -43.95
N LEU A 339 0.74 4.35 -43.89
CA LEU A 339 1.34 5.49 -43.22
C LEU A 339 1.68 5.17 -41.77
N GLU A 340 0.83 4.37 -41.10
CA GLU A 340 1.11 3.94 -39.74
C GLU A 340 2.38 3.12 -39.67
N ASP A 341 2.64 2.30 -40.69
CA ASP A 341 3.84 1.48 -40.71
C ASP A 341 5.10 2.33 -40.72
N ILE A 342 5.11 3.40 -41.50
CA ILE A 342 6.32 4.16 -41.80
C ILE A 342 6.43 5.47 -41.05
N ALA A 343 5.38 5.92 -40.39
CA ALA A 343 5.37 7.27 -39.85
C ALA A 343 4.97 7.28 -38.38
N ILE A 344 5.22 8.42 -37.75
CA ILE A 344 4.80 8.73 -36.40
C ILE A 344 3.87 9.92 -36.48
N SER A 345 2.69 9.78 -35.90
CA SER A 345 1.61 10.75 -36.01
C SER A 345 1.34 11.41 -34.67
N PHE A 346 0.95 12.68 -34.70
CA PHE A 346 0.56 13.35 -33.48
C PHE A 346 -0.37 14.52 -33.77
N GLN A 347 -1.22 14.79 -32.76
CA GLN A 347 -2.15 15.90 -32.75
C GLN A 347 -1.46 17.15 -32.24
N GLY A 348 -1.93 18.31 -32.71
CA GLY A 348 -1.29 19.57 -32.41
C GLY A 348 -1.51 20.03 -30.99
N ILE A 349 -0.98 21.21 -30.71
CA ILE A 349 -1.09 21.80 -29.38
C ILE A 349 -2.55 22.07 -29.03
N ILE A 350 -2.92 21.78 -27.80
CA ILE A 350 -4.21 22.19 -27.25
C ILE A 350 -3.90 23.10 -26.07
N THR A 351 -4.00 24.41 -26.29
CA THR A 351 -3.68 25.37 -25.24
C THR A 351 -4.73 25.38 -24.13
N GLY A 352 -5.99 25.11 -24.47
CA GLY A 352 -7.08 25.23 -23.54
C GLY A 352 -7.71 26.60 -23.50
N CYS A 353 -6.99 27.64 -23.94
CA CYS A 353 -7.57 28.96 -24.15
C CYS A 353 -6.66 29.67 -25.15
N ASP A 354 -7.08 29.69 -26.43
CA ASP A 354 -6.21 30.20 -27.49
C ASP A 354 -5.92 31.68 -27.31
N LYS A 355 -6.92 32.46 -26.89
CA LYS A 355 -6.76 33.92 -26.80
C LYS A 355 -5.68 34.30 -25.80
N ALA A 356 -5.41 33.45 -24.81
CA ALA A 356 -4.39 33.77 -23.81
C ALA A 356 -2.98 33.58 -24.34
N PHE A 357 -2.77 32.64 -25.25
CA PHE A 357 -1.43 32.26 -25.67
C PHE A 357 -1.09 32.57 -27.13
N ILE A 358 -2.06 32.95 -27.95
CA ILE A 358 -1.84 33.15 -29.39
C ILE A 358 -1.95 34.64 -29.68
N LEU A 359 -0.91 35.21 -30.28
CA LEU A 359 -0.90 36.63 -30.60
C LEU A 359 -0.47 36.86 -32.05
N SER A 360 -0.99 37.92 -32.65
CA SER A 360 -0.54 38.31 -33.97
C SER A 360 0.95 38.67 -33.93
N LYS A 361 1.68 38.32 -34.98
CA LYS A 361 3.11 38.57 -34.99
C LYS A 361 3.45 40.05 -35.07
N ASP A 362 2.47 40.91 -35.33
CA ASP A 362 2.66 42.36 -35.26
C ASP A 362 2.08 42.97 -33.99
N ASP A 363 1.69 42.14 -33.02
CA ASP A 363 1.16 42.66 -31.76
C ASP A 363 2.28 43.33 -30.98
N VAL A 364 2.00 44.53 -30.46
CA VAL A 364 3.00 45.26 -29.71
C VAL A 364 3.35 44.51 -28.41
N LYS A 365 2.37 43.83 -27.82
CA LYS A 365 2.60 43.08 -26.59
C LYS A 365 3.67 42.01 -26.76
N LEU A 366 3.91 41.56 -27.98
CA LEU A 366 4.97 40.57 -28.23
C LEU A 366 6.36 41.11 -27.93
N ASN A 367 6.52 42.43 -27.77
CA ASN A 367 7.81 42.93 -27.30
C ASN A 367 8.10 42.52 -25.87
N LEU A 368 7.08 42.16 -25.10
CA LEU A 368 7.28 41.74 -23.72
C LEU A 368 7.78 40.30 -23.60
N VAL A 369 7.69 39.52 -24.66
CA VAL A 369 7.97 38.09 -24.62
C VAL A 369 9.31 37.81 -25.30
N ASP A 370 10.19 37.13 -24.59
CA ASP A 370 11.46 36.70 -25.17
C ASP A 370 11.21 35.74 -26.32
N ASP A 371 12.04 35.83 -27.35
CA ASP A 371 11.86 35.00 -28.54
C ASP A 371 12.11 33.52 -28.29
N LYS A 372 12.75 33.17 -27.18
CA LYS A 372 12.92 31.76 -26.85
C LYS A 372 11.58 31.09 -26.55
N PHE A 373 10.61 31.86 -26.05
CA PHE A 373 9.29 31.33 -25.73
C PHE A 373 8.35 31.29 -26.92
N LEU A 374 8.71 31.91 -28.05
CA LEU A 374 7.78 32.12 -29.15
C LEU A 374 7.93 31.04 -30.22
N LYS A 375 6.79 30.59 -30.73
CA LYS A 375 6.76 29.62 -31.82
C LYS A 375 5.85 30.12 -32.93
N CYS A 376 6.12 29.70 -34.16
CA CYS A 376 5.25 30.04 -35.28
C CYS A 376 3.96 29.23 -35.19
N TRP A 377 2.84 29.87 -35.51
CA TRP A 377 1.52 29.30 -35.31
C TRP A 377 0.72 29.41 -36.59
N ILE A 378 0.17 28.29 -37.05
CA ILE A 378 -0.61 28.24 -38.29
C ILE A 378 -1.97 27.64 -37.98
N LYS A 379 -2.93 27.96 -38.85
CA LYS A 379 -4.27 27.40 -38.80
C LYS A 379 -4.44 26.42 -39.96
N SER A 380 -5.59 25.73 -39.97
CA SER A 380 -5.83 24.74 -41.01
C SER A 380 -5.89 25.38 -42.38
N LYS A 381 -6.45 26.60 -42.48
CA LYS A 381 -6.53 27.28 -43.77
C LYS A 381 -5.15 27.63 -44.31
N ASN A 382 -4.12 27.64 -43.47
CA ASN A 382 -2.76 27.91 -43.94
C ASN A 382 -2.11 26.69 -44.59
N ILE A 383 -2.75 25.53 -44.56
CA ILE A 383 -2.23 24.33 -45.20
C ILE A 383 -2.79 24.27 -46.63
N ASN A 384 -1.89 24.37 -47.60
CA ASN A 384 -2.21 24.09 -49.00
C ASN A 384 -1.58 22.76 -49.37
N LYS A 385 -1.78 22.36 -50.62
CA LYS A 385 -1.06 21.21 -51.13
C LYS A 385 0.42 21.55 -51.26
N TYR A 386 1.26 20.68 -50.70
CA TYR A 386 2.71 20.66 -50.81
C TYR A 386 3.48 21.71 -50.00
N ILE A 387 2.80 22.75 -49.50
CA ILE A 387 3.48 23.82 -48.77
C ILE A 387 2.49 24.52 -47.85
N VAL A 388 3.03 25.20 -46.85
CA VAL A 388 2.26 25.94 -45.85
C VAL A 388 2.44 27.44 -46.10
N ASP A 389 1.36 28.20 -45.92
CA ASP A 389 1.45 29.65 -45.97
C ASP A 389 2.39 30.14 -44.88
N LYS A 390 2.92 31.34 -45.08
CA LYS A 390 3.69 31.99 -44.04
C LYS A 390 2.78 32.27 -42.84
N SER A 391 3.28 31.98 -41.64
CA SER A 391 2.48 32.12 -40.45
C SER A 391 2.33 33.59 -40.06
N GLU A 392 1.16 33.92 -39.53
CA GLU A 392 0.85 35.27 -39.05
C GLU A 392 0.69 35.32 -37.54
N TYR A 393 0.76 34.19 -36.86
CA TYR A 393 0.52 34.12 -35.42
C TYR A 393 1.71 33.48 -34.71
N ARG A 394 1.82 33.82 -33.43
CA ARG A 394 2.85 33.30 -32.55
C ARG A 394 2.20 32.69 -31.33
N LEU A 395 2.75 31.55 -30.91
CA LEU A 395 2.36 30.85 -29.71
C LEU A 395 3.38 31.15 -28.62
N ILE A 396 2.89 31.60 -27.46
CA ILE A 396 3.70 31.73 -26.27
C ILE A 396 3.78 30.35 -25.61
N TYR A 397 4.91 29.68 -25.76
CA TYR A 397 5.09 28.35 -25.16
C TYR A 397 5.37 28.55 -23.67
N SER A 398 4.29 28.80 -22.93
CA SER A 398 4.38 29.20 -21.53
C SER A 398 4.89 28.08 -20.62
N ASN A 399 4.95 26.84 -21.10
CA ASN A 399 5.48 25.75 -20.28
C ASN A 399 6.93 25.97 -19.89
N ASP A 400 7.66 26.81 -20.62
CA ASP A 400 9.05 27.10 -20.32
C ASP A 400 9.22 28.30 -19.40
N ILE A 401 8.12 28.91 -18.94
CA ILE A 401 8.19 29.97 -17.95
C ILE A 401 8.28 29.31 -16.58
N ASP A 402 9.32 29.68 -15.81
CA ASP A 402 9.63 28.95 -14.59
C ASP A 402 8.67 29.31 -13.46
N ASN A 403 8.65 30.57 -13.05
CA ASN A 403 7.78 31.02 -11.96
C ASN A 403 7.25 32.40 -12.28
N GLU A 404 6.30 32.85 -11.45
CA GLU A 404 5.55 34.07 -11.74
C GLU A 404 6.31 35.35 -11.41
N ASN A 405 7.50 35.26 -10.81
CA ASN A 405 8.24 36.45 -10.43
C ASN A 405 9.24 36.88 -11.50
N THR A 406 9.83 35.94 -12.23
CA THR A 406 10.84 36.31 -13.23
C THR A 406 10.21 36.93 -14.47
N ASN A 407 9.05 36.43 -14.89
CA ASN A 407 8.37 36.94 -16.08
C ASN A 407 7.00 37.50 -15.72
N LYS A 408 6.93 38.29 -14.65
CA LYS A 408 5.65 38.80 -14.18
C LYS A 408 4.96 39.64 -15.25
N ARG A 409 5.71 40.32 -16.11
CA ARG A 409 5.10 41.16 -17.14
C ARG A 409 4.28 40.32 -18.11
N ILE A 410 4.82 39.18 -18.55
CA ILE A 410 4.10 38.31 -19.49
C ILE A 410 2.81 37.79 -18.86
N LEU A 411 2.89 37.37 -17.59
CA LEU A 411 1.71 36.80 -16.95
C LEU A 411 0.66 37.86 -16.67
N ASP A 412 1.08 39.03 -16.18
CA ASP A 412 0.13 40.06 -15.77
C ASP A 412 -0.49 40.79 -16.95
N GLU A 413 0.25 40.99 -18.04
CA GLU A 413 -0.23 41.84 -19.11
C GLU A 413 -0.65 41.08 -20.37
N ILE A 414 -0.41 39.77 -20.44
CA ILE A 414 -0.83 39.01 -21.62
C ILE A 414 -1.72 37.84 -21.21
N ILE A 415 -1.16 36.91 -20.44
CA ILE A 415 -1.88 35.67 -20.13
C ILE A 415 -2.93 35.90 -19.04
N GLY A 416 -2.60 36.69 -18.02
CA GLY A 416 -3.50 36.90 -16.90
C GLY A 416 -4.84 37.48 -17.28
N LEU A 417 -4.92 38.15 -18.44
CA LEU A 417 -6.20 38.67 -18.92
C LEU A 417 -7.27 37.59 -19.01
N TYR A 418 -6.88 36.32 -19.05
CA TYR A 418 -7.89 35.27 -19.10
C TYR A 418 -7.73 34.28 -17.95
N LYS A 419 -7.15 34.74 -16.82
CA LYS A 419 -6.79 33.82 -15.76
C LYS A 419 -7.99 33.02 -15.29
N THR A 420 -9.12 33.69 -15.05
CA THR A 420 -10.32 32.95 -14.63
C THR A 420 -10.62 31.82 -15.61
N LYS A 421 -10.71 32.14 -16.91
CA LYS A 421 -10.95 31.08 -17.89
C LYS A 421 -9.88 30.01 -17.85
N LEU A 422 -8.63 30.40 -17.65
CA LEU A 422 -7.58 29.41 -17.53
C LEU A 422 -7.70 28.57 -16.26
N GLU A 423 -8.20 29.16 -15.17
CA GLU A 423 -8.28 28.40 -13.93
C GLU A 423 -9.38 27.34 -13.97
N ASN A 424 -10.33 27.47 -14.88
CA ASN A 424 -11.46 26.55 -14.99
C ASN A 424 -11.15 25.34 -15.87
N ARG A 425 -9.96 25.26 -16.45
CA ARG A 425 -9.58 24.08 -17.21
C ARG A 425 -9.40 22.89 -16.27
N ARG A 426 -9.59 21.68 -16.81
CA ARG A 426 -9.62 20.49 -15.96
C ARG A 426 -8.31 20.28 -15.24
N GLU A 427 -7.18 20.41 -15.95
CA GLU A 427 -5.88 20.16 -15.35
C GLU A 427 -5.45 21.25 -14.38
N CYS A 428 -6.15 22.38 -14.34
CA CYS A 428 -5.89 23.41 -13.34
C CYS A 428 -6.68 23.17 -12.06
N LYS A 429 -7.95 22.77 -12.19
CA LYS A 429 -8.75 22.45 -11.01
C LYS A 429 -8.15 21.28 -10.24
N SER A 430 -7.64 20.28 -10.96
CA SER A 430 -6.95 19.15 -10.33
C SER A 430 -5.55 19.50 -9.86
N GLY A 431 -4.99 20.62 -10.32
CA GLY A 431 -3.66 21.04 -9.92
C GLY A 431 -2.52 20.45 -10.72
N ILE A 432 -2.80 19.73 -11.81
CA ILE A 432 -1.72 19.16 -12.60
C ILE A 432 -0.97 20.25 -13.35
N ARG A 433 -1.69 21.24 -13.88
CA ARG A 433 -1.10 22.35 -14.62
C ARG A 433 -1.21 23.64 -13.82
N LYS A 434 -0.19 24.48 -13.93
CA LYS A 434 -0.29 25.83 -13.41
C LYS A 434 -1.23 26.65 -14.30
N TRP A 435 -1.77 27.73 -13.73
CA TRP A 435 -2.83 28.47 -14.41
C TRP A 435 -2.37 29.06 -15.73
N TYR A 436 -1.08 29.36 -15.86
CA TYR A 436 -0.54 29.95 -17.09
C TYR A 436 0.06 28.94 -18.05
N GLU A 437 0.03 27.65 -17.71
CA GLU A 437 0.62 26.64 -18.57
C GLU A 437 -0.37 26.19 -19.65
N LEU A 438 0.18 25.78 -20.80
CA LEU A 438 -0.64 25.18 -21.83
C LEU A 438 -1.26 23.89 -21.32
N GLN A 439 -2.54 23.68 -21.64
CA GLN A 439 -3.23 22.48 -21.16
C GLN A 439 -2.57 21.22 -21.71
N TRP A 440 -2.37 21.18 -23.03
CA TRP A 440 -1.66 20.07 -23.68
C TRP A 440 -0.59 20.67 -24.57
N GLY A 441 0.60 20.88 -24.02
CA GLY A 441 1.72 21.43 -24.74
C GLY A 441 2.50 20.44 -25.56
N ARG A 442 2.11 19.17 -25.53
CA ARG A 442 2.70 18.10 -26.36
C ARG A 442 4.21 18.06 -26.10
N GLU A 443 5.01 17.80 -27.13
CA GLU A 443 6.46 17.75 -27.03
C GLU A 443 7.04 18.63 -28.13
N LYS A 444 7.87 19.60 -27.74
CA LYS A 444 8.39 20.57 -28.69
C LYS A 444 9.18 19.88 -29.81
N LEU A 445 10.01 18.90 -29.45
CA LEU A 445 10.90 18.28 -30.42
C LEU A 445 10.14 17.65 -31.58
N PHE A 446 8.90 17.21 -31.33
CA PHE A 446 8.10 16.65 -32.42
C PHE A 446 7.76 17.69 -33.47
N PHE A 447 7.57 18.94 -33.06
CA PHE A 447 7.20 20.00 -34.00
C PHE A 447 8.39 20.67 -34.67
N GLU A 448 9.53 20.76 -33.98
CA GLU A 448 10.68 21.48 -34.50
C GLU A 448 11.58 20.56 -35.35
N ARG A 449 10.96 20.06 -36.42
CA ARG A 449 11.63 19.14 -37.34
C ARG A 449 10.88 19.16 -38.66
N LYS A 450 11.53 18.65 -39.70
CA LYS A 450 10.86 18.47 -40.97
C LYS A 450 9.75 17.43 -40.82
N LYS A 451 8.55 17.76 -41.29
CA LYS A 451 7.39 16.92 -41.07
C LYS A 451 6.33 17.29 -42.11
N ILE A 452 5.24 16.51 -42.11
CA ILE A 452 4.12 16.74 -43.00
C ILE A 452 2.92 17.14 -42.15
N MET A 453 2.13 18.09 -42.65
CA MET A 453 0.97 18.60 -41.95
C MET A 453 -0.25 18.57 -42.85
N TYR A 454 -1.41 18.39 -42.24
CA TYR A 454 -2.65 18.42 -43.02
C TYR A 454 -3.80 18.89 -42.14
N PRO A 455 -4.77 19.60 -42.72
CA PRO A 455 -5.89 20.10 -41.92
C PRO A 455 -6.79 18.96 -41.45
N TYR A 456 -7.45 19.19 -40.30
CA TYR A 456 -8.28 18.14 -39.73
C TYR A 456 -9.63 18.01 -40.42
N LYS A 457 -10.06 19.03 -41.17
CA LYS A 457 -11.33 19.00 -41.88
C LYS A 457 -11.14 19.75 -43.19
N SER A 458 -11.39 19.08 -44.32
CA SER A 458 -11.13 19.69 -45.61
C SER A 458 -11.99 19.03 -46.68
N ASN A 459 -12.11 19.73 -47.82
CA ASN A 459 -12.82 19.21 -48.97
C ASN A 459 -11.96 18.33 -49.86
N GLU A 460 -10.64 18.33 -49.65
CA GLU A 460 -9.72 17.59 -50.50
C GLU A 460 -8.44 17.33 -49.72
N ASN A 461 -7.64 16.39 -50.24
CA ASN A 461 -6.35 16.12 -49.63
C ASN A 461 -5.44 17.34 -49.73
N ARG A 462 -4.89 17.75 -48.60
CA ARG A 462 -3.93 18.86 -48.53
CA ARG A 462 -3.93 18.86 -48.54
C ARG A 462 -2.83 18.45 -47.56
N PHE A 463 -1.78 17.83 -48.09
CA PHE A 463 -0.63 17.41 -47.30
C PHE A 463 0.54 18.29 -47.70
N ALA A 464 1.12 18.99 -46.72
CA ALA A 464 2.22 19.89 -46.97
C ALA A 464 3.46 19.43 -46.22
N ILE A 465 4.62 19.75 -46.78
CA ILE A 465 5.88 19.63 -46.06
C ILE A 465 6.10 20.95 -45.31
N ASP A 466 6.27 20.86 -44.00
CA ASP A 466 6.57 22.03 -43.18
C ASP A 466 8.09 22.14 -43.03
N TYR A 467 8.63 23.27 -43.44
CA TYR A 467 10.06 23.54 -43.35
C TYR A 467 10.41 24.47 -42.20
N ASP A 468 9.43 25.07 -41.53
CA ASP A 468 9.66 26.21 -40.66
C ASP A 468 9.38 25.92 -39.19
N ASN A 469 9.37 24.66 -38.78
CA ASN A 469 9.07 24.27 -37.40
C ASN A 469 7.77 24.92 -36.92
N ASN A 470 6.71 24.70 -37.69
CA ASN A 470 5.44 25.34 -37.41
C ASN A 470 4.68 24.58 -36.32
N PHE A 471 4.18 25.32 -35.34
CA PHE A 471 3.24 24.80 -34.37
C PHE A 471 1.82 25.10 -34.83
N SER A 472 0.87 24.32 -34.33
CA SER A 472 -0.53 24.50 -34.69
C SER A 472 -1.40 23.91 -33.61
N SER A 473 -2.68 24.23 -33.66
CA SER A 473 -3.65 23.66 -32.73
C SER A 473 -4.08 22.28 -33.24
N ALA A 474 -5.13 21.72 -32.64
CA ALA A 474 -5.60 20.41 -33.06
C ALA A 474 -6.34 20.45 -34.38
N ASP A 475 -6.57 21.63 -34.96
CA ASP A 475 -7.16 21.71 -36.30
C ASP A 475 -6.18 21.32 -37.39
N VAL A 476 -4.92 21.06 -37.04
CA VAL A 476 -3.92 20.55 -37.97
C VAL A 476 -3.28 19.32 -37.35
N TYR A 477 -3.05 18.29 -38.14
CA TYR A 477 -2.36 17.10 -37.67
C TYR A 477 -0.99 17.01 -38.33
N SER A 478 -0.06 16.33 -37.64
CA SER A 478 1.29 16.21 -38.18
C SER A 478 1.78 14.77 -38.12
N PHE A 479 2.67 14.42 -39.05
CA PHE A 479 3.40 13.17 -38.95
C PHE A 479 4.79 13.33 -39.55
N PHE A 480 5.71 12.49 -39.09
CA PHE A 480 7.05 12.44 -39.67
C PHE A 480 7.45 10.99 -39.91
N ILE A 481 8.38 10.80 -40.83
CA ILE A 481 8.79 9.45 -41.22
C ILE A 481 9.68 8.86 -40.14
N LYS A 482 9.51 7.57 -39.86
CA LYS A 482 10.43 6.88 -38.99
C LYS A 482 11.82 6.84 -39.60
N GLU A 483 12.85 6.77 -38.75
CA GLU A 483 14.22 6.79 -39.23
C GLU A 483 14.51 5.62 -40.16
N GLU A 484 13.99 4.43 -39.82
CA GLU A 484 14.29 3.22 -40.59
C GLU A 484 13.59 3.18 -41.95
N TYR A 485 12.65 4.08 -42.22
CA TYR A 485 11.99 4.13 -43.52
C TYR A 485 12.36 5.35 -44.34
N LEU A 486 13.40 6.09 -43.92
CA LEU A 486 13.80 7.27 -44.67
C LEU A 486 14.42 6.90 -46.01
N ASP A 487 15.17 5.79 -46.05
CA ASP A 487 15.79 5.37 -47.31
C ASP A 487 14.78 4.79 -48.29
N LYS A 488 13.58 4.45 -47.82
CA LYS A 488 12.54 3.94 -48.71
C LYS A 488 11.57 5.04 -49.15
N PHE A 489 11.21 5.95 -48.26
CA PHE A 489 10.25 6.98 -48.58
C PHE A 489 10.79 8.35 -48.16
N SER A 490 10.59 9.32 -49.04
CA SER A 490 10.94 10.72 -48.79
C SER A 490 9.66 11.53 -48.62
N TYR A 491 9.80 12.69 -47.98
CA TYR A 491 8.66 13.56 -47.79
C TYR A 491 8.11 14.04 -49.12
N GLU A 492 9.01 14.32 -50.07
CA GLU A 492 8.57 14.80 -51.38
C GLU A 492 7.72 13.74 -52.09
N TYR A 493 8.15 12.48 -52.07
CA TYR A 493 7.38 11.41 -52.70
C TYR A 493 6.01 11.24 -52.04
N LEU A 494 5.98 11.27 -50.70
CA LEU A 494 4.74 11.07 -49.98
C LEU A 494 3.74 12.17 -50.29
N VAL A 495 4.16 13.43 -50.20
CA VAL A 495 3.24 14.51 -50.57
C VAL A 495 2.89 14.45 -52.04
N GLY A 496 3.75 13.88 -52.88
CA GLY A 496 3.36 13.67 -54.26
C GLY A 496 2.15 12.78 -54.38
N ILE A 497 2.21 11.56 -53.84
CA ILE A 497 1.10 10.64 -54.08
C ILE A 497 -0.12 11.01 -53.25
N LEU A 498 0.08 11.49 -52.02
CA LEU A 498 -1.04 11.79 -51.14
C LEU A 498 -1.90 12.92 -51.65
N ASN A 499 -1.31 13.84 -52.43
CA ASN A 499 -2.05 14.94 -53.02
C ASN A 499 -2.60 14.63 -54.40
N SER A 500 -2.38 13.42 -54.90
CA SER A 500 -2.85 13.05 -56.23
C SER A 500 -4.36 12.83 -56.23
N SER A 501 -4.95 12.96 -57.43
CA SER A 501 -6.38 12.71 -57.58
C SER A 501 -6.73 11.28 -57.20
N VAL A 502 -5.86 10.32 -57.55
CA VAL A 502 -6.06 8.93 -57.17
C VAL A 502 -6.27 8.83 -55.66
N TYR A 503 -5.38 9.45 -54.89
CA TYR A 503 -5.47 9.33 -53.45
C TYR A 503 -6.56 10.19 -52.83
N ASP A 504 -6.97 11.28 -53.49
CA ASP A 504 -8.16 11.99 -53.01
C ASP A 504 -9.37 11.07 -53.06
N LYS A 505 -9.61 10.44 -54.22
CA LYS A 505 -10.72 9.49 -54.31
C LYS A 505 -10.55 8.33 -53.33
N TYR A 506 -9.33 7.77 -53.27
CA TYR A 506 -9.06 6.60 -52.46
C TYR A 506 -9.30 6.87 -50.97
N PHE A 507 -8.85 8.02 -50.47
CA PHE A 507 -9.12 8.36 -49.08
C PHE A 507 -10.60 8.64 -48.85
N LYS A 508 -11.26 9.37 -49.77
CA LYS A 508 -12.64 9.72 -49.49
C LYS A 508 -13.57 8.52 -49.55
N ILE A 509 -13.14 7.39 -50.13
CA ILE A 509 -14.00 6.21 -50.15
C ILE A 509 -14.37 5.77 -48.73
N THR A 510 -13.41 5.80 -47.80
CA THR A 510 -13.64 5.33 -46.44
C THR A 510 -13.65 6.44 -45.40
N ALA A 511 -13.48 7.69 -45.81
CA ALA A 511 -13.36 8.80 -44.87
C ALA A 511 -14.71 9.11 -44.24
N LYS A 512 -14.68 9.99 -43.24
CA LYS A 512 -15.84 10.37 -42.46
C LYS A 512 -16.38 11.70 -42.97
N LYS A 513 -17.54 11.66 -43.62
CA LYS A 513 -18.14 12.85 -44.22
C LYS A 513 -18.87 13.64 -43.14
N MET A 514 -18.48 14.91 -42.93
CA MET A 514 -18.99 15.69 -41.82
C MET A 514 -20.10 16.65 -42.23
N SER A 515 -19.81 17.55 -43.17
CA SER A 515 -20.82 18.46 -43.70
C SER A 515 -20.48 18.68 -45.18
N LYS A 516 -21.29 19.52 -45.83
CA LYS A 516 -21.16 19.72 -47.27
C LYS A 516 -19.73 20.11 -47.64
N ASN A 517 -19.08 19.23 -48.40
CA ASN A 517 -17.70 19.42 -48.86
C ASN A 517 -16.72 19.50 -47.67
N ILE A 518 -16.98 18.72 -46.64
CA ILE A 518 -16.04 18.58 -45.52
C ILE A 518 -15.89 17.10 -45.18
N TYR A 519 -14.66 16.62 -45.24
CA TYR A 519 -14.29 15.30 -44.74
C TYR A 519 -13.37 15.45 -43.54
N ASP A 520 -13.47 14.50 -42.62
CA ASP A 520 -12.52 14.45 -41.50
C ASP A 520 -11.21 13.87 -41.98
N TYR A 521 -10.11 14.58 -41.74
CA TYR A 521 -8.77 14.07 -41.95
C TYR A 521 -8.14 13.91 -40.57
N TYR A 522 -8.43 12.77 -39.94
CA TYR A 522 -7.92 12.43 -38.63
C TYR A 522 -7.01 11.22 -38.73
N PRO A 523 -6.03 11.09 -37.84
CA PRO A 523 -5.10 9.96 -37.94
C PRO A 523 -5.77 8.60 -37.86
N ASN A 524 -6.90 8.48 -37.17
CA ASN A 524 -7.55 7.17 -37.07
C ASN A 524 -7.97 6.64 -38.43
N LYS A 525 -8.04 7.51 -39.45
CA LYS A 525 -8.22 7.05 -40.83
C LYS A 525 -7.07 7.44 -41.74
N VAL A 526 -6.45 8.61 -41.53
CA VAL A 526 -5.34 9.02 -42.38
C VAL A 526 -4.17 8.05 -42.25
N MET A 527 -3.88 7.60 -41.03
CA MET A 527 -2.78 6.66 -40.83
C MET A 527 -3.04 5.29 -41.44
N LYS A 528 -4.28 5.00 -41.82
CA LYS A 528 -4.60 3.73 -42.47
C LYS A 528 -4.36 3.76 -43.97
N ILE A 529 -4.08 4.93 -44.55
CA ILE A 529 -3.81 5.04 -45.98
C ILE A 529 -2.63 4.15 -46.34
N ARG A 530 -2.79 3.36 -47.39
CA ARG A 530 -1.74 2.44 -47.84
C ARG A 530 -0.95 3.07 -48.98
N ILE A 531 0.37 2.88 -48.94
CA ILE A 531 1.28 3.49 -49.90
C ILE A 531 2.17 2.40 -50.48
N PHE A 532 2.75 2.71 -51.64
CA PHE A 532 3.45 1.74 -52.46
C PHE A 532 4.80 2.31 -52.89
N ARG A 533 5.61 1.45 -53.52
CA ARG A 533 6.91 1.86 -54.04
C ARG A 533 7.28 0.95 -55.20
N ASP A 534 7.50 1.54 -56.37
CA ASP A 534 7.77 0.77 -57.57
C ASP A 534 8.65 1.60 -58.50
N ASN A 535 8.72 1.21 -59.77
CA ASN A 535 9.63 1.83 -60.73
C ASN A 535 9.32 3.30 -60.99
N ASN A 536 8.13 3.77 -60.64
CA ASN A 536 7.76 5.16 -60.85
C ASN A 536 8.16 6.07 -59.69
N TYR A 537 8.85 5.54 -58.68
CA TYR A 537 9.18 6.33 -57.50
C TYR A 537 9.97 7.59 -57.86
N GLU A 538 11.01 7.43 -58.68
CA GLU A 538 11.89 8.55 -58.97
C GLU A 538 11.19 9.64 -59.77
N GLU A 539 10.37 9.26 -60.75
CA GLU A 539 9.69 10.26 -61.57
C GLU A 539 8.61 10.99 -60.78
N ILE A 540 7.86 10.25 -59.95
CA ILE A 540 6.88 10.90 -59.07
C ILE A 540 7.57 11.86 -58.12
N GLU A 541 8.70 11.44 -57.54
CA GLU A 541 9.45 12.31 -56.63
C GLU A 541 9.95 13.57 -57.34
N ASN A 542 10.45 13.42 -58.58
CA ASN A 542 10.92 14.58 -59.33
C ASN A 542 9.79 15.54 -59.64
N LEU A 543 8.63 15.02 -60.04
CA LEU A 543 7.49 15.89 -60.31
C LEU A 543 7.06 16.63 -59.04
N SER A 544 7.08 15.94 -57.89
CA SER A 544 6.75 16.61 -56.63
C SER A 544 7.75 17.70 -56.31
N LYS A 545 9.05 17.45 -56.54
CA LYS A 545 10.06 18.47 -56.28
C LYS A 545 9.85 19.69 -57.18
N GLN A 546 9.51 19.46 -58.44
CA GLN A 546 9.23 20.58 -59.34
C GLN A 546 8.02 21.39 -58.88
N ILE A 547 6.96 20.69 -58.45
CA ILE A 547 5.78 21.39 -57.95
C ILE A 547 6.13 22.25 -56.74
N ILE A 548 6.90 21.68 -55.81
CA ILE A 548 7.31 22.42 -54.62
C ILE A 548 8.15 23.62 -54.99
N SER A 549 9.07 23.46 -55.96
CA SER A 549 9.91 24.58 -56.37
C SER A 549 9.07 25.70 -56.98
N ILE A 550 8.09 25.35 -57.80
CA ILE A 550 7.24 26.40 -58.41
C ILE A 550 6.42 27.10 -57.35
N LEU A 551 5.83 26.34 -56.41
CA LEU A 551 4.94 26.94 -55.41
C LEU A 551 5.67 27.90 -54.48
N LEU A 552 7.00 27.83 -54.42
CA LEU A 552 7.79 28.67 -53.53
C LEU A 552 8.44 29.84 -54.26
N ASN A 553 7.92 30.23 -55.41
CA ASN A 553 8.47 31.33 -56.19
C ASN A 553 7.79 32.65 -55.82
N LYS A 554 8.46 33.74 -56.16
CA LYS A 554 7.82 35.06 -56.07
C LYS A 554 6.78 35.22 -57.17
N SER A 555 7.14 34.88 -58.40
CA SER A 555 6.22 34.93 -59.54
C SER A 555 5.75 33.51 -59.81
N ILE A 556 4.72 33.11 -59.07
CA ILE A 556 4.24 31.73 -59.12
C ILE A 556 3.50 31.52 -60.44
N ASP A 557 4.09 30.75 -61.35
CA ASP A 557 3.39 30.22 -62.51
C ASP A 557 2.55 29.05 -62.02
N LYS A 558 1.37 29.38 -61.46
CA LYS A 558 0.50 28.37 -60.89
C LYS A 558 0.04 27.37 -61.94
N GLY A 559 -0.04 27.80 -63.21
CA GLY A 559 -0.60 26.94 -64.24
C GLY A 559 0.17 25.64 -64.43
N LYS A 560 1.49 25.74 -64.52
CA LYS A 560 2.30 24.56 -64.81
C LYS A 560 2.17 23.49 -63.72
N VAL A 561 1.85 23.90 -62.50
CA VAL A 561 1.67 22.96 -61.40
C VAL A 561 0.56 21.95 -61.74
N GLU A 562 -0.53 22.43 -62.35
CA GLU A 562 -1.62 21.54 -62.70
C GLU A 562 -1.19 20.51 -63.73
N LYS A 563 -0.41 20.93 -64.74
CA LYS A 563 0.09 20.01 -65.75
C LYS A 563 0.99 18.95 -65.13
N LEU A 564 1.88 19.38 -64.24
CA LEU A 564 2.76 18.44 -63.55
C LEU A 564 1.96 17.45 -62.70
N GLN A 565 0.90 17.94 -62.05
CA GLN A 565 0.05 17.06 -61.25
C GLN A 565 -0.67 16.05 -62.12
N ILE A 566 -1.12 16.47 -63.31
CA ILE A 566 -1.79 15.54 -64.22
C ILE A 566 -0.83 14.43 -64.64
N LYS A 567 0.42 14.80 -64.97
CA LYS A 567 1.40 13.79 -65.33
C LYS A 567 1.67 12.84 -64.17
N MET A 568 1.77 13.37 -62.95
CA MET A 568 1.98 12.51 -61.78
C MET A 568 0.81 11.57 -61.56
N ASP A 569 -0.42 12.06 -61.74
CA ASP A 569 -1.59 11.21 -61.61
C ASP A 569 -1.56 10.08 -62.63
N ASN A 570 -1.12 10.38 -63.85
CA ASN A 570 -0.94 9.31 -64.84
C ASN A 570 0.07 8.28 -64.36
N LEU A 571 1.18 8.73 -63.79
CA LEU A 571 2.16 7.79 -63.27
C LEU A 571 1.58 6.90 -62.18
N ILE A 572 0.80 7.50 -61.28
CA ILE A 572 0.24 6.73 -60.16
C ILE A 572 -0.80 5.73 -60.66
N MET A 573 -1.63 6.14 -61.62
CA MET A 573 -2.63 5.24 -62.18
C MET A 573 -1.96 4.09 -62.93
N ASP A 574 -0.83 4.36 -63.59
CA ASP A 574 -0.04 3.28 -64.19
C ASP A 574 0.51 2.35 -63.11
N SER A 575 0.98 2.92 -61.99
CA SER A 575 1.56 2.13 -60.92
C SER A 575 0.53 1.20 -60.29
N LEU A 576 -0.68 1.68 -60.05
CA LEU A 576 -1.70 0.90 -59.35
C LEU A 576 -2.62 0.12 -60.28
N GLY A 577 -2.40 0.20 -61.59
CA GLY A 577 -3.21 -0.56 -62.53
C GLY A 577 -4.66 -0.15 -62.56
N ILE A 578 -4.94 1.15 -62.54
CA ILE A 578 -6.32 1.64 -62.59
C ILE A 578 -6.53 2.50 -63.83
N GLY B 29 5.02 4.32 15.57
CA GLY B 29 4.37 4.93 16.71
C GLY B 29 5.24 5.94 17.44
N ILE B 30 5.87 5.50 18.52
CA ILE B 30 6.71 6.36 19.35
C ILE B 30 8.17 5.98 19.10
N TYR B 31 8.95 6.96 18.68
CA TYR B 31 10.36 6.77 18.32
C TYR B 31 11.24 7.49 19.32
N TYR B 32 12.20 6.78 19.89
CA TYR B 32 13.05 7.30 20.96
C TYR B 32 14.29 7.96 20.35
N THR B 33 14.40 9.27 20.52
CA THR B 33 15.58 10.03 20.09
C THR B 33 16.72 9.82 21.10
N PRO B 34 17.94 9.60 20.62
CA PRO B 34 19.07 9.42 21.54
C PRO B 34 19.26 10.64 22.44
N LYS B 35 19.68 10.36 23.69
CA LYS B 35 19.77 11.42 24.69
C LYS B 35 20.81 12.45 24.32
N ILE B 36 21.90 12.04 23.68
CA ILE B 36 22.93 12.99 23.28
C ILE B 36 22.35 14.00 22.29
N ILE B 37 21.54 13.53 21.33
CA ILE B 37 20.87 14.41 20.38
C ILE B 37 19.96 15.38 21.12
N VAL B 38 19.18 14.88 22.07
CA VAL B 38 18.21 15.72 22.79
C VAL B 38 18.94 16.80 23.58
N ASP B 39 20.00 16.41 24.29
CA ASP B 39 20.80 17.37 25.04
C ASP B 39 21.34 18.44 24.11
N TYR B 40 21.87 18.04 22.95
CA TYR B 40 22.40 19.02 22.01
C TYR B 40 21.34 19.99 21.54
N ILE B 41 20.16 19.48 21.18
CA ILE B 41 19.13 20.34 20.60
C ILE B 41 18.61 21.33 21.63
N VAL B 42 18.29 20.84 22.83
CA VAL B 42 17.80 21.70 23.90
C VAL B 42 18.84 22.75 24.27
N LYS B 43 20.11 22.34 24.38
CA LYS B 43 21.18 23.29 24.66
C LYS B 43 21.30 24.33 23.55
N LYS B 44 21.22 23.90 22.30
CA LYS B 44 21.35 24.81 21.17
C LYS B 44 20.29 25.90 21.24
N THR B 45 19.07 25.55 21.62
CA THR B 45 18.05 26.58 21.65
C THR B 45 18.10 27.44 22.91
N LEU B 46 18.43 26.86 24.07
CA LEU B 46 18.28 27.59 25.32
C LEU B 46 19.58 28.10 25.94
N LYS B 47 20.73 27.90 25.29
CA LYS B 47 22.00 28.19 25.94
C LYS B 47 22.14 29.66 26.29
N ASN B 48 21.79 30.55 25.37
CA ASN B 48 22.03 31.98 25.53
C ASN B 48 20.77 32.76 25.89
N HIS B 49 19.75 32.09 26.42
CA HIS B 49 18.52 32.77 26.77
C HIS B 49 18.75 33.69 27.97
N ASP B 50 18.31 34.93 27.85
CA ASP B 50 18.39 35.92 28.93
C ASP B 50 17.15 35.77 29.79
N ILE B 51 17.29 35.03 30.89
CA ILE B 51 16.13 34.74 31.74
C ILE B 51 15.68 36.00 32.48
N ILE B 52 16.59 36.94 32.75
CA ILE B 52 16.21 38.17 33.43
C ILE B 52 15.32 39.02 32.51
N LYS B 53 15.74 39.18 31.25
CA LYS B 53 14.97 39.98 30.32
C LYS B 53 13.61 39.37 30.04
N ASN B 54 13.56 38.06 29.82
CA ASN B 54 12.31 37.35 29.58
C ASN B 54 12.22 36.14 30.51
N PRO B 55 11.55 36.27 31.65
CA PRO B 55 11.31 35.11 32.51
C PRO B 55 10.11 34.27 32.12
N TYR B 56 9.47 34.54 30.98
CA TYR B 56 8.33 33.76 30.50
C TYR B 56 8.58 33.27 29.08
N PRO B 57 9.59 32.43 28.85
CA PRO B 57 9.80 31.89 27.50
C PRO B 57 8.90 30.68 27.26
N ARG B 58 8.23 30.67 26.11
CA ARG B 58 7.38 29.55 25.74
C ARG B 58 8.17 28.58 24.89
N ILE B 59 8.30 27.35 25.36
CA ILE B 59 9.07 26.30 24.69
C ILE B 59 8.09 25.19 24.32
N LEU B 60 8.00 24.89 23.04
CA LEU B 60 6.95 24.04 22.50
C LEU B 60 7.52 22.82 21.79
N ASP B 61 6.88 21.67 22.01
CA ASP B 61 7.13 20.48 21.21
C ASP B 61 5.80 19.98 20.68
N ILE B 62 5.69 19.86 19.35
CA ILE B 62 4.42 19.52 18.71
C ILE B 62 4.30 18.05 18.33
N SER B 63 5.34 17.25 18.59
CA SER B 63 5.27 15.80 18.52
C SER B 63 5.99 15.22 19.75
N CYS B 64 5.63 15.74 20.92
CA CYS B 64 6.42 15.55 22.14
C CYS B 64 6.48 14.10 22.61
N GLY B 65 5.55 13.25 22.19
CA GLY B 65 5.57 11.87 22.64
C GLY B 65 5.44 11.76 24.15
N CYS B 66 6.33 10.98 24.76
CA CYS B 66 6.37 10.85 26.21
C CYS B 66 7.18 11.97 26.87
N GLY B 67 7.80 12.84 26.07
CA GLY B 67 8.52 13.98 26.62
C GLY B 67 10.02 13.82 26.62
N ASN B 68 10.57 13.21 25.56
CA ASN B 68 12.02 13.08 25.46
C ASN B 68 12.70 14.45 25.51
N PHE B 69 12.14 15.42 24.80
CA PHE B 69 12.69 16.77 24.80
C PHE B 69 12.17 17.61 25.96
N LEU B 70 10.87 17.53 26.27
CA LEU B 70 10.28 18.45 27.24
C LEU B 70 10.83 18.21 28.65
N LEU B 71 11.13 16.96 29.00
CA LEU B 71 11.71 16.72 30.32
C LEU B 71 13.10 17.35 30.43
N GLU B 72 13.91 17.24 29.37
CA GLU B 72 15.20 17.91 29.33
C GLU B 72 15.03 19.42 29.38
N VAL B 73 14.02 19.93 28.67
CA VAL B 73 13.69 21.36 28.72
C VAL B 73 13.39 21.77 30.16
N TYR B 74 12.64 20.94 30.89
CA TYR B 74 12.32 21.25 32.27
C TYR B 74 13.60 21.34 33.10
N ASP B 75 14.52 20.39 32.92
CA ASP B 75 15.74 20.44 33.71
C ASP B 75 16.55 21.70 33.42
N ILE B 76 16.72 22.02 32.13
CA ILE B 76 17.49 23.20 31.75
C ILE B 76 16.84 24.46 32.29
N LEU B 77 15.51 24.56 32.14
CA LEU B 77 14.77 25.72 32.64
C LEU B 77 14.87 25.86 34.15
N TYR B 78 14.77 24.74 34.88
CA TYR B 78 14.82 24.81 36.33
C TYR B 78 16.16 25.34 36.78
N ASP B 79 17.25 24.84 36.19
CA ASP B 79 18.56 25.39 36.56
C ASP B 79 18.67 26.86 36.18
N LEU B 80 18.13 27.23 35.01
CA LEU B 80 18.23 28.61 34.56
C LEU B 80 17.52 29.56 35.51
N PHE B 81 16.33 29.19 35.98
CA PHE B 81 15.62 30.01 36.96
C PHE B 81 16.33 30.02 38.31
N GLU B 82 16.86 28.87 38.73
CA GLU B 82 17.48 28.79 40.05
C GLU B 82 18.72 29.67 40.15
N GLU B 83 19.51 29.72 39.07
CA GLU B 83 20.74 30.52 39.12
C GLU B 83 20.45 32.00 39.32
N ASN B 84 19.30 32.48 38.83
CA ASN B 84 18.99 33.91 38.81
C ASN B 84 17.73 34.25 39.61
N ILE B 85 17.33 33.38 40.52
CA ILE B 85 16.09 33.59 41.28
C ILE B 85 16.12 34.90 42.06
N TYR B 86 17.26 35.27 42.62
CA TYR B 86 17.29 36.51 43.41
C TYR B 86 17.23 37.75 42.52
N GLU B 87 17.88 37.71 41.35
CA GLU B 87 17.74 38.81 40.40
C GLU B 87 16.29 38.96 39.95
N LEU B 88 15.62 37.84 39.66
CA LEU B 88 14.21 37.92 39.28
C LEU B 88 13.36 38.46 40.42
N LYS B 89 13.62 38.01 41.64
CA LYS B 89 12.87 38.47 42.80
C LYS B 89 13.05 39.98 43.00
N LYS B 90 14.25 40.48 42.75
CA LYS B 90 14.49 41.92 42.91
C LYS B 90 13.84 42.73 41.78
N LYS B 91 13.94 42.24 40.54
CA LYS B 91 13.43 42.99 39.40
C LYS B 91 11.91 42.93 39.30
N TYR B 92 11.29 41.87 39.80
CA TYR B 92 9.87 41.62 39.66
C TYR B 92 9.24 41.44 41.05
N ASP B 93 8.01 40.95 41.07
CA ASP B 93 7.31 40.71 42.33
C ASP B 93 8.10 39.76 43.21
N GLU B 94 8.58 40.26 44.35
CA GLU B 94 9.47 39.48 45.20
C GLU B 94 8.73 38.32 45.89
N ASN B 95 7.43 38.46 46.11
CA ASN B 95 6.67 37.37 46.70
C ASN B 95 6.54 36.20 45.74
N TYR B 96 6.45 36.47 44.44
CA TYR B 96 6.22 35.41 43.46
C TYR B 96 7.48 34.58 43.23
N TRP B 97 8.63 35.23 43.12
CA TRP B 97 9.86 34.56 42.66
C TRP B 97 10.60 33.96 43.84
N THR B 98 10.24 32.73 44.18
CA THR B 98 10.95 31.90 45.15
C THR B 98 11.33 30.58 44.46
N VAL B 99 12.26 29.85 45.09
CA VAL B 99 12.66 28.56 44.52
C VAL B 99 11.50 27.59 44.53
N ASP B 100 10.67 27.62 45.58
CA ASP B 100 9.53 26.71 45.67
C ASP B 100 8.54 26.92 44.53
N ASN B 101 8.44 28.15 44.03
CA ASN B 101 7.45 28.49 43.02
C ASN B 101 7.94 28.25 41.59
N ILE B 102 9.19 27.83 41.41
CA ILE B 102 9.73 27.64 40.06
C ILE B 102 8.97 26.55 39.33
N HIS B 103 8.67 25.45 40.03
CA HIS B 103 8.00 24.31 39.40
C HIS B 103 6.66 24.71 38.79
N ARG B 104 5.83 25.39 39.60
CA ARG B 104 4.53 25.86 39.11
C ARG B 104 4.70 26.84 37.96
N HIS B 105 5.67 27.75 38.06
CA HIS B 105 5.88 28.73 36.99
C HIS B 105 6.25 28.06 35.68
N ILE B 106 7.16 27.08 35.73
CA ILE B 106 7.57 26.37 34.53
C ILE B 106 6.39 25.66 33.90
N LEU B 107 5.59 24.97 34.71
CA LEU B 107 4.48 24.23 34.10
C LEU B 107 3.37 25.15 33.62
N ASN B 108 3.14 26.27 34.30
CA ASN B 108 2.06 27.18 33.91
C ASN B 108 2.40 27.92 32.63
N TYR B 109 3.62 28.47 32.51
CA TYR B 109 3.88 29.46 31.48
C TYR B 109 4.92 29.07 30.44
N CYS B 110 5.71 28.03 30.67
CA CYS B 110 6.91 27.87 29.86
C CYS B 110 6.93 26.61 29.00
N ILE B 111 6.40 25.49 29.47
CA ILE B 111 6.47 24.23 28.74
C ILE B 111 5.13 23.97 28.05
N TYR B 112 5.18 23.74 26.74
CA TYR B 112 4.01 23.44 25.95
C TYR B 112 4.25 22.19 25.13
N GLY B 113 3.28 21.28 25.14
CA GLY B 113 3.39 20.04 24.40
C GLY B 113 2.11 19.66 23.68
N ALA B 114 2.26 19.06 22.51
CA ALA B 114 1.14 18.52 21.76
C ALA B 114 1.54 17.17 21.19
N ASP B 115 0.57 16.26 21.14
CA ASP B 115 0.78 14.96 20.52
C ASP B 115 -0.57 14.35 20.17
N ILE B 116 -0.54 13.41 19.22
CA ILE B 116 -1.76 12.75 18.78
C ILE B 116 -2.15 11.58 19.68
N ASP B 117 -1.24 11.09 20.52
CA ASP B 117 -1.46 9.91 21.34
C ASP B 117 -1.79 10.34 22.76
N GLU B 118 -2.98 9.94 23.25
CA GLU B 118 -3.40 10.37 24.58
C GLU B 118 -2.62 9.65 25.68
N LYS B 119 -2.20 8.41 25.44
CA LYS B 119 -1.45 7.68 26.45
C LYS B 119 -0.09 8.33 26.69
N ALA B 120 0.59 8.72 25.61
CA ALA B 120 1.86 9.42 25.77
C ALA B 120 1.68 10.75 26.50
N ILE B 121 0.58 11.46 26.23
CA ILE B 121 0.34 12.73 26.91
C ILE B 121 0.11 12.52 28.40
N SER B 122 -0.67 11.50 28.76
CA SER B 122 -0.87 11.25 30.18
C SER B 122 0.42 10.83 30.88
N ILE B 123 1.25 10.03 30.20
CA ILE B 123 2.54 9.65 30.75
C ILE B 123 3.42 10.88 30.99
N LEU B 124 3.48 11.77 29.98
CA LEU B 124 4.27 12.99 30.11
C LEU B 124 3.74 13.88 31.23
N LYS B 125 2.41 13.96 31.35
CA LYS B 125 1.81 14.75 32.41
C LYS B 125 2.24 14.23 33.78
N ASP B 126 2.22 12.91 33.96
CA ASP B 126 2.67 12.35 35.23
C ASP B 126 4.15 12.64 35.47
N SER B 127 4.98 12.53 34.43
CA SER B 127 6.40 12.81 34.62
C SER B 127 6.63 14.26 35.04
N LEU B 128 5.98 15.20 34.36
CA LEU B 128 6.12 16.61 34.68
C LEU B 128 5.65 16.91 36.10
N THR B 129 4.52 16.33 36.51
CA THR B 129 4.08 16.54 37.89
C THR B 129 5.03 15.90 38.89
N ASN B 130 5.68 14.79 38.52
CA ASN B 130 6.63 14.13 39.42
C ASN B 130 7.97 14.83 39.48
N LYS B 131 8.21 15.83 38.62
CA LYS B 131 9.42 16.64 38.79
C LYS B 131 9.49 17.35 40.14
N LYS B 132 8.37 17.55 40.84
CA LYS B 132 8.36 18.24 42.13
C LYS B 132 8.27 17.22 43.25
N VAL B 133 9.15 17.36 44.25
CA VAL B 133 9.23 16.36 45.32
C VAL B 133 7.98 16.41 46.19
N VAL B 134 7.58 17.63 46.61
CA VAL B 134 6.55 17.74 47.64
C VAL B 134 5.17 17.41 47.06
N ASN B 135 4.27 17.01 47.95
CA ASN B 135 2.91 16.59 47.58
C ASN B 135 1.92 17.60 48.14
N ASP B 136 1.26 18.33 47.24
CA ASP B 136 0.22 19.30 47.59
C ASP B 136 0.75 20.39 48.52
N LEU B 137 1.76 21.11 48.01
CA LEU B 137 2.20 22.33 48.70
C LEU B 137 1.08 23.38 48.69
N ASP B 138 0.44 23.55 47.54
CA ASP B 138 -0.81 24.31 47.44
C ASP B 138 -1.90 23.34 47.02
N GLU B 139 -2.99 23.31 47.80
CA GLU B 139 -4.02 22.29 47.58
C GLU B 139 -4.84 22.61 46.33
N SER B 140 -4.18 22.56 45.18
CA SER B 140 -4.83 22.84 43.91
C SER B 140 -3.96 22.27 42.80
N ASP B 141 -4.60 21.88 41.70
CA ASP B 141 -3.88 21.34 40.57
C ASP B 141 -3.01 22.43 39.93
N ILE B 142 -2.09 22.00 39.06
CA ILE B 142 -1.20 22.89 38.34
C ILE B 142 -1.60 22.88 36.87
N LYS B 143 -1.80 24.07 36.31
CA LYS B 143 -2.11 24.17 34.90
C LYS B 143 -0.90 23.73 34.08
N ILE B 144 -1.09 22.71 33.24
CA ILE B 144 -0.05 22.19 32.37
C ILE B 144 -0.54 22.32 30.93
N ASN B 145 0.31 22.84 30.07
CA ASN B 145 -0.09 23.15 28.68
C ASN B 145 0.28 21.98 27.77
N LEU B 146 -0.40 20.87 28.00
CA LEU B 146 -0.30 19.68 27.16
C LEU B 146 -1.60 19.50 26.40
N PHE B 147 -1.50 19.28 25.10
CA PHE B 147 -2.67 19.14 24.23
C PHE B 147 -2.59 17.81 23.50
N CYS B 148 -3.69 17.07 23.51
CA CYS B 148 -3.82 15.83 22.75
C CYS B 148 -4.63 16.16 21.50
N CYS B 149 -3.93 16.40 20.39
CA CYS B 149 -4.55 16.93 19.19
C CYS B 149 -3.67 16.65 17.99
N ASP B 150 -4.14 17.09 16.83
CA ASP B 150 -3.36 17.08 15.60
C ASP B 150 -2.61 18.42 15.52
N SER B 151 -1.28 18.36 15.63
CA SER B 151 -0.49 19.59 15.62
C SER B 151 -0.65 20.35 14.32
N LEU B 152 -0.95 19.66 13.23
CA LEU B 152 -1.13 20.32 11.94
C LEU B 152 -2.53 20.92 11.79
N LYS B 153 -3.43 20.68 12.74
CA LYS B 153 -4.79 21.21 12.66
C LYS B 153 -5.10 22.25 13.73
N LYS B 154 -4.38 22.26 14.84
CA LYS B 154 -4.73 23.13 15.96
C LYS B 154 -4.53 24.60 15.61
N LYS B 155 -5.50 25.42 16.00
CA LYS B 155 -5.40 26.87 15.85
C LYS B 155 -4.71 27.43 17.09
N TRP B 156 -3.48 27.92 16.92
CA TRP B 156 -2.69 28.45 18.02
C TRP B 156 -2.98 29.94 18.19
N ARG B 157 -3.28 30.35 19.42
CA ARG B 157 -3.60 31.75 19.68
C ARG B 157 -2.36 32.63 19.69
N TYR B 158 -1.18 32.06 19.86
CA TYR B 158 0.04 32.87 19.94
C TYR B 158 1.23 32.03 19.49
N LYS B 159 2.33 32.72 19.20
CA LYS B 159 3.54 32.08 18.74
C LYS B 159 4.46 31.75 19.93
N PHE B 160 5.52 31.00 19.65
CA PHE B 160 6.34 30.41 20.69
C PHE B 160 7.80 30.84 20.55
N ASP B 161 8.47 31.00 21.70
CA ASP B 161 9.85 31.47 21.70
C ASP B 161 10.80 30.39 21.18
N TYR B 162 10.61 29.14 21.59
CA TYR B 162 11.49 28.07 21.17
C TYR B 162 10.66 26.85 20.81
N ILE B 163 11.10 26.11 19.78
CA ILE B 163 10.43 24.90 19.33
C ILE B 163 11.50 23.83 19.08
N VAL B 164 11.32 22.66 19.70
CA VAL B 164 12.26 21.55 19.58
C VAL B 164 11.47 20.26 19.41
N GLY B 165 12.15 19.21 18.97
CA GLY B 165 11.58 17.89 18.99
C GLY B 165 11.93 17.09 17.74
N ASN B 166 11.18 16.03 17.54
CA ASN B 166 11.45 15.03 16.50
C ASN B 166 10.13 14.65 15.84
N PRO B 167 9.78 15.25 14.71
CA PRO B 167 8.46 15.05 14.11
C PRO B 167 8.33 13.65 13.54
N PRO B 168 7.10 13.18 13.31
CA PRO B 168 6.95 11.88 12.64
C PRO B 168 7.39 11.93 11.19
N TYR B 169 7.90 10.80 10.70
CA TYR B 169 8.25 10.64 9.30
C TYR B 169 7.29 9.62 8.70
N ILE B 170 6.48 10.06 7.73
CA ILE B 170 5.52 9.17 7.06
C ILE B 170 5.54 9.50 5.57
N GLY B 171 5.93 8.53 4.75
CA GLY B 171 6.00 8.72 3.31
C GLY B 171 4.64 8.58 2.64
N HIS B 172 4.67 8.63 1.30
CA HIS B 172 3.43 8.65 0.54
C HIS B 172 2.73 7.30 0.56
N LYS B 173 3.48 6.20 0.66
CA LYS B 173 2.86 4.88 0.69
C LYS B 173 2.13 4.62 2.00
N LYS B 174 2.66 5.12 3.13
CA LYS B 174 2.15 4.77 4.44
C LYS B 174 1.20 5.80 5.03
N LEU B 175 1.04 6.95 4.41
CA LEU B 175 0.10 7.96 4.90
C LEU B 175 -1.30 7.65 4.40
N GLU B 176 -2.28 7.87 5.28
CA GLU B 176 -3.68 7.68 4.90
C GLU B 176 -4.10 8.69 3.84
N LYS B 177 -4.80 8.21 2.82
CA LYS B 177 -5.14 9.03 1.66
C LYS B 177 -6.07 10.18 2.04
N LYS B 178 -7.10 9.90 2.83
CA LYS B 178 -8.06 10.91 3.23
C LYS B 178 -7.39 12.06 3.98
N TYR B 179 -6.34 11.74 4.75
CA TYR B 179 -5.56 12.77 5.41
C TYR B 179 -4.72 13.57 4.42
N LYS B 180 -4.18 12.90 3.41
CA LYS B 180 -3.39 13.59 2.40
C LYS B 180 -4.23 14.61 1.64
N LYS B 181 -5.55 14.39 1.56
CA LYS B 181 -6.39 15.45 1.00
C LYS B 181 -6.25 16.75 1.81
N PHE B 182 -6.35 16.65 3.13
CA PHE B 182 -6.21 17.82 3.99
C PHE B 182 -4.83 18.45 3.84
N LEU B 183 -3.78 17.61 3.78
CA LEU B 183 -2.44 18.14 3.63
C LEU B 183 -2.25 18.87 2.31
N LEU B 184 -2.75 18.29 1.22
CA LEU B 184 -2.60 18.89 -0.11
C LEU B 184 -3.44 20.14 -0.26
N GLU B 185 -4.49 20.31 0.54
CA GLU B 185 -5.20 21.58 0.51
C GLU B 185 -4.58 22.65 1.40
N LYS B 186 -4.19 22.30 2.63
CA LYS B 186 -3.78 23.31 3.61
C LYS B 186 -2.28 23.53 3.67
N TYR B 187 -1.47 22.60 3.17
CA TYR B 187 -0.02 22.68 3.26
C TYR B 187 0.63 22.60 1.88
N SER B 188 -0.03 23.15 0.87
CA SER B 188 0.45 23.02 -0.51
C SER B 188 1.77 23.74 -0.75
N GLU B 189 2.13 24.70 0.12
CA GLU B 189 3.40 25.40 -0.06
C GLU B 189 4.60 24.46 0.10
N VAL B 190 4.45 23.34 0.80
CA VAL B 190 5.58 22.44 1.05
C VAL B 190 5.24 20.99 0.75
N TYR B 191 3.96 20.66 0.61
CA TYR B 191 3.54 19.27 0.49
C TYR B 191 2.87 19.05 -0.88
N LYS B 192 3.54 18.26 -1.74
CA LYS B 192 2.98 17.90 -3.04
C LYS B 192 3.57 16.57 -3.50
N ASP B 193 2.69 15.60 -3.71
CA ASP B 193 2.81 14.49 -4.65
C ASP B 193 3.75 13.33 -4.32
N LYS B 194 4.80 13.58 -3.55
CA LYS B 194 5.57 12.50 -2.94
C LYS B 194 6.14 12.96 -1.61
N ALA B 195 5.71 14.11 -1.10
CA ALA B 195 6.31 14.72 0.06
C ALA B 195 6.07 13.85 1.29
N ASP B 196 6.90 14.07 2.30
CA ASP B 196 6.76 13.36 3.57
C ASP B 196 5.96 14.21 4.55
N LEU B 197 5.43 13.56 5.58
CA LEU B 197 4.61 14.25 6.56
C LEU B 197 5.39 15.35 7.27
N TYR B 198 6.69 15.12 7.53
CA TYR B 198 7.47 16.07 8.31
C TYR B 198 7.71 17.39 7.58
N PHE B 199 7.47 17.45 6.27
CA PHE B 199 7.49 18.73 5.57
C PHE B 199 6.48 19.69 6.18
N CYS B 200 5.26 19.20 6.42
CA CYS B 200 4.23 20.01 7.04
C CYS B 200 4.60 20.41 8.46
N PHE B 201 5.30 19.56 9.19
CA PHE B 201 5.76 19.93 10.52
C PHE B 201 6.79 21.05 10.46
N TYR B 202 7.68 21.01 9.46
CA TYR B 202 8.57 22.14 9.23
C TYR B 202 7.78 23.42 9.03
N LYS B 203 6.78 23.37 8.14
CA LYS B 203 6.02 24.58 7.86
C LYS B 203 5.27 25.08 9.10
N LYS B 204 4.68 24.16 9.87
CA LYS B 204 3.95 24.54 11.07
C LYS B 204 4.87 25.16 12.11
N ILE B 205 6.04 24.54 12.32
CA ILE B 205 7.01 25.08 13.28
C ILE B 205 7.42 26.49 12.88
N ILE B 206 7.73 26.69 11.60
CA ILE B 206 8.15 28.01 11.13
C ILE B 206 7.03 29.02 11.33
N ASP B 207 5.79 28.63 11.01
CA ASP B 207 4.68 29.57 11.05
C ASP B 207 4.40 30.08 12.46
N ILE B 208 4.48 29.22 13.46
CA ILE B 208 4.15 29.59 14.83
C ILE B 208 5.39 29.93 15.65
N LEU B 209 6.52 30.17 15.00
CA LEU B 209 7.73 30.59 15.70
C LEU B 209 7.71 32.10 15.88
N LYS B 210 7.86 32.55 17.13
CA LYS B 210 7.82 33.98 17.42
C LYS B 210 9.00 34.69 16.78
N GLN B 211 8.83 35.99 16.56
CA GLN B 211 9.91 36.81 16.05
C GLN B 211 11.09 36.78 17.01
N GLY B 212 12.27 36.45 16.48
CA GLY B 212 13.45 36.28 17.31
C GLY B 212 13.58 34.94 17.98
N GLY B 213 12.64 34.03 17.79
CA GLY B 213 12.72 32.72 18.39
C GLY B 213 13.66 31.79 17.65
N ILE B 214 13.92 30.63 18.27
CA ILE B 214 14.81 29.63 17.72
C ILE B 214 14.08 28.30 17.67
N GLY B 215 14.24 27.59 16.56
CA GLY B 215 13.75 26.22 16.44
C GLY B 215 14.89 25.28 16.09
N SER B 216 14.85 24.08 16.65
CA SER B 216 15.86 23.08 16.36
C SER B 216 15.22 21.71 16.39
N VAL B 217 15.33 20.98 15.27
CA VAL B 217 14.67 19.69 15.12
C VAL B 217 15.63 18.69 14.51
N ILE B 218 15.29 17.41 14.65
CA ILE B 218 15.98 16.32 13.96
C ILE B 218 14.97 15.65 13.04
N THR B 219 15.29 15.61 11.75
CA THR B 219 14.40 15.06 10.74
C THR B 219 15.20 14.12 9.83
N PRO B 220 14.59 13.47 8.85
CA PRO B 220 15.39 12.81 7.83
C PRO B 220 16.18 13.83 7.03
N ARG B 221 17.28 13.36 6.45
CA ARG B 221 18.16 14.22 5.68
C ARG B 221 17.73 14.36 4.22
N TYR B 222 16.75 13.57 3.77
CA TYR B 222 16.49 13.43 2.35
C TYR B 222 15.94 14.71 1.73
N PHE B 223 15.25 15.54 2.51
CA PHE B 223 14.71 16.78 1.96
C PHE B 223 15.82 17.74 1.53
N LEU B 224 17.03 17.58 2.06
CA LEU B 224 18.15 18.44 1.67
C LEU B 224 18.53 18.25 0.20
N GLU B 225 18.19 17.12 -0.40
CA GLU B 225 18.60 16.82 -1.76
C GLU B 225 17.46 16.35 -2.67
N SER B 226 16.36 15.84 -2.12
CA SER B 226 15.35 15.18 -2.92
C SER B 226 14.56 16.17 -3.77
N LEU B 227 14.02 15.66 -4.88
CA LEU B 227 13.15 16.47 -5.73
C LEU B 227 11.89 16.89 -4.99
N SER B 228 11.39 16.04 -4.10
CA SER B 228 10.17 16.36 -3.35
C SER B 228 10.37 17.59 -2.48
N GLY B 229 11.54 17.73 -1.85
CA GLY B 229 11.79 18.78 -0.89
C GLY B 229 11.99 20.17 -1.47
N LYS B 230 11.95 20.29 -2.80
CA LYS B 230 12.22 21.58 -3.45
C LYS B 230 11.42 22.69 -2.78
N ASP B 231 10.09 22.60 -2.84
CA ASP B 231 9.27 23.63 -2.23
C ASP B 231 9.65 23.84 -0.77
N LEU B 232 9.81 22.76 0.00
CA LEU B 232 10.18 22.91 1.41
C LEU B 232 11.46 23.72 1.55
N ARG B 233 12.48 23.40 0.76
CA ARG B 233 13.70 24.20 0.87
C ARG B 233 13.39 25.68 0.64
N GLU B 234 12.66 26.00 -0.43
CA GLU B 234 12.32 27.39 -0.70
C GLU B 234 11.55 28.02 0.45
N TYR B 235 10.69 27.24 1.12
CA TYR B 235 9.97 27.79 2.27
C TYR B 235 10.91 28.06 3.44
N ILE B 236 11.86 27.16 3.70
CA ILE B 236 12.78 27.40 4.82
C ILE B 236 13.64 28.62 4.52
N LYS B 237 14.32 28.60 3.37
CA LYS B 237 15.30 29.62 3.01
C LYS B 237 14.74 31.03 3.09
N SER B 238 13.50 31.22 2.66
CA SER B 238 12.90 32.53 2.59
C SER B 238 12.13 32.93 3.84
N ASN B 239 12.00 32.05 4.84
CA ASN B 239 11.22 32.42 6.01
C ASN B 239 12.01 32.44 7.32
N VAL B 240 13.14 31.75 7.40
CA VAL B 240 13.97 31.73 8.60
C VAL B 240 15.43 31.81 8.19
N ASN B 241 16.26 32.21 9.16
CA ASN B 241 17.71 32.14 9.01
C ASN B 241 18.18 30.79 9.54
N VAL B 242 18.79 29.98 8.68
CA VAL B 242 19.28 28.67 9.09
C VAL B 242 20.60 28.87 9.83
N GLN B 243 20.59 28.66 11.14
CA GLN B 243 21.82 28.78 11.92
C GLN B 243 22.77 27.63 11.62
N GLU B 244 22.27 26.41 11.62
CA GLU B 244 23.18 25.27 11.59
C GLU B 244 22.50 24.06 10.98
N ILE B 245 23.28 23.28 10.23
CA ILE B 245 22.86 21.99 9.69
C ILE B 245 23.91 20.96 10.08
N VAL B 246 23.48 19.92 10.78
CA VAL B 246 24.32 18.76 11.06
C VAL B 246 23.81 17.62 10.19
N ASP B 247 24.66 17.16 9.27
CA ASP B 247 24.31 16.09 8.34
C ASP B 247 25.08 14.85 8.76
N PHE B 248 24.36 13.81 9.19
CA PHE B 248 24.98 12.55 9.56
C PHE B 248 25.13 11.61 8.38
N LEU B 249 24.77 12.05 7.17
CA LEU B 249 24.88 11.25 5.93
C LEU B 249 24.18 9.92 6.16
N GLY B 250 24.82 8.79 5.89
CA GLY B 250 24.18 7.50 6.04
C GLY B 250 24.43 6.81 7.37
N ALA B 251 24.87 7.57 8.38
CA ALA B 251 25.11 7.00 9.70
C ALA B 251 23.79 6.62 10.34
N ASN B 252 23.85 5.62 11.22
CA ASN B 252 22.65 5.05 11.86
C ASN B 252 22.50 5.68 13.24
N ILE B 253 21.68 6.73 13.30
CA ILE B 253 21.43 7.43 14.56
C ILE B 253 20.35 6.73 15.37
N PHE B 254 19.32 6.23 14.70
CA PHE B 254 18.24 5.49 15.34
C PHE B 254 18.48 4.00 15.16
N LYS B 255 18.61 3.27 16.26
CA LYS B 255 18.90 1.85 16.20
C LYS B 255 17.74 1.09 15.60
N ASN B 256 18.06 0.18 14.66
CA ASN B 256 17.06 -0.67 14.00
C ASN B 256 16.02 0.15 13.25
N ILE B 257 16.43 1.31 12.72
CA ILE B 257 15.56 2.17 11.94
C ILE B 257 16.27 2.47 10.62
N GLY B 258 15.62 2.15 9.51
CA GLY B 258 16.19 2.41 8.20
C GLY B 258 15.97 3.85 7.76
N VAL B 259 16.59 4.80 8.47
CA VAL B 259 16.50 6.21 8.14
C VAL B 259 17.88 6.85 8.33
N SER B 260 18.08 7.96 7.61
CA SER B 260 19.29 8.77 7.72
C SER B 260 18.88 10.17 8.13
N SER B 261 19.44 10.66 9.22
CA SER B 261 18.92 11.84 9.89
C SER B 261 19.83 13.05 9.76
N CYS B 262 19.26 14.20 10.09
CA CYS B 262 19.97 15.46 10.15
C CYS B 262 19.32 16.33 11.22
N ILE B 263 20.08 17.34 11.65
CA ILE B 263 19.64 18.28 12.67
C ILE B 263 19.64 19.67 12.05
N LEU B 264 18.50 20.36 12.12
CA LEU B 264 18.39 21.71 11.62
C LEU B 264 18.14 22.67 12.78
N THR B 265 18.88 23.77 12.80
CA THR B 265 18.67 24.87 13.74
C THR B 265 18.50 26.17 12.97
N PHE B 266 17.41 26.87 13.24
CA PHE B 266 17.02 28.09 12.53
C PHE B 266 16.45 29.08 13.53
N ASP B 267 16.34 30.34 13.10
CA ASP B 267 15.82 31.39 13.97
C ASP B 267 15.11 32.44 13.13
N LYS B 268 14.42 33.35 13.81
CA LYS B 268 13.78 34.48 13.17
C LYS B 268 14.32 35.79 13.74
N LYS B 269 15.64 35.88 13.88
CA LYS B 269 16.29 37.08 14.36
C LYS B 269 16.67 37.98 13.19
N LYS B 270 16.92 39.25 13.49
CA LYS B 270 17.32 40.23 12.49
C LYS B 270 18.79 39.99 12.14
N THR B 271 19.03 38.98 11.31
CA THR B 271 20.38 38.61 10.91
C THR B 271 20.81 39.42 9.70
N LYS B 272 22.05 39.89 9.72
CA LYS B 272 22.61 40.70 8.64
C LYS B 272 23.46 39.89 7.68
N GLU B 273 24.34 39.03 8.20
CA GLU B 273 25.26 38.27 7.37
C GLU B 273 24.67 36.95 6.90
N THR B 274 23.84 36.31 7.71
CA THR B 274 23.12 35.07 7.42
C THR B 274 24.02 34.01 6.75
N TYR B 275 25.01 33.53 7.49
CA TYR B 275 25.80 32.38 7.09
C TYR B 275 25.33 31.14 7.85
N ILE B 276 25.51 29.97 7.21
CA ILE B 276 25.08 28.68 7.73
C ILE B 276 26.31 27.89 8.14
N ASP B 277 26.28 27.34 9.35
CA ASP B 277 27.27 26.40 9.84
C ASP B 277 26.85 24.99 9.43
N VAL B 278 27.69 24.33 8.64
CA VAL B 278 27.40 22.99 8.13
C VAL B 278 28.44 22.04 8.68
N PHE B 279 27.97 21.02 9.40
CA PHE B 279 28.79 19.93 9.92
C PHE B 279 28.40 18.66 9.16
N LYS B 280 29.28 18.21 8.28
CA LYS B 280 29.09 16.98 7.53
C LYS B 280 29.99 15.90 8.12
N ILE B 281 29.41 14.74 8.41
CA ILE B 281 30.20 13.66 9.00
C ILE B 281 31.19 13.12 7.97
N LYS B 282 32.36 12.71 8.45
CA LYS B 282 33.40 12.20 7.55
C LYS B 282 33.35 10.69 7.38
N ASN B 283 32.99 9.95 8.43
CA ASN B 283 32.93 8.49 8.38
C ASN B 283 31.58 8.05 8.91
N GLU B 284 30.74 7.49 8.03
CA GLU B 284 29.40 7.06 8.41
C GLU B 284 29.41 5.89 9.38
N ASP B 285 30.54 5.22 9.56
CA ASP B 285 30.62 4.05 10.44
C ASP B 285 30.76 4.41 11.91
N ILE B 286 31.08 5.66 12.25
CA ILE B 286 31.27 6.02 13.65
C ILE B 286 29.95 5.85 14.39
N CYS B 287 30.06 5.50 15.67
CA CYS B 287 28.90 5.24 16.52
C CYS B 287 28.70 6.41 17.46
N ILE B 288 27.46 6.89 17.54
CA ILE B 288 27.11 7.95 18.49
C ILE B 288 27.25 7.36 19.89
N ASN B 289 27.25 8.24 20.89
CA ASN B 289 27.69 7.95 22.27
C ASN B 289 29.20 7.78 22.36
N LYS B 290 29.94 8.38 21.42
CA LYS B 290 31.40 8.37 21.52
C LYS B 290 31.87 9.19 22.72
N PHE B 291 31.37 10.41 22.85
CA PHE B 291 31.62 11.27 23.99
C PHE B 291 30.35 11.42 24.81
N GLU B 292 30.44 12.21 25.88
CA GLU B 292 29.25 12.54 26.66
C GLU B 292 28.37 13.58 25.95
N THR B 293 28.90 14.29 24.97
CA THR B 293 28.18 15.35 24.27
C THR B 293 28.38 15.22 22.77
N LEU B 294 27.43 15.79 22.03
CA LEU B 294 27.54 15.82 20.57
C LEU B 294 28.50 16.91 20.09
N GLU B 295 28.60 18.02 20.83
CA GLU B 295 29.46 19.12 20.38
C GLU B 295 30.93 18.72 20.35
N GLU B 296 31.35 17.86 21.27
CA GLU B 296 32.69 17.30 21.21
C GLU B 296 32.90 16.51 19.93
N LEU B 297 31.90 15.74 19.53
CA LEU B 297 31.99 15.00 18.27
C LEU B 297 32.07 15.95 17.08
N LEU B 298 31.27 17.01 17.09
CA LEU B 298 31.24 17.96 15.98
C LEU B 298 32.57 18.67 15.83
N LYS B 299 33.17 19.13 16.94
CA LYS B 299 34.42 19.85 16.85
C LYS B 299 35.61 18.97 16.55
N SER B 300 35.45 17.65 16.61
CA SER B 300 36.56 16.72 16.44
C SER B 300 36.86 16.50 14.96
N SER B 301 37.83 15.62 14.70
CA SER B 301 38.19 15.24 13.34
C SER B 301 37.16 14.33 12.69
N LYS B 302 36.15 13.87 13.43
CA LYS B 302 35.11 13.02 12.86
C LYS B 302 34.16 13.80 11.96
N PHE B 303 34.15 15.12 12.05
CA PHE B 303 33.25 15.95 11.27
C PHE B 303 34.03 17.02 10.52
N GLU B 304 33.45 17.49 9.42
CA GLU B 304 33.98 18.59 8.63
C GLU B 304 33.02 19.76 8.75
N HIS B 305 33.57 20.94 9.01
CA HIS B 305 32.78 22.15 9.15
C HIS B 305 33.06 23.10 8.00
N PHE B 306 32.01 23.74 7.50
CA PHE B 306 32.18 24.82 6.53
C PHE B 306 30.94 25.71 6.58
N ASN B 307 31.07 26.88 5.95
CA ASN B 307 29.98 27.84 5.94
C ASN B 307 29.35 27.93 4.56
N ILE B 308 28.05 28.19 4.53
CA ILE B 308 27.33 28.41 3.29
C ILE B 308 26.55 29.71 3.41
N ASN B 309 26.69 30.59 2.43
CA ASN B 309 25.91 31.82 2.42
C ASN B 309 24.49 31.49 2.01
N GLN B 310 23.54 31.64 2.94
CA GLN B 310 22.15 31.30 2.65
C GLN B 310 21.58 32.18 1.55
N ARG B 311 22.05 33.42 1.44
CA ARG B 311 21.58 34.30 0.38
C ARG B 311 21.99 33.83 -1.01
N LEU B 312 23.02 32.99 -1.11
CA LEU B 312 23.48 32.46 -2.38
C LEU B 312 22.87 31.11 -2.72
N LEU B 313 21.97 30.60 -1.90
CA LEU B 313 21.34 29.31 -2.18
C LEU B 313 20.35 29.44 -3.34
N SER B 314 20.38 28.45 -4.22
CA SER B 314 19.42 28.34 -5.31
C SER B 314 18.27 27.44 -4.86
N ASP B 315 17.43 27.01 -5.81
CA ASP B 315 16.39 26.04 -5.50
C ASP B 315 16.96 24.73 -4.99
N GLU B 316 18.23 24.44 -5.27
CA GLU B 316 18.93 23.27 -4.76
C GLU B 316 19.99 23.72 -3.77
N TRP B 317 20.18 22.93 -2.70
CA TRP B 317 21.13 23.25 -1.64
C TRP B 317 22.37 22.38 -1.83
N ILE B 318 23.39 22.93 -2.45
CA ILE B 318 24.65 22.22 -2.69
C ILE B 318 25.57 22.60 -1.54
N LEU B 319 25.52 21.81 -0.46
CA LEU B 319 26.29 22.08 0.75
C LEU B 319 27.61 21.31 0.67
N VAL B 320 28.58 21.93 0.00
CA VAL B 320 29.92 21.36 -0.16
C VAL B 320 30.95 22.44 0.11
N ASN B 321 32.19 22.02 0.34
CA ASN B 321 33.28 22.94 0.61
C ASN B 321 33.71 23.63 -0.68
N LYS B 322 34.70 24.52 -0.55
CA LYS B 322 35.14 25.32 -1.70
C LYS B 322 35.75 24.45 -2.80
N ASP B 323 36.55 23.45 -2.42
CA ASP B 323 37.15 22.55 -3.41
C ASP B 323 36.08 21.86 -4.25
N ASP B 324 35.07 21.29 -3.59
CA ASP B 324 34.01 20.60 -4.31
C ASP B 324 33.18 21.57 -5.14
N GLU B 325 32.95 22.78 -4.63
CA GLU B 325 32.18 23.76 -5.40
C GLU B 325 32.90 24.12 -6.69
N THR B 326 34.21 24.35 -6.62
CA THR B 326 34.95 24.67 -7.83
C THR B 326 35.05 23.48 -8.77
N PHE B 327 35.20 22.27 -8.22
CA PHE B 327 35.19 21.05 -9.04
C PHE B 327 33.88 20.92 -9.82
N TYR B 328 32.76 21.01 -9.10
CA TYR B 328 31.43 20.92 -9.71
C TYR B 328 31.21 21.99 -10.75
N ASN B 329 31.59 23.24 -10.45
CA ASN B 329 31.39 24.33 -11.38
C ASN B 329 32.22 24.15 -12.65
N LYS B 330 33.48 23.72 -12.52
CA LYS B 330 34.29 23.47 -13.70
C LYS B 330 33.64 22.42 -14.59
N ILE B 331 33.18 21.32 -13.99
CA ILE B 331 32.55 20.29 -14.81
C ILE B 331 31.29 20.81 -15.47
N GLN B 332 30.45 21.54 -14.73
CA GLN B 332 29.21 22.04 -15.28
C GLN B 332 29.46 22.97 -16.46
N GLU B 333 30.45 23.87 -16.33
CA GLU B 333 30.71 24.83 -17.39
C GLU B 333 31.31 24.14 -18.62
N LYS B 334 32.26 23.22 -18.42
CA LYS B 334 32.92 22.59 -19.56
C LYS B 334 31.93 21.80 -20.42
N CYS B 335 30.93 21.18 -19.80
CA CYS B 335 30.03 20.28 -20.50
C CYS B 335 28.89 21.07 -21.16
N LYS B 336 28.67 20.79 -22.45
CA LYS B 336 27.64 21.46 -23.23
C LYS B 336 26.36 20.66 -23.36
N TYR B 337 26.36 19.38 -22.98
CA TYR B 337 25.20 18.52 -23.11
C TYR B 337 24.89 17.85 -21.79
N SER B 338 23.61 17.59 -21.56
CA SER B 338 23.16 16.77 -20.45
C SER B 338 22.58 15.47 -20.99
N LEU B 339 22.58 14.44 -20.13
CA LEU B 339 22.03 13.15 -20.53
C LEU B 339 20.58 13.29 -20.98
N GLU B 340 19.82 14.18 -20.33
CA GLU B 340 18.44 14.41 -20.72
C GLU B 340 18.36 14.87 -22.18
N ASP B 341 19.29 15.71 -22.62
CA ASP B 341 19.27 16.22 -23.99
C ASP B 341 19.40 15.09 -25.00
N ILE B 342 20.29 14.14 -24.75
CA ILE B 342 20.70 13.18 -25.76
C ILE B 342 20.06 11.80 -25.59
N ALA B 343 19.22 11.61 -24.58
CA ALA B 343 18.77 10.27 -24.25
C ALA B 343 17.27 10.24 -23.96
N ILE B 344 16.70 9.06 -24.18
CA ILE B 344 15.36 8.71 -23.72
C ILE B 344 15.52 7.76 -22.54
N SER B 345 14.95 8.15 -21.40
CA SER B 345 15.08 7.46 -20.13
C SER B 345 13.76 6.82 -19.72
N PHE B 346 13.84 5.68 -19.05
CA PHE B 346 12.62 5.06 -18.57
C PHE B 346 12.89 4.10 -17.41
N GLN B 347 11.92 4.04 -16.51
CA GLN B 347 11.89 3.09 -15.42
C GLN B 347 11.47 1.71 -15.92
N GLY B 348 11.83 0.69 -15.15
CA GLY B 348 11.61 -0.67 -15.52
C GLY B 348 10.17 -1.12 -15.33
N ILE B 349 9.99 -2.43 -15.46
CA ILE B 349 8.66 -3.03 -15.35
C ILE B 349 8.19 -2.99 -13.90
N ILE B 350 6.93 -2.63 -13.70
CA ILE B 350 6.28 -2.73 -12.40
C ILE B 350 5.12 -3.70 -12.57
N THR B 351 5.38 -4.98 -12.27
CA THR B 351 4.35 -6.00 -12.43
C THR B 351 3.21 -5.80 -11.44
N GLY B 352 3.51 -5.33 -10.23
CA GLY B 352 2.54 -5.25 -9.17
C GLY B 352 2.52 -6.45 -8.24
N CYS B 353 2.97 -7.61 -8.73
CA CYS B 353 3.21 -8.76 -7.86
C CYS B 353 4.27 -9.62 -8.54
N ASP B 354 5.54 -9.42 -8.16
CA ASP B 354 6.63 -10.10 -8.85
C ASP B 354 6.55 -11.61 -8.70
N LYS B 355 6.02 -12.09 -7.58
CA LYS B 355 5.91 -13.53 -7.36
C LYS B 355 4.98 -14.21 -8.38
N ALA B 356 4.09 -13.45 -9.00
CA ALA B 356 3.16 -14.04 -9.96
C ALA B 356 3.74 -14.15 -11.36
N PHE B 357 4.67 -13.26 -11.72
CA PHE B 357 5.16 -13.18 -13.09
C PHE B 357 6.63 -13.54 -13.26
N ILE B 358 7.42 -13.57 -12.19
CA ILE B 358 8.85 -13.83 -12.28
C ILE B 358 9.13 -15.26 -11.86
N LEU B 359 9.87 -15.99 -12.68
CA LEU B 359 10.23 -17.37 -12.37
C LEU B 359 11.73 -17.53 -12.46
N SER B 360 12.29 -18.37 -11.58
CA SER B 360 13.68 -18.77 -11.75
C SER B 360 13.84 -19.50 -13.08
N LYS B 361 14.96 -19.25 -13.76
CA LYS B 361 15.16 -19.87 -15.06
C LYS B 361 15.25 -21.38 -14.99
N ASP B 362 15.48 -21.93 -13.79
CA ASP B 362 15.47 -23.37 -13.58
C ASP B 362 14.12 -23.91 -13.13
N ASP B 363 13.10 -23.06 -13.02
CA ASP B 363 11.80 -23.49 -12.54
C ASP B 363 11.12 -24.39 -13.56
N VAL B 364 10.40 -25.40 -13.05
CA VAL B 364 9.72 -26.36 -13.91
C VAL B 364 8.52 -25.72 -14.61
N LYS B 365 7.81 -24.81 -13.92
CA LYS B 365 6.62 -24.20 -14.47
C LYS B 365 6.90 -23.43 -15.77
N LEU B 366 8.15 -23.05 -16.03
CA LEU B 366 8.49 -22.40 -17.29
C LEU B 366 8.17 -23.27 -18.49
N ASN B 367 8.03 -24.58 -18.30
CA ASN B 367 7.65 -25.41 -19.46
C ASN B 367 6.22 -25.13 -19.91
N LEU B 368 5.37 -24.59 -19.04
CA LEU B 368 4.00 -24.29 -19.46
C LEU B 368 3.88 -22.99 -20.23
N VAL B 369 4.94 -22.18 -20.28
CA VAL B 369 4.91 -20.87 -20.89
C VAL B 369 5.66 -20.93 -22.20
N ASP B 370 5.00 -20.52 -23.29
CA ASP B 370 5.65 -20.42 -24.57
C ASP B 370 6.79 -19.41 -24.49
N ASP B 371 7.89 -19.70 -25.20
CA ASP B 371 9.03 -18.80 -25.20
C ASP B 371 8.71 -17.45 -25.81
N LYS B 372 7.59 -17.35 -26.55
CA LYS B 372 7.14 -16.07 -27.06
C LYS B 372 6.82 -15.09 -25.93
N PHE B 373 6.42 -15.61 -24.77
CA PHE B 373 6.06 -14.78 -23.63
C PHE B 373 7.23 -14.49 -22.69
N LEU B 374 8.36 -15.16 -22.85
CA LEU B 374 9.43 -15.15 -21.86
C LEU B 374 10.46 -14.10 -22.18
N LYS B 375 10.82 -13.30 -21.17
CA LYS B 375 11.85 -12.28 -21.31
C LYS B 375 12.90 -12.48 -20.23
N CYS B 376 14.12 -12.06 -20.52
CA CYS B 376 15.18 -12.12 -19.50
C CYS B 376 14.94 -11.06 -18.44
N TRP B 377 15.29 -11.37 -17.20
CA TRP B 377 14.96 -10.54 -16.05
C TRP B 377 16.19 -10.40 -15.18
N ILE B 378 16.61 -9.16 -14.93
CA ILE B 378 17.79 -8.89 -14.12
C ILE B 378 17.40 -8.02 -12.93
N LYS B 379 18.22 -8.10 -11.89
CA LYS B 379 18.07 -7.28 -10.69
C LYS B 379 19.19 -6.27 -10.63
N SER B 380 19.12 -5.39 -9.63
CA SER B 380 20.12 -4.33 -9.49
C SER B 380 21.52 -4.91 -9.32
N LYS B 381 21.64 -6.04 -8.61
CA LYS B 381 22.94 -6.62 -8.37
C LYS B 381 23.60 -7.18 -9.62
N ASN B 382 22.83 -7.40 -10.69
CA ASN B 382 23.40 -7.90 -11.93
C ASN B 382 24.17 -6.85 -12.70
N ILE B 383 23.97 -5.57 -12.39
CA ILE B 383 24.62 -4.49 -13.12
C ILE B 383 26.03 -4.29 -12.58
N ASN B 384 27.01 -4.39 -13.46
CA ASN B 384 28.38 -3.99 -13.16
C ASN B 384 28.74 -2.77 -14.01
N LYS B 385 29.98 -2.31 -13.85
CA LYS B 385 30.51 -1.34 -14.80
C LYS B 385 30.66 -2.02 -16.16
N TYR B 386 30.05 -1.41 -17.17
CA TYR B 386 30.18 -1.72 -18.59
C TYR B 386 29.45 -2.96 -19.09
N ILE B 387 29.04 -3.88 -18.22
CA ILE B 387 28.38 -5.11 -18.68
C ILE B 387 27.45 -5.63 -17.58
N VAL B 388 26.43 -6.38 -18.01
CA VAL B 388 25.42 -6.95 -17.14
C VAL B 388 25.70 -8.44 -16.98
N ASP B 389 25.54 -8.94 -15.75
CA ASP B 389 25.64 -10.38 -15.51
C ASP B 389 24.52 -11.11 -16.24
N LYS B 390 24.77 -12.39 -16.53
CA LYS B 390 23.74 -13.22 -17.13
C LYS B 390 22.52 -13.29 -16.23
N SER B 391 21.33 -13.23 -16.84
CA SER B 391 20.09 -13.21 -16.09
C SER B 391 19.77 -14.59 -15.53
N GLU B 392 19.26 -14.62 -14.31
CA GLU B 392 18.84 -15.86 -13.65
C GLU B 392 17.33 -16.00 -13.59
N TYR B 393 16.58 -14.99 -14.04
CA TYR B 393 15.13 -14.99 -13.92
C TYR B 393 14.49 -14.69 -15.26
N ARG B 394 13.25 -15.14 -15.39
CA ARG B 394 12.43 -14.94 -16.57
C ARG B 394 11.14 -14.24 -16.19
N LEU B 395 10.73 -13.30 -17.03
CA LEU B 395 9.47 -12.59 -16.88
C LEU B 395 8.46 -13.14 -17.88
N ILE B 396 7.26 -13.43 -17.38
CA ILE B 396 6.12 -13.81 -18.21
C ILE B 396 5.42 -12.50 -18.59
N TYR B 397 5.64 -12.06 -19.82
CA TYR B 397 5.02 -10.80 -20.28
C TYR B 397 3.56 -11.09 -20.62
N SER B 398 2.75 -11.13 -19.56
CA SER B 398 1.35 -11.54 -19.68
C SER B 398 0.49 -10.54 -20.45
N ASN B 399 0.97 -9.32 -20.68
CA ASN B 399 0.21 -8.37 -21.49
C ASN B 399 0.00 -8.88 -22.91
N ASP B 400 0.82 -9.82 -23.36
CA ASP B 400 0.68 -10.42 -24.69
C ASP B 400 -0.23 -11.63 -24.71
N ILE B 401 -0.85 -11.98 -23.60
CA ILE B 401 -1.86 -13.04 -23.58
C ILE B 401 -3.19 -12.42 -24.01
N ASP B 402 -3.76 -12.94 -25.09
CA ASP B 402 -4.92 -12.29 -25.71
C ASP B 402 -6.17 -12.46 -24.87
N ASN B 403 -6.60 -13.70 -24.66
CA ASN B 403 -7.79 -14.00 -23.88
C ASN B 403 -7.48 -15.08 -22.86
N GLU B 404 -8.44 -15.32 -21.96
CA GLU B 404 -8.22 -16.20 -20.83
C GLU B 404 -8.46 -17.67 -21.15
N ASN B 405 -8.83 -18.01 -22.38
CA ASN B 405 -9.14 -19.38 -22.76
C ASN B 405 -8.01 -20.10 -23.48
N THR B 406 -7.31 -19.41 -24.39
CA THR B 406 -6.27 -20.06 -25.18
C THR B 406 -5.09 -20.52 -24.32
N ASN B 407 -4.71 -19.72 -23.33
CA ASN B 407 -3.56 -19.99 -22.48
C ASN B 407 -3.99 -20.25 -21.04
N LYS B 408 -5.04 -21.04 -20.86
CA LYS B 408 -5.63 -21.22 -19.54
C LYS B 408 -4.65 -21.85 -18.55
N ARG B 409 -3.72 -22.68 -19.03
CA ARG B 409 -2.80 -23.36 -18.12
C ARG B 409 -1.92 -22.37 -17.38
N ILE B 410 -1.39 -21.37 -18.09
CA ILE B 410 -0.52 -20.38 -17.47
C ILE B 410 -1.28 -19.59 -16.41
N LEU B 411 -2.51 -19.17 -16.74
CA LEU B 411 -3.31 -18.41 -15.79
C LEU B 411 -3.65 -19.23 -14.56
N ASP B 412 -4.08 -20.48 -14.76
CA ASP B 412 -4.57 -21.29 -13.66
C ASP B 412 -3.45 -21.83 -12.77
N GLU B 413 -2.25 -22.04 -13.32
CA GLU B 413 -1.20 -22.71 -12.56
C GLU B 413 -0.05 -21.81 -12.14
N ILE B 414 0.16 -20.67 -12.80
CA ILE B 414 1.29 -19.82 -12.44
C ILE B 414 0.81 -18.48 -11.89
N ILE B 415 0.11 -17.70 -12.74
CA ILE B 415 -0.26 -16.35 -12.36
C ILE B 415 -1.43 -16.37 -11.38
N GLY B 416 -2.43 -17.21 -11.62
CA GLY B 416 -3.66 -17.22 -10.84
C GLY B 416 -3.46 -17.54 -9.38
N LEU B 417 -2.32 -18.12 -9.01
CA LEU B 417 -2.03 -18.36 -7.60
C LEU B 417 -2.05 -17.06 -6.80
N TYR B 418 -1.91 -15.91 -7.46
CA TYR B 418 -1.96 -14.64 -6.76
C TYR B 418 -3.12 -13.78 -7.26
N LYS B 419 -4.15 -14.42 -7.83
CA LYS B 419 -5.26 -13.68 -8.42
C LYS B 419 -5.84 -12.67 -7.43
N THR B 420 -6.10 -13.10 -6.20
CA THR B 420 -6.67 -12.21 -5.19
C THR B 420 -5.78 -10.99 -4.98
N LYS B 421 -4.46 -11.18 -4.92
CA LYS B 421 -3.59 -10.02 -4.83
C LYS B 421 -3.68 -9.16 -6.08
N LEU B 422 -3.66 -9.79 -7.25
CA LEU B 422 -3.63 -9.05 -8.51
C LEU B 422 -4.92 -8.26 -8.74
N GLU B 423 -6.05 -8.78 -8.27
CA GLU B 423 -7.30 -8.04 -8.37
C GLU B 423 -7.34 -6.83 -7.44
N ASN B 424 -6.44 -6.76 -6.46
CA ASN B 424 -6.45 -5.62 -5.54
C ASN B 424 -5.63 -4.45 -6.05
N ARG B 425 -4.89 -4.61 -7.15
CA ARG B 425 -4.14 -3.50 -7.72
C ARG B 425 -5.09 -2.44 -8.25
N ARG B 426 -4.62 -1.18 -8.23
CA ARG B 426 -5.50 -0.05 -8.45
C ARG B 426 -6.16 -0.10 -9.81
N GLU B 427 -5.41 -0.44 -10.86
CA GLU B 427 -5.95 -0.41 -12.21
C GLU B 427 -6.86 -1.60 -12.50
N CYS B 428 -6.74 -2.71 -11.75
CA CYS B 428 -7.70 -3.79 -11.88
C CYS B 428 -9.03 -3.41 -11.23
N LYS B 429 -8.98 -2.69 -10.10
CA LYS B 429 -10.20 -2.23 -9.46
C LYS B 429 -10.92 -1.20 -10.30
N SER B 430 -10.19 -0.38 -11.05
CA SER B 430 -10.82 0.55 -11.99
C SER B 430 -11.27 -0.12 -13.27
N GLY B 431 -10.81 -1.34 -13.54
CA GLY B 431 -11.27 -2.10 -14.70
C GLY B 431 -10.54 -1.84 -16.00
N ILE B 432 -9.50 -1.00 -16.00
CA ILE B 432 -8.75 -0.75 -17.23
C ILE B 432 -7.61 -1.74 -17.43
N ARG B 433 -7.32 -2.57 -16.44
CA ARG B 433 -6.27 -3.58 -16.51
C ARG B 433 -6.86 -4.94 -16.13
N LYS B 434 -6.53 -5.97 -16.90
CA LYS B 434 -6.96 -7.31 -16.57
C LYS B 434 -6.18 -7.84 -15.38
N TRP B 435 -6.80 -8.76 -14.64
CA TRP B 435 -6.20 -9.24 -13.40
C TRP B 435 -4.88 -9.97 -13.64
N TYR B 436 -4.71 -10.56 -14.83
CA TYR B 436 -3.50 -11.30 -15.13
C TYR B 436 -2.43 -10.48 -15.85
N GLU B 437 -2.72 -9.22 -16.16
CA GLU B 437 -1.77 -8.39 -16.89
C GLU B 437 -0.78 -7.72 -15.94
N LEU B 438 0.37 -7.35 -16.49
CA LEU B 438 1.32 -6.53 -15.75
C LEU B 438 0.73 -5.17 -15.47
N GLN B 439 0.91 -4.67 -14.25
CA GLN B 439 0.30 -3.39 -13.89
C GLN B 439 0.85 -2.26 -14.74
N TRP B 440 2.18 -2.16 -14.85
CA TRP B 440 2.83 -1.18 -15.70
C TRP B 440 3.84 -1.93 -16.56
N GLY B 441 3.35 -2.47 -17.68
CA GLY B 441 4.20 -3.27 -18.56
C GLY B 441 5.12 -2.48 -19.47
N ARG B 442 4.97 -1.15 -19.49
CA ARG B 442 5.83 -0.25 -20.26
C ARG B 442 5.69 -0.61 -21.75
N GLU B 443 6.74 -0.33 -22.52
CA GLU B 443 6.77 -0.61 -23.96
C GLU B 443 7.90 -1.57 -24.25
N LYS B 444 7.57 -2.72 -24.85
CA LYS B 444 8.59 -3.73 -25.12
C LYS B 444 9.67 -3.22 -26.05
N LEU B 445 9.31 -2.33 -26.98
CA LEU B 445 10.29 -1.80 -27.92
C LEU B 445 11.42 -1.06 -27.23
N PHE B 446 11.20 -0.55 -26.02
CA PHE B 446 12.26 0.16 -25.31
C PHE B 446 13.28 -0.79 -24.69
N PHE B 447 12.84 -1.96 -24.25
CA PHE B 447 13.74 -2.90 -23.60
C PHE B 447 14.46 -3.82 -24.57
N GLU B 448 13.87 -4.10 -25.72
CA GLU B 448 14.44 -5.06 -26.67
C GLU B 448 15.25 -4.32 -27.74
N ARG B 449 16.32 -3.70 -27.26
CA ARG B 449 17.26 -2.95 -28.08
C ARG B 449 18.55 -2.80 -27.28
N LYS B 450 19.59 -2.32 -27.95
CA LYS B 450 20.82 -1.98 -27.24
C LYS B 450 20.53 -0.81 -26.30
N LYS B 451 20.95 -0.92 -25.05
CA LYS B 451 20.63 0.20 -24.16
C LYS B 451 21.62 0.25 -23.00
N ILE B 452 21.55 1.32 -22.22
CA ILE B 452 22.38 1.46 -21.03
C ILE B 452 21.48 1.27 -19.81
N MET B 453 21.95 0.47 -18.85
CA MET B 453 21.19 0.19 -17.64
C MET B 453 22.05 0.48 -16.42
N TYR B 454 21.39 0.88 -15.33
CA TYR B 454 22.09 1.14 -14.08
C TYR B 454 21.18 0.85 -12.89
N PRO B 455 21.75 0.46 -11.75
CA PRO B 455 20.91 0.19 -10.58
C PRO B 455 20.38 1.47 -9.98
N TYR B 456 19.17 1.39 -9.41
CA TYR B 456 18.53 2.57 -8.85
C TYR B 456 19.13 2.99 -7.52
N LYS B 457 19.86 2.10 -6.84
CA LYS B 457 20.50 2.39 -5.57
C LYS B 457 21.85 1.67 -5.56
N SER B 458 22.92 2.43 -5.37
CA SER B 458 24.26 1.86 -5.46
C SER B 458 25.22 2.70 -4.66
N ASN B 459 26.41 2.14 -4.42
CA ASN B 459 27.51 2.85 -3.78
C ASN B 459 28.38 3.59 -4.77
N GLU B 460 28.23 3.34 -6.07
CA GLU B 460 29.12 3.91 -7.07
C GLU B 460 28.43 3.83 -8.43
N ASN B 461 29.02 4.53 -9.40
CA ASN B 461 28.50 4.51 -10.76
C ASN B 461 28.68 3.13 -11.37
N ARG B 462 27.57 2.51 -11.78
CA ARG B 462 27.58 1.23 -12.47
C ARG B 462 26.65 1.37 -13.68
N PHE B 463 27.21 1.80 -14.80
CA PHE B 463 26.48 1.93 -16.05
C PHE B 463 26.97 0.85 -17.02
N ALA B 464 26.04 0.05 -17.51
CA ALA B 464 26.39 -1.09 -18.34
C ALA B 464 25.65 -1.04 -19.66
N ILE B 465 26.29 -1.61 -20.68
CA ILE B 465 25.64 -1.79 -21.98
C ILE B 465 24.92 -3.14 -21.96
N ASP B 466 23.63 -3.09 -22.27
CA ASP B 466 22.81 -4.28 -22.46
C ASP B 466 22.68 -4.56 -23.95
N TYR B 467 23.14 -5.75 -24.34
CA TYR B 467 23.02 -6.37 -25.65
C TYR B 467 21.98 -7.49 -25.69
N ASP B 468 21.38 -7.86 -24.56
CA ASP B 468 20.61 -9.09 -24.45
C ASP B 468 19.13 -8.86 -24.17
N ASN B 469 18.61 -7.67 -24.49
CA ASN B 469 17.18 -7.35 -24.34
C ASN B 469 16.69 -7.62 -22.91
N ASN B 470 17.55 -7.34 -21.94
CA ASN B 470 17.18 -7.60 -20.56
C ASN B 470 16.02 -6.72 -20.13
N PHE B 471 15.06 -7.33 -19.45
CA PHE B 471 14.01 -6.60 -18.74
C PHE B 471 14.39 -6.52 -17.27
N SER B 472 13.77 -5.59 -16.57
CA SER B 472 14.06 -5.39 -15.16
C SER B 472 12.86 -4.72 -14.49
N SER B 473 12.86 -4.78 -13.16
CA SER B 473 11.88 -4.07 -12.35
C SER B 473 12.34 -2.63 -12.20
N ALA B 474 11.72 -1.90 -11.27
CA ALA B 474 12.08 -0.51 -11.02
C ALA B 474 13.34 -0.36 -10.17
N ASP B 475 14.03 -1.47 -9.86
CA ASP B 475 15.33 -1.39 -9.22
C ASP B 475 16.46 -1.21 -10.23
N VAL B 476 16.14 -1.19 -11.52
CA VAL B 476 17.10 -0.89 -12.58
C VAL B 476 16.45 0.12 -13.52
N TYR B 477 17.19 1.17 -13.87
CA TYR B 477 16.71 2.14 -14.85
C TYR B 477 17.43 1.92 -16.17
N SER B 478 16.80 2.41 -17.25
CA SER B 478 17.41 2.28 -18.55
C SER B 478 17.32 3.59 -19.32
N PHE B 479 18.22 3.75 -20.28
CA PHE B 479 18.06 4.80 -21.28
C PHE B 479 18.78 4.39 -22.56
N PHE B 480 18.34 4.98 -23.67
CA PHE B 480 19.05 4.84 -24.93
C PHE B 480 19.21 6.20 -25.58
N ILE B 481 20.09 6.27 -26.56
CA ILE B 481 20.47 7.54 -27.17
C ILE B 481 19.46 7.90 -28.25
N LYS B 482 19.05 9.17 -28.27
CA LYS B 482 18.15 9.66 -29.30
C LYS B 482 18.80 9.53 -30.68
N GLU B 483 17.96 9.40 -31.71
CA GLU B 483 18.45 9.24 -33.07
C GLU B 483 19.32 10.41 -33.49
N GLU B 484 18.85 11.63 -33.24
CA GLU B 484 19.58 12.82 -33.71
C GLU B 484 20.90 13.04 -33.00
N TYR B 485 21.14 12.38 -31.88
CA TYR B 485 22.42 12.49 -31.17
C TYR B 485 23.32 11.28 -31.37
N LEU B 486 22.91 10.30 -32.17
CA LEU B 486 23.73 9.12 -32.39
C LEU B 486 25.04 9.45 -33.10
N ASP B 487 25.04 10.42 -34.01
CA ASP B 487 26.25 10.79 -34.70
C ASP B 487 27.25 11.51 -33.80
N LYS B 488 26.80 11.99 -32.64
CA LYS B 488 27.68 12.68 -31.70
C LYS B 488 28.17 11.79 -30.57
N PHE B 489 27.29 10.96 -29.99
CA PHE B 489 27.63 10.15 -28.84
C PHE B 489 27.32 8.68 -29.11
N SER B 490 28.14 7.81 -28.53
CA SER B 490 27.99 6.37 -28.64
C SER B 490 27.88 5.78 -27.24
N TYR B 491 27.27 4.59 -27.16
CA TYR B 491 27.09 3.93 -25.87
C TYR B 491 28.42 3.62 -25.21
N GLU B 492 29.42 3.26 -25.99
CA GLU B 492 30.72 2.92 -25.42
C GLU B 492 31.38 4.15 -24.80
N TYR B 493 31.32 5.29 -25.47
CA TYR B 493 31.84 6.54 -24.90
C TYR B 493 31.09 6.92 -23.63
N LEU B 494 29.76 6.77 -23.63
CA LEU B 494 28.95 7.16 -22.48
C LEU B 494 29.29 6.30 -21.26
N VAL B 495 29.36 4.98 -21.44
CA VAL B 495 29.72 4.15 -20.30
C VAL B 495 31.17 4.38 -19.90
N GLY B 496 32.04 4.76 -20.85
CA GLY B 496 33.41 5.09 -20.47
C GLY B 496 33.47 6.27 -19.53
N ILE B 497 32.77 7.35 -19.85
CA ILE B 497 32.89 8.53 -19.00
C ILE B 497 32.05 8.40 -17.73
N LEU B 498 30.91 7.70 -17.79
CA LEU B 498 30.04 7.61 -16.63
C LEU B 498 30.60 6.69 -15.55
N ASN B 499 31.42 5.71 -15.92
CA ASN B 499 32.06 4.81 -14.98
C ASN B 499 33.38 5.34 -14.44
N SER B 500 33.81 6.51 -14.89
CA SER B 500 35.08 7.06 -14.46
C SER B 500 35.01 7.54 -13.02
N SER B 501 36.18 7.55 -12.37
CA SER B 501 36.29 8.11 -11.03
C SER B 501 35.84 9.57 -11.02
N VAL B 502 36.16 10.31 -12.08
CA VAL B 502 35.75 11.70 -12.20
C VAL B 502 34.23 11.82 -12.07
N TYR B 503 33.49 11.03 -12.84
CA TYR B 503 32.05 11.17 -12.83
C TYR B 503 31.41 10.52 -11.61
N ASP B 504 32.07 9.54 -10.99
CA ASP B 504 31.60 9.06 -9.69
C ASP B 504 31.58 10.21 -8.67
N LYS B 505 32.71 10.91 -8.54
CA LYS B 505 32.76 12.06 -7.64
C LYS B 505 31.76 13.15 -8.05
N TYR B 506 31.70 13.44 -9.35
CA TYR B 506 30.83 14.49 -9.86
C TYR B 506 29.37 14.21 -9.53
N PHE B 507 28.92 12.97 -9.77
CA PHE B 507 27.54 12.63 -9.45
C PHE B 507 27.31 12.70 -7.94
N LYS B 508 28.25 12.22 -7.13
CA LYS B 508 27.94 12.22 -5.69
C LYS B 508 28.02 13.60 -5.07
N ILE B 509 28.48 14.62 -5.80
CA ILE B 509 28.42 15.99 -5.27
C ILE B 509 26.98 16.36 -4.90
N THR B 510 26.00 16.00 -5.75
CA THR B 510 24.62 16.39 -5.54
C THR B 510 23.68 15.21 -5.33
N ALA B 511 24.18 13.98 -5.37
CA ALA B 511 23.33 12.80 -5.31
C ALA B 511 22.62 12.72 -3.96
N LYS B 512 21.55 11.93 -3.95
CA LYS B 512 20.70 11.75 -2.77
C LYS B 512 21.24 10.59 -1.95
N LYS B 513 21.68 10.88 -0.72
CA LYS B 513 22.28 9.86 0.15
C LYS B 513 21.18 9.16 0.92
N MET B 514 20.97 7.88 0.65
CA MET B 514 19.85 7.16 1.26
C MET B 514 20.24 6.46 2.57
N SER B 515 21.27 5.63 2.52
CA SER B 515 21.78 4.96 3.70
C SER B 515 23.27 4.71 3.51
N LYS B 516 23.87 3.99 4.46
CA LYS B 516 25.30 3.73 4.43
C LYS B 516 25.70 3.09 3.10
N ASN B 517 26.57 3.79 2.36
CA ASN B 517 27.10 3.31 1.08
C ASN B 517 25.99 3.12 0.03
N ILE B 518 24.97 4.00 0.06
CA ILE B 518 23.88 3.93 -0.90
C ILE B 518 23.48 5.34 -1.32
N TYR B 519 23.60 5.64 -2.61
CA TYR B 519 23.02 6.82 -3.22
C TYR B 519 21.90 6.41 -4.15
N ASP B 520 20.92 7.29 -4.30
CA ASP B 520 19.86 7.10 -5.26
C ASP B 520 20.37 7.44 -6.66
N TYR B 521 20.35 6.47 -7.56
CA TYR B 521 20.62 6.72 -8.98
C TYR B 521 19.28 6.71 -9.71
N TYR B 522 18.57 7.82 -9.62
CA TYR B 522 17.29 8.00 -10.27
C TYR B 522 17.40 9.03 -11.40
N PRO B 523 16.52 8.96 -12.40
CA PRO B 523 16.61 9.90 -13.52
C PRO B 523 16.50 11.36 -13.12
N ASN B 524 15.79 11.70 -12.05
CA ASN B 524 15.65 13.10 -11.67
C ASN B 524 16.99 13.74 -11.34
N LYS B 525 18.03 12.94 -11.10
CA LYS B 525 19.39 13.44 -10.95
C LYS B 525 20.35 12.87 -11.99
N VAL B 526 20.21 11.60 -12.35
CA VAL B 526 21.10 11.01 -13.35
C VAL B 526 20.93 11.70 -14.70
N MET B 527 19.68 12.00 -15.09
CA MET B 527 19.47 12.70 -16.34
C MET B 527 19.96 14.14 -16.30
N LYS B 528 20.28 14.67 -15.12
CA LYS B 528 20.90 15.99 -15.02
C LYS B 528 22.41 15.94 -15.23
N ILE B 529 23.02 14.75 -15.21
CA ILE B 529 24.46 14.64 -15.41
C ILE B 529 24.83 15.26 -16.75
N ARG B 530 25.87 16.09 -16.73
CA ARG B 530 26.31 16.80 -17.93
C ARG B 530 27.53 16.12 -18.53
N ILE B 531 27.56 16.06 -19.86
CA ILE B 531 28.60 15.36 -20.59
C ILE B 531 29.20 16.30 -21.63
N PHE B 532 30.33 15.87 -22.18
CA PHE B 532 31.12 16.70 -23.07
C PHE B 532 31.59 15.86 -24.26
N ARG B 533 32.05 16.55 -25.30
CA ARG B 533 32.79 15.90 -26.38
C ARG B 533 33.84 16.86 -26.90
N ASP B 534 35.07 16.36 -27.01
CA ASP B 534 36.20 17.15 -27.46
C ASP B 534 37.17 16.21 -28.17
N ASN B 535 38.42 16.65 -28.34
CA ASN B 535 39.39 15.88 -29.08
C ASN B 535 39.73 14.54 -28.42
N ASN B 536 39.37 14.37 -27.15
CA ASN B 536 39.63 13.11 -26.46
C ASN B 536 38.56 12.06 -26.71
N TYR B 537 37.53 12.38 -27.50
CA TYR B 537 36.42 11.45 -27.71
C TYR B 537 36.89 10.11 -28.24
N GLU B 538 37.75 10.15 -29.26
CA GLU B 538 38.20 8.93 -29.93
C GLU B 538 38.97 8.03 -28.97
N GLU B 539 39.92 8.60 -28.22
CA GLU B 539 40.76 7.79 -27.34
C GLU B 539 39.95 7.23 -26.17
N ILE B 540 39.07 8.04 -25.57
CA ILE B 540 38.21 7.55 -24.50
C ILE B 540 37.34 6.41 -24.99
N GLU B 541 36.72 6.59 -26.16
CA GLU B 541 35.84 5.57 -26.69
C GLU B 541 36.60 4.28 -26.98
N ASN B 542 37.82 4.39 -27.52
CA ASN B 542 38.61 3.20 -27.77
C ASN B 542 39.00 2.50 -26.48
N LEU B 543 39.37 3.26 -25.45
CA LEU B 543 39.69 2.66 -24.16
C LEU B 543 38.48 1.90 -23.59
N SER B 544 37.29 2.49 -23.71
CA SER B 544 36.09 1.83 -23.21
C SER B 544 35.80 0.55 -24.00
N LYS B 545 35.94 0.60 -25.33
CA LYS B 545 35.73 -0.59 -26.14
C LYS B 545 36.70 -1.70 -25.75
N GLN B 546 37.96 -1.33 -25.49
CA GLN B 546 38.96 -2.31 -25.07
C GLN B 546 38.60 -2.94 -23.72
N ILE B 547 38.17 -2.10 -22.76
CA ILE B 547 37.74 -2.63 -21.47
C ILE B 547 36.59 -3.60 -21.64
N ILE B 548 35.61 -3.24 -22.47
CA ILE B 548 34.45 -4.10 -22.70
C ILE B 548 34.89 -5.43 -23.31
N SER B 549 35.81 -5.39 -24.27
CA SER B 549 36.33 -6.62 -24.84
C SER B 549 36.95 -7.50 -23.77
N ILE B 550 37.75 -6.89 -22.88
CA ILE B 550 38.40 -7.69 -21.84
C ILE B 550 37.37 -8.32 -20.90
N LEU B 551 36.36 -7.55 -20.50
CA LEU B 551 35.37 -8.08 -19.56
C LEU B 551 34.57 -9.23 -20.17
N LEU B 552 34.32 -9.20 -21.47
CA LEU B 552 33.58 -10.26 -22.14
C LEU B 552 34.45 -11.45 -22.51
N ASN B 553 35.73 -11.42 -22.19
CA ASN B 553 36.65 -12.49 -22.56
C ASN B 553 36.50 -13.67 -21.61
N LYS B 554 37.09 -14.81 -22.01
CA LYS B 554 37.04 -16.00 -21.18
C LYS B 554 37.97 -15.90 -19.99
N SER B 555 39.15 -15.32 -20.18
CA SER B 555 40.10 -15.09 -19.09
C SER B 555 40.18 -13.58 -18.88
N ILE B 556 39.54 -13.10 -17.82
CA ILE B 556 39.48 -11.67 -17.53
C ILE B 556 40.77 -11.25 -16.83
N ASP B 557 41.40 -10.19 -17.35
CA ASP B 557 42.61 -9.61 -16.77
C ASP B 557 42.18 -8.35 -16.03
N LYS B 558 41.96 -8.50 -14.71
CA LYS B 558 41.51 -7.36 -13.92
C LYS B 558 42.56 -6.26 -13.87
N GLY B 559 43.84 -6.63 -13.81
CA GLY B 559 44.89 -5.63 -13.79
C GLY B 559 44.92 -4.77 -15.05
N LYS B 560 44.77 -5.42 -16.22
CA LYS B 560 44.78 -4.66 -17.47
C LYS B 560 43.59 -3.69 -17.52
N VAL B 561 42.43 -4.13 -17.06
CA VAL B 561 41.28 -3.23 -16.99
C VAL B 561 41.59 -2.05 -16.08
N GLU B 562 42.25 -2.30 -14.95
CA GLU B 562 42.57 -1.19 -14.05
C GLU B 562 43.51 -0.19 -14.73
N LYS B 563 44.51 -0.69 -15.47
CA LYS B 563 45.42 0.20 -16.18
C LYS B 563 44.66 1.06 -17.20
N LEU B 564 43.79 0.42 -17.98
CA LEU B 564 43.02 1.14 -18.99
C LEU B 564 42.09 2.16 -18.36
N GLN B 565 41.44 1.81 -17.24
CA GLN B 565 40.52 2.71 -16.58
C GLN B 565 41.25 3.93 -16.01
N ILE B 566 42.45 3.71 -15.46
CA ILE B 566 43.25 4.85 -14.99
C ILE B 566 43.61 5.77 -16.15
N LYS B 567 44.00 5.18 -17.29
CA LYS B 567 44.33 6.00 -18.45
C LYS B 567 43.14 6.85 -18.90
N MET B 568 41.95 6.22 -18.95
CA MET B 568 40.74 6.96 -19.31
C MET B 568 40.42 8.04 -18.29
N ASP B 569 40.59 7.75 -17.00
CA ASP B 569 40.32 8.73 -15.96
C ASP B 569 41.20 9.96 -16.13
N ASN B 570 42.48 9.75 -16.42
CA ASN B 570 43.37 10.88 -16.66
C ASN B 570 42.95 11.65 -17.91
N LEU B 571 42.52 10.94 -18.96
CA LEU B 571 42.05 11.65 -20.14
C LEU B 571 40.86 12.55 -19.81
N ILE B 572 39.92 12.05 -19.02
CA ILE B 572 38.73 12.82 -18.68
C ILE B 572 39.08 13.99 -17.78
N MET B 573 40.01 13.79 -16.84
CA MET B 573 40.49 14.88 -16.00
C MET B 573 41.12 15.99 -16.84
N ASP B 574 41.94 15.61 -17.82
CA ASP B 574 42.54 16.59 -18.72
C ASP B 574 41.47 17.32 -19.53
N SER B 575 40.46 16.58 -20.01
CA SER B 575 39.40 17.18 -20.80
C SER B 575 38.58 18.19 -20.00
N LEU B 576 38.34 17.90 -18.72
CA LEU B 576 37.55 18.81 -17.89
C LEU B 576 38.40 19.83 -17.14
N GLY B 577 39.72 19.78 -17.27
CA GLY B 577 40.58 20.73 -16.59
C GLY B 577 40.57 20.64 -15.08
N ILE B 578 40.59 19.43 -14.54
CA ILE B 578 40.56 19.24 -13.10
C ILE B 578 41.68 18.29 -12.66
N ILE C 30 1.14 -42.40 29.71
CA ILE C 30 0.70 -43.45 30.61
C ILE C 30 0.61 -42.92 32.03
N TYR C 31 -0.08 -41.78 32.18
CA TYR C 31 -0.23 -41.12 33.47
C TYR C 31 -1.60 -41.48 34.06
N TYR C 32 -1.60 -42.11 35.23
CA TYR C 32 -2.82 -42.54 35.88
C TYR C 32 -3.34 -41.41 36.77
N THR C 33 -4.48 -40.85 36.38
CA THR C 33 -5.15 -39.84 37.21
C THR C 33 -5.86 -40.53 38.37
N PRO C 34 -5.70 -40.03 39.60
CA PRO C 34 -6.34 -40.69 40.75
C PRO C 34 -7.85 -40.76 40.59
N LYS C 35 -8.43 -41.88 41.05
CA LYS C 35 -9.85 -42.15 40.86
C LYS C 35 -10.72 -41.03 41.40
N ILE C 36 -10.32 -40.43 42.52
CA ILE C 36 -11.07 -39.33 43.11
C ILE C 36 -11.16 -38.15 42.14
N ILE C 37 -10.04 -37.81 41.51
CA ILE C 37 -10.00 -36.66 40.60
C ILE C 37 -10.91 -36.88 39.39
N VAL C 38 -10.80 -38.04 38.76
CA VAL C 38 -11.59 -38.29 37.55
C VAL C 38 -13.07 -38.37 37.89
N ASP C 39 -13.42 -38.99 39.03
CA ASP C 39 -14.81 -38.96 39.47
C ASP C 39 -15.30 -37.52 39.63
N TYR C 40 -14.48 -36.66 40.25
CA TYR C 40 -14.89 -35.28 40.46
C TYR C 40 -15.09 -34.56 39.12
N ILE C 41 -14.23 -34.81 38.15
CA ILE C 41 -14.32 -34.10 36.87
C ILE C 41 -15.57 -34.54 36.10
N VAL C 42 -15.80 -35.86 36.02
CA VAL C 42 -17.00 -36.35 35.35
C VAL C 42 -18.25 -35.82 36.03
N LYS C 43 -18.24 -35.75 37.37
CA LYS C 43 -19.37 -35.16 38.09
C LYS C 43 -19.53 -33.68 37.73
N LYS C 44 -18.41 -32.94 37.69
CA LYS C 44 -18.45 -31.51 37.41
C LYS C 44 -19.02 -31.22 36.03
N THR C 45 -18.99 -32.21 35.14
CA THR C 45 -19.62 -32.00 33.83
C THR C 45 -21.02 -32.60 33.71
N LEU C 46 -21.29 -33.76 34.30
CA LEU C 46 -22.54 -34.48 34.03
C LEU C 46 -23.55 -34.40 35.17
N LYS C 47 -23.30 -33.56 36.18
CA LYS C 47 -24.17 -33.56 37.36
C LYS C 47 -25.58 -33.08 37.02
N ASN C 48 -25.70 -32.07 36.16
CA ASN C 48 -26.98 -31.44 35.88
C ASN C 48 -27.37 -31.60 34.41
N HIS C 49 -27.17 -32.78 33.85
CA HIS C 49 -27.57 -33.05 32.48
C HIS C 49 -28.96 -33.68 32.47
N ASP C 50 -29.89 -33.06 31.74
CA ASP C 50 -31.25 -33.59 31.62
C ASP C 50 -31.25 -34.62 30.51
N ILE C 51 -31.28 -35.90 30.87
CA ILE C 51 -31.24 -36.96 29.88
C ILE C 51 -32.58 -37.08 29.14
N ILE C 52 -33.68 -36.64 29.76
CA ILE C 52 -34.97 -36.68 29.07
C ILE C 52 -35.01 -35.63 27.98
N LYS C 53 -34.47 -34.44 28.24
CA LYS C 53 -34.50 -33.37 27.25
C LYS C 53 -33.50 -33.63 26.12
N ASN C 54 -32.30 -34.09 26.45
CA ASN C 54 -31.23 -34.33 25.48
C ASN C 54 -30.72 -35.75 25.67
N PRO C 55 -31.41 -36.75 25.11
CA PRO C 55 -31.00 -38.14 25.31
C PRO C 55 -29.75 -38.54 24.53
N TYR C 56 -29.16 -37.65 23.76
CA TYR C 56 -27.97 -37.97 22.94
C TYR C 56 -26.87 -36.97 23.23
N PRO C 57 -26.23 -37.07 24.39
CA PRO C 57 -25.08 -36.20 24.69
C PRO C 57 -23.79 -36.77 24.13
N ARG C 58 -22.88 -35.86 23.81
CA ARG C 58 -21.59 -36.22 23.21
C ARG C 58 -20.48 -35.80 24.18
N ILE C 59 -19.93 -36.77 24.91
CA ILE C 59 -18.85 -36.54 25.86
C ILE C 59 -17.55 -37.02 25.21
N LEU C 60 -16.54 -36.15 25.22
CA LEU C 60 -15.30 -36.37 24.48
C LEU C 60 -14.09 -36.30 25.41
N ASP C 61 -13.09 -37.14 25.14
CA ASP C 61 -11.80 -37.08 25.81
C ASP C 61 -10.72 -37.19 24.73
N ILE C 62 -10.02 -36.08 24.46
CA ILE C 62 -9.05 -36.05 23.37
C ILE C 62 -7.68 -36.53 23.78
N SER C 63 -7.49 -36.93 25.04
CA SER C 63 -6.27 -37.58 25.50
C SER C 63 -6.63 -38.78 26.37
N CYS C 64 -7.56 -39.60 25.87
CA CYS C 64 -8.21 -40.61 26.70
C CYS C 64 -7.26 -41.68 27.21
N GLY C 65 -6.18 -41.96 26.48
CA GLY C 65 -5.28 -43.03 26.90
C GLY C 65 -6.01 -44.36 26.93
N CYS C 66 -5.89 -45.06 28.06
CA CYS C 66 -6.64 -46.29 28.26
C CYS C 66 -8.06 -46.04 28.75
N GLY C 67 -8.48 -44.79 28.84
CA GLY C 67 -9.85 -44.48 29.21
C GLY C 67 -10.09 -44.36 30.69
N ASN C 68 -9.20 -43.65 31.40
CA ASN C 68 -9.41 -43.42 32.82
C ASN C 68 -10.69 -42.64 33.07
N PHE C 69 -10.98 -41.66 32.22
CA PHE C 69 -12.19 -40.85 32.33
C PHE C 69 -13.38 -41.47 31.61
N LEU C 70 -13.16 -42.06 30.43
CA LEU C 70 -14.28 -42.52 29.61
C LEU C 70 -15.00 -43.72 30.24
N LEU C 71 -14.28 -44.60 30.94
CA LEU C 71 -14.93 -45.72 31.59
C LEU C 71 -15.88 -45.25 32.69
N GLU C 72 -15.45 -44.27 33.48
CA GLU C 72 -16.34 -43.67 34.47
C GLU C 72 -17.51 -42.94 33.81
N VAL C 73 -17.27 -42.31 32.67
CA VAL C 73 -18.36 -41.72 31.89
C VAL C 73 -19.38 -42.78 31.52
N TYR C 74 -18.89 -43.95 31.08
CA TYR C 74 -19.78 -45.05 30.73
C TYR C 74 -20.64 -45.46 31.92
N ASP C 75 -20.02 -45.62 33.09
CA ASP C 75 -20.79 -46.02 34.27
C ASP C 75 -21.84 -44.99 34.63
N ILE C 76 -21.47 -43.71 34.64
CA ILE C 76 -22.41 -42.66 35.03
C ILE C 76 -23.57 -42.59 34.05
N LEU C 77 -23.29 -42.65 32.75
CA LEU C 77 -24.36 -42.61 31.75
C LEU C 77 -25.28 -43.82 31.87
N TYR C 78 -24.70 -45.00 32.12
CA TYR C 78 -25.52 -46.19 32.27
C TYR C 78 -26.51 -46.03 33.42
N ASP C 79 -26.04 -45.52 34.57
CA ASP C 79 -26.94 -45.32 35.70
C ASP C 79 -28.01 -44.29 35.36
N LEU C 80 -27.64 -43.21 34.67
CA LEU C 80 -28.62 -42.18 34.33
C LEU C 80 -29.73 -42.73 33.44
N PHE C 81 -29.35 -43.46 32.38
CA PHE C 81 -30.35 -44.04 31.50
C PHE C 81 -31.21 -45.06 32.22
N GLU C 82 -30.62 -45.87 33.10
CA GLU C 82 -31.45 -46.80 33.87
C GLU C 82 -32.45 -46.07 34.74
N GLU C 83 -32.04 -44.96 35.36
CA GLU C 83 -32.96 -44.23 36.22
C GLU C 83 -34.08 -43.56 35.43
N ASN C 84 -33.83 -43.22 34.15
CA ASN C 84 -34.88 -42.53 33.38
C ASN C 84 -35.43 -43.35 32.21
N ILE C 85 -35.28 -44.68 32.25
CA ILE C 85 -35.71 -45.53 31.13
C ILE C 85 -37.22 -45.44 30.88
N TYR C 86 -38.03 -45.45 31.94
CA TYR C 86 -39.48 -45.43 31.72
C TYR C 86 -39.93 -44.11 31.09
N GLU C 87 -39.39 -43.00 31.58
CA GLU C 87 -39.70 -41.71 30.96
C GLU C 87 -39.21 -41.66 29.52
N LEU C 88 -38.07 -42.30 29.22
CA LEU C 88 -37.62 -42.37 27.84
C LEU C 88 -38.59 -43.15 26.97
N LYS C 89 -39.12 -44.27 27.50
CA LYS C 89 -40.06 -45.07 26.73
C LYS C 89 -41.40 -44.38 26.56
N LYS C 90 -41.76 -43.46 27.45
CA LYS C 90 -43.00 -42.72 27.27
C LYS C 90 -42.83 -41.49 26.38
N LYS C 91 -41.71 -40.78 26.50
CA LYS C 91 -41.51 -39.56 25.73
C LYS C 91 -41.13 -39.83 24.28
N TYR C 92 -40.46 -40.94 24.01
CA TYR C 92 -39.96 -41.27 22.68
C TYR C 92 -40.51 -42.64 22.27
N ASP C 93 -39.96 -43.17 21.19
CA ASP C 93 -40.34 -44.49 20.70
C ASP C 93 -40.18 -45.53 21.82
N GLU C 94 -41.30 -46.13 22.22
CA GLU C 94 -41.28 -47.07 23.34
C GLU C 94 -40.40 -48.26 23.06
N ASN C 95 -40.35 -48.73 21.81
CA ASN C 95 -39.53 -49.88 21.47
C ASN C 95 -38.04 -49.56 21.44
N TYR C 96 -37.68 -48.32 21.10
CA TYR C 96 -36.26 -47.99 20.98
C TYR C 96 -35.59 -47.88 22.35
N TRP C 97 -36.28 -47.32 23.33
CA TRP C 97 -35.71 -47.08 24.65
C TRP C 97 -35.96 -48.30 25.53
N THR C 98 -34.98 -49.20 25.59
CA THR C 98 -35.04 -50.38 26.42
C THR C 98 -33.72 -50.54 27.15
N VAL C 99 -33.77 -51.25 28.28
CA VAL C 99 -32.56 -51.49 29.05
C VAL C 99 -31.57 -52.33 28.25
N ASP C 100 -32.05 -53.35 27.54
CA ASP C 100 -31.18 -54.27 26.82
C ASP C 100 -30.30 -53.55 25.80
N ASN C 101 -30.78 -52.46 25.23
CA ASN C 101 -30.01 -51.74 24.24
C ASN C 101 -29.13 -50.64 24.83
N ILE C 102 -29.20 -50.41 26.14
CA ILE C 102 -28.47 -49.28 26.72
C ILE C 102 -27.00 -49.37 26.36
N HIS C 103 -26.39 -50.55 26.55
CA HIS C 103 -24.97 -50.73 26.27
C HIS C 103 -24.63 -50.32 24.85
N ARG C 104 -25.50 -50.60 23.89
CA ARG C 104 -25.19 -50.16 22.53
C ARG C 104 -25.29 -48.64 22.41
N HIS C 105 -26.36 -48.06 22.96
CA HIS C 105 -26.61 -46.64 22.76
C HIS C 105 -25.49 -45.77 23.32
N ILE C 106 -24.88 -46.18 24.43
CA ILE C 106 -23.73 -45.47 24.95
C ILE C 106 -22.58 -45.48 23.94
N LEU C 107 -22.31 -46.64 23.34
CA LEU C 107 -21.12 -46.73 22.52
C LEU C 107 -21.29 -46.09 21.15
N ASN C 108 -22.49 -46.16 20.58
CA ASN C 108 -22.71 -45.67 19.22
C ASN C 108 -22.81 -44.14 19.17
N TYR C 109 -23.41 -43.52 20.18
CA TYR C 109 -23.82 -42.12 20.07
C TYR C 109 -23.22 -41.18 21.10
N CYS C 110 -22.68 -41.67 22.22
CA CYS C 110 -22.37 -40.80 23.35
C CYS C 110 -20.88 -40.64 23.62
N ILE C 111 -20.12 -41.73 23.70
CA ILE C 111 -18.73 -41.69 24.12
C ILE C 111 -17.84 -41.42 22.91
N TYR C 112 -16.93 -40.45 23.05
CA TYR C 112 -15.94 -40.14 22.02
C TYR C 112 -14.57 -40.03 22.67
N GLY C 113 -13.60 -40.75 22.11
CA GLY C 113 -12.25 -40.74 22.65
C GLY C 113 -11.22 -40.62 21.54
N ALA C 114 -10.13 -39.94 21.85
CA ALA C 114 -9.03 -39.76 20.92
C ALA C 114 -7.71 -39.90 21.68
N ASP C 115 -6.75 -40.57 21.06
CA ASP C 115 -5.41 -40.69 21.62
C ASP C 115 -4.45 -41.05 20.51
N ILE C 116 -3.18 -40.65 20.70
CA ILE C 116 -2.18 -40.87 19.67
C ILE C 116 -1.57 -42.27 19.74
N ASP C 117 -1.72 -42.97 20.86
CA ASP C 117 -1.16 -44.30 21.02
C ASP C 117 -2.17 -45.36 20.59
N GLU C 118 -1.78 -46.20 19.64
CA GLU C 118 -2.68 -47.23 19.14
C GLU C 118 -2.98 -48.26 20.22
N LYS C 119 -1.97 -48.64 21.00
CA LYS C 119 -2.17 -49.67 22.03
C LYS C 119 -3.17 -49.20 23.08
N ALA C 120 -3.08 -47.94 23.50
CA ALA C 120 -4.03 -47.40 24.47
C ALA C 120 -5.45 -47.41 23.92
N ILE C 121 -5.62 -47.02 22.65
CA ILE C 121 -6.95 -47.03 22.04
C ILE C 121 -7.50 -48.45 21.96
N SER C 122 -6.66 -49.42 21.61
CA SER C 122 -7.13 -50.80 21.55
C SER C 122 -7.50 -51.32 22.92
N ILE C 123 -6.73 -50.97 23.95
CA ILE C 123 -7.07 -51.41 25.31
C ILE C 123 -8.41 -50.80 25.73
N LEU C 124 -8.61 -49.52 25.44
CA LEU C 124 -9.87 -48.88 25.81
C LEU C 124 -11.04 -49.46 25.03
N LYS C 125 -10.83 -49.79 23.75
CA LYS C 125 -11.89 -50.40 22.95
C LYS C 125 -12.26 -51.77 23.49
N ASP C 126 -11.27 -52.59 23.85
CA ASP C 126 -11.54 -53.89 24.43
C ASP C 126 -12.27 -53.75 25.77
N SER C 127 -11.87 -52.79 26.60
CA SER C 127 -12.53 -52.59 27.87
C SER C 127 -13.97 -52.15 27.69
N LEU C 128 -14.23 -51.26 26.72
CA LEU C 128 -15.59 -50.83 26.43
C LEU C 128 -16.43 -51.98 25.88
N THR C 129 -15.81 -52.89 25.12
CA THR C 129 -16.56 -54.04 24.63
C THR C 129 -17.03 -54.94 25.78
N ASN C 130 -16.25 -55.04 26.85
CA ASN C 130 -16.58 -55.91 27.98
C ASN C 130 -17.39 -55.20 29.06
N LYS C 131 -17.63 -53.91 28.94
CA LYS C 131 -18.37 -53.17 29.96
C LYS C 131 -19.86 -53.27 29.73
N ILE C 142 -22.17 -52.59 17.05
CA ILE C 142 -22.11 -51.20 17.46
C ILE C 142 -20.72 -50.64 17.21
N LYS C 143 -20.66 -49.39 16.78
CA LYS C 143 -19.40 -48.73 16.46
C LYS C 143 -19.04 -47.79 17.60
N ILE C 144 -17.85 -47.98 18.17
CA ILE C 144 -17.32 -47.09 19.19
C ILE C 144 -16.57 -45.96 18.49
N ASN C 145 -16.80 -44.73 18.97
CA ASN C 145 -16.21 -43.54 18.33
C ASN C 145 -14.85 -43.23 18.94
N LEU C 146 -13.87 -44.04 18.55
CA LEU C 146 -12.48 -43.87 18.97
C LEU C 146 -11.63 -43.55 17.76
N PHE C 147 -10.73 -42.57 17.91
CA PHE C 147 -9.85 -42.13 16.84
C PHE C 147 -8.41 -42.18 17.33
N CYS C 148 -7.55 -42.82 16.54
CA CYS C 148 -6.11 -42.87 16.83
C CYS C 148 -5.43 -41.86 15.92
N CYS C 149 -5.18 -40.67 16.44
CA CYS C 149 -4.66 -39.57 15.63
C CYS C 149 -4.08 -38.50 16.55
N ASP C 150 -3.64 -37.41 15.94
CA ASP C 150 -3.18 -36.22 16.67
C ASP C 150 -4.39 -35.34 16.95
N SER C 151 -4.76 -35.22 18.23
CA SER C 151 -5.97 -34.47 18.58
C SER C 151 -5.85 -33.00 18.22
N LEU C 152 -4.63 -32.46 18.19
CA LEU C 152 -4.44 -31.07 17.77
C LEU C 152 -4.58 -30.90 16.27
N LYS C 153 -4.66 -31.98 15.50
CA LYS C 153 -4.79 -31.91 14.05
C LYS C 153 -6.11 -32.46 13.52
N LYS C 154 -6.81 -33.30 14.29
CA LYS C 154 -8.01 -33.95 13.79
C LYS C 154 -9.12 -32.92 13.61
N LYS C 155 -9.62 -32.80 12.38
CA LYS C 155 -10.75 -31.92 12.11
C LYS C 155 -12.03 -32.58 12.61
N TRP C 156 -12.77 -31.86 13.44
CA TRP C 156 -14.04 -32.34 13.97
C TRP C 156 -15.19 -31.70 13.21
N ARG C 157 -16.07 -32.54 12.65
CA ARG C 157 -17.20 -32.07 11.88
C ARG C 157 -18.37 -31.64 12.76
N TYR C 158 -18.28 -31.84 14.07
CA TYR C 158 -19.35 -31.46 14.98
C TYR C 158 -18.76 -31.18 16.35
N LYS C 159 -19.47 -30.37 17.12
CA LYS C 159 -19.01 -29.98 18.45
C LYS C 159 -19.56 -30.94 19.50
N PHE C 160 -19.14 -30.76 20.74
CA PHE C 160 -19.41 -31.73 21.80
C PHE C 160 -20.05 -31.04 23.00
N ASP C 161 -20.99 -31.76 23.64
CA ASP C 161 -21.66 -31.23 24.82
C ASP C 161 -20.71 -31.17 26.01
N TYR C 162 -19.89 -32.21 26.21
CA TYR C 162 -19.03 -32.27 27.36
C TYR C 162 -17.65 -32.76 26.95
N ILE C 163 -16.62 -32.17 27.55
CA ILE C 163 -15.23 -32.54 27.32
C ILE C 163 -14.54 -32.73 28.66
N VAL C 164 -13.93 -33.90 28.86
CA VAL C 164 -13.20 -34.22 30.08
C VAL C 164 -11.88 -34.87 29.70
N GLY C 165 -10.95 -34.90 30.65
CA GLY C 165 -9.70 -35.60 30.42
C GLY C 165 -8.46 -34.97 31.03
N ASN C 166 -7.31 -35.58 30.76
CA ASN C 166 -6.03 -35.15 31.30
C ASN C 166 -5.03 -35.01 30.14
N PRO C 167 -4.77 -33.80 29.67
CA PRO C 167 -3.93 -33.63 28.49
C PRO C 167 -2.47 -33.92 28.79
N PRO C 168 -1.64 -34.11 27.78
CA PRO C 168 -0.20 -34.30 28.02
C PRO C 168 0.50 -32.99 28.33
N TYR C 169 1.48 -33.05 29.23
CA TYR C 169 2.29 -31.89 29.60
C TYR C 169 3.69 -32.10 29.03
N ILE C 170 4.05 -31.29 28.04
CA ILE C 170 5.39 -31.35 27.44
C ILE C 170 5.92 -29.92 27.34
N GLY C 171 7.07 -29.67 27.98
CA GLY C 171 7.66 -28.35 28.02
C GLY C 171 8.44 -28.03 26.76
N HIS C 172 9.09 -26.86 26.79
CA HIS C 172 9.81 -26.38 25.62
C HIS C 172 11.06 -27.21 25.34
N LYS C 173 11.67 -27.79 26.38
CA LYS C 173 12.88 -28.59 26.17
C LYS C 173 12.55 -29.95 25.57
N LYS C 174 11.48 -30.59 26.03
CA LYS C 174 11.21 -31.98 25.67
C LYS C 174 10.37 -32.14 24.42
N LEU C 175 9.85 -31.05 23.86
CA LEU C 175 9.05 -31.13 22.64
C LEU C 175 9.97 -31.20 21.42
N GLU C 176 9.54 -31.96 20.42
CA GLU C 176 10.28 -32.04 19.17
C GLU C 176 10.23 -30.69 18.45
N LYS C 177 11.39 -30.22 17.98
CA LYS C 177 11.48 -28.89 17.40
C LYS C 177 10.61 -28.77 16.16
N LYS C 178 10.52 -29.83 15.36
CA LYS C 178 9.71 -29.78 14.14
C LYS C 178 8.22 -29.59 14.45
N TYR C 179 7.75 -30.21 15.53
CA TYR C 179 6.33 -30.08 15.91
C TYR C 179 6.00 -28.66 16.37
N LYS C 180 6.98 -28.00 16.99
CA LYS C 180 6.75 -26.65 17.49
C LYS C 180 6.42 -25.69 16.37
N LYS C 181 6.99 -25.89 15.19
CA LYS C 181 6.71 -24.94 14.12
C LYS C 181 5.25 -24.99 13.69
N PHE C 182 4.67 -26.20 13.62
CA PHE C 182 3.24 -26.36 13.43
C PHE C 182 2.46 -25.64 14.55
N LEU C 183 2.86 -25.85 15.81
CA LEU C 183 2.15 -25.21 16.91
C LEU C 183 2.21 -23.68 16.81
N LEU C 184 3.39 -23.15 16.47
CA LEU C 184 3.59 -21.71 16.33
C LEU C 184 2.81 -21.14 15.16
N GLU C 185 2.54 -21.94 14.13
CA GLU C 185 1.71 -21.41 13.05
C GLU C 185 0.22 -21.44 13.39
N LYS C 186 -0.31 -22.57 13.89
CA LYS C 186 -1.77 -22.64 13.97
C LYS C 186 -2.33 -22.41 15.37
N TYR C 187 -1.51 -22.50 16.42
CA TYR C 187 -1.94 -22.29 17.78
C TYR C 187 -1.28 -21.07 18.40
N SER C 188 -0.96 -20.07 17.56
CA SER C 188 -0.24 -18.89 18.02
C SER C 188 -1.04 -18.07 19.02
N GLU C 189 -2.37 -18.22 19.06
CA GLU C 189 -3.17 -17.48 20.02
C GLU C 189 -2.81 -17.86 21.46
N VAL C 190 -2.30 -19.07 21.67
CA VAL C 190 -1.95 -19.51 23.02
C VAL C 190 -0.51 -20.02 23.13
N TYR C 191 0.15 -20.40 22.03
CA TYR C 191 1.45 -21.05 22.09
C TYR C 191 2.52 -20.11 21.51
N LYS C 192 3.39 -19.62 22.39
CA LYS C 192 4.48 -18.73 22.04
C LYS C 192 5.68 -19.14 22.89
N ASP C 193 6.63 -18.21 23.08
CA ASP C 193 8.04 -18.47 23.36
C ASP C 193 8.34 -19.70 24.19
N LYS C 194 7.86 -19.76 25.44
CA LYS C 194 8.18 -20.87 26.33
C LYS C 194 6.93 -21.62 26.77
N ALA C 195 5.92 -21.66 25.91
CA ALA C 195 4.64 -22.26 26.26
C ALA C 195 4.76 -23.78 26.34
N ASP C 196 3.73 -24.39 26.92
CA ASP C 196 3.60 -25.84 27.06
C ASP C 196 2.51 -26.35 26.12
N LEU C 197 2.55 -27.66 25.88
CA LEU C 197 1.63 -28.28 24.92
C LEU C 197 0.19 -28.23 25.43
N TYR C 198 0.01 -28.32 26.75
CA TYR C 198 -1.35 -28.31 27.27
C TYR C 198 -2.05 -26.97 27.06
N PHE C 199 -1.29 -25.91 26.76
CA PHE C 199 -1.91 -24.66 26.30
C PHE C 199 -2.71 -24.90 25.03
N CYS C 200 -2.09 -25.58 24.05
CA CYS C 200 -2.79 -25.92 22.81
C CYS C 200 -3.94 -26.88 23.09
N PHE C 201 -3.79 -27.80 24.04
CA PHE C 201 -4.94 -28.66 24.34
C PHE C 201 -6.10 -27.86 24.93
N TYR C 202 -5.82 -26.85 25.77
CA TYR C 202 -6.87 -25.97 26.25
C TYR C 202 -7.59 -25.30 25.09
N LYS C 203 -6.83 -24.74 24.15
CA LYS C 203 -7.45 -24.04 23.03
C LYS C 203 -8.30 -24.99 22.18
N LYS C 204 -7.79 -26.19 21.92
CA LYS C 204 -8.54 -27.15 21.11
C LYS C 204 -9.83 -27.57 21.80
N ILE C 205 -9.77 -27.79 23.13
CA ILE C 205 -10.98 -28.15 23.87
C ILE C 205 -12.01 -27.02 23.78
N ILE C 206 -11.56 -25.78 23.98
CA ILE C 206 -12.49 -24.65 23.94
C ILE C 206 -13.14 -24.54 22.56
N ASP C 207 -12.37 -24.76 21.50
CA ASP C 207 -12.89 -24.54 20.15
C ASP C 207 -13.98 -25.55 19.79
N ILE C 208 -13.80 -26.82 20.15
CA ILE C 208 -14.73 -27.87 19.75
C ILE C 208 -15.82 -28.09 20.80
N LEU C 209 -15.98 -27.17 21.74
CA LEU C 209 -17.04 -27.25 22.72
C LEU C 209 -18.30 -26.59 22.18
N LYS C 210 -19.42 -27.29 22.27
CA LYS C 210 -20.68 -26.74 21.78
C LYS C 210 -21.16 -25.62 22.69
N GLN C 211 -22.00 -24.74 22.13
CA GLN C 211 -22.58 -23.66 22.91
C GLN C 211 -23.42 -24.20 24.06
N GLY C 212 -23.16 -23.70 25.27
CA GLY C 212 -23.79 -24.24 26.45
C GLY C 212 -23.14 -25.49 27.00
N GLY C 213 -22.06 -25.98 26.37
CA GLY C 213 -21.39 -27.16 26.86
C GLY C 213 -20.49 -26.88 28.05
N ILE C 214 -20.10 -27.95 28.74
CA ILE C 214 -19.29 -27.85 29.95
C ILE C 214 -18.01 -28.66 29.75
N GLY C 215 -16.88 -28.05 30.05
CA GLY C 215 -15.59 -28.71 29.99
C GLY C 215 -14.91 -28.68 31.35
N SER C 216 -14.19 -29.76 31.66
CA SER C 216 -13.48 -29.84 32.93
C SER C 216 -12.23 -30.69 32.73
N VAL C 217 -11.07 -30.14 33.10
CA VAL C 217 -9.81 -30.84 32.93
C VAL C 217 -8.93 -30.66 34.15
N ILE C 218 -7.90 -31.50 34.24
CA ILE C 218 -6.83 -31.35 35.23
C ILE C 218 -5.54 -31.11 34.47
N THR C 219 -4.87 -30.00 34.77
CA THR C 219 -3.66 -29.59 34.06
C THR C 219 -2.63 -29.10 35.07
N PRO C 220 -1.41 -28.75 34.66
CA PRO C 220 -0.51 -28.06 35.59
C PRO C 220 -1.08 -26.69 35.99
N ARG C 221 -0.73 -26.26 37.19
CA ARG C 221 -1.25 -25.00 37.70
C ARG C 221 -0.45 -23.79 37.24
N TYR C 222 0.69 -24.00 36.57
CA TYR C 222 1.64 -22.92 36.35
C TYR C 222 1.10 -21.83 35.44
N PHE C 223 0.22 -22.17 34.50
CA PHE C 223 -0.31 -21.17 33.58
C PHE C 223 -1.13 -20.10 34.30
N LEU C 224 -1.56 -20.37 35.53
CA LEU C 224 -2.33 -19.38 36.28
C LEU C 224 -1.49 -18.17 36.63
N GLU C 225 -0.17 -18.35 36.83
CA GLU C 225 0.72 -17.27 37.20
C GLU C 225 1.86 -17.05 36.23
N SER C 226 2.22 -18.03 35.42
CA SER C 226 3.43 -17.95 34.62
C SER C 226 3.31 -16.89 33.53
N LEU C 227 4.47 -16.36 33.12
CA LEU C 227 4.53 -15.40 32.03
C LEU C 227 4.08 -16.03 30.71
N SER C 228 4.49 -17.28 30.47
CA SER C 228 4.16 -17.96 29.21
C SER C 228 2.67 -18.21 29.07
N GLY C 229 1.90 -18.17 30.15
CA GLY C 229 0.47 -18.40 30.10
C GLY C 229 -0.39 -17.15 29.96
N LYS C 230 0.21 -15.99 29.69
CA LYS C 230 -0.57 -14.76 29.61
C LYS C 230 -1.62 -14.84 28.49
N ASP C 231 -1.20 -15.28 27.31
CA ASP C 231 -2.13 -15.41 26.19
C ASP C 231 -3.19 -16.47 26.46
N LEU C 232 -2.80 -17.58 27.11
CA LEU C 232 -3.77 -18.63 27.43
C LEU C 232 -4.84 -18.10 28.38
N ARG C 233 -4.43 -17.33 29.39
CA ARG C 233 -5.41 -16.75 30.30
C ARG C 233 -6.33 -15.78 29.57
N GLU C 234 -5.80 -14.99 28.65
CA GLU C 234 -6.71 -14.10 27.91
C GLU C 234 -7.71 -14.90 27.08
N TYR C 235 -7.23 -15.96 26.41
CA TYR C 235 -8.11 -16.79 25.59
C TYR C 235 -9.22 -17.42 26.41
N ILE C 236 -8.85 -18.03 27.54
CA ILE C 236 -9.83 -18.66 28.43
C ILE C 236 -10.82 -17.62 28.96
N LYS C 237 -10.32 -16.47 29.41
CA LYS C 237 -11.17 -15.45 30.00
C LYS C 237 -12.18 -14.93 28.99
N SER C 238 -11.77 -14.74 27.74
CA SER C 238 -12.66 -14.16 26.76
C SER C 238 -13.44 -15.18 25.95
N ASN C 239 -13.24 -16.49 26.17
CA ASN C 239 -14.02 -17.45 25.38
C ASN C 239 -14.95 -18.35 26.17
N VAL C 240 -14.70 -18.58 27.46
CA VAL C 240 -15.56 -19.43 28.26
C VAL C 240 -15.83 -18.75 29.60
N ASN C 241 -16.91 -19.17 30.25
CA ASN C 241 -17.20 -18.76 31.62
C ASN C 241 -16.56 -19.76 32.57
N VAL C 242 -15.60 -19.31 33.36
CA VAL C 242 -14.87 -20.20 34.25
C VAL C 242 -15.75 -20.44 35.49
N GLN C 243 -16.30 -21.66 35.59
CA GLN C 243 -17.14 -21.99 36.75
C GLN C 243 -16.31 -22.12 38.01
N GLU C 244 -15.21 -22.87 37.95
CA GLU C 244 -14.54 -23.23 39.20
C GLU C 244 -13.09 -23.59 38.95
N ILE C 245 -12.22 -23.17 39.88
CA ILE C 245 -10.82 -23.51 39.87
C ILE C 245 -10.49 -24.21 41.18
N VAL C 246 -9.85 -25.37 41.09
CA VAL C 246 -9.31 -26.07 42.25
C VAL C 246 -7.80 -26.04 42.12
N ASP C 247 -7.14 -25.29 43.01
CA ASP C 247 -5.71 -25.06 42.97
C ASP C 247 -5.06 -25.88 44.08
N PHE C 248 -4.28 -26.89 43.70
CA PHE C 248 -3.63 -27.78 44.64
C PHE C 248 -2.26 -27.30 45.09
N LEU C 249 -1.78 -26.18 44.55
CA LEU C 249 -0.51 -25.55 44.95
C LEU C 249 0.60 -26.61 44.86
N GLY C 250 1.42 -26.78 45.90
CA GLY C 250 2.53 -27.71 45.83
C GLY C 250 2.19 -29.18 46.02
N ALA C 251 0.93 -29.50 46.29
CA ALA C 251 0.55 -30.86 46.62
C ALA C 251 0.87 -31.83 45.48
N ASN C 252 1.25 -33.05 45.85
CA ASN C 252 1.66 -34.09 44.90
C ASN C 252 0.45 -34.96 44.60
N ILE C 253 -0.29 -34.59 43.56
CA ILE C 253 -1.45 -35.36 43.14
C ILE C 253 -1.02 -36.68 42.49
N PHE C 254 -0.01 -36.62 41.63
CA PHE C 254 0.46 -37.78 40.89
C PHE C 254 1.68 -38.36 41.61
N LYS C 255 1.58 -39.63 42.02
CA LYS C 255 2.66 -40.27 42.74
C LYS C 255 3.90 -40.39 41.86
N ASN C 256 5.06 -40.05 42.44
CA ASN C 256 6.35 -40.14 41.76
C ASN C 256 6.37 -39.30 40.48
N ILE C 257 5.60 -38.22 40.45
CA ILE C 257 5.63 -37.25 39.36
C ILE C 257 5.84 -35.87 39.97
N GLY C 258 6.84 -35.16 39.46
CA GLY C 258 7.14 -33.83 39.97
C GLY C 258 6.38 -32.74 39.25
N VAL C 259 5.05 -32.73 39.40
CA VAL C 259 4.21 -31.71 38.80
C VAL C 259 3.18 -31.26 39.83
N SER C 260 2.76 -30.01 39.72
CA SER C 260 1.73 -29.43 40.59
C SER C 260 0.49 -29.15 39.75
N SER C 261 -0.66 -29.62 40.22
CA SER C 261 -1.85 -29.73 39.40
C SER C 261 -2.91 -28.71 39.79
N CYS C 262 -3.90 -28.58 38.92
CA CYS C 262 -5.11 -27.82 39.17
C CYS C 262 -6.22 -28.41 38.31
N ILE C 263 -7.46 -28.10 38.70
CA ILE C 263 -8.65 -28.55 38.00
C ILE C 263 -9.45 -27.33 37.57
N LEU C 264 -9.74 -27.26 36.27
CA LEU C 264 -10.45 -26.13 35.69
C LEU C 264 -11.79 -26.59 35.14
N THR C 265 -12.87 -25.91 35.54
CA THR C 265 -14.21 -26.17 35.06
C THR C 265 -14.80 -24.88 34.47
N PHE C 266 -15.26 -24.97 33.22
CA PHE C 266 -15.73 -23.83 32.45
C PHE C 266 -16.91 -24.25 31.59
N ASP C 267 -17.71 -23.27 31.15
CA ASP C 267 -18.88 -23.52 30.31
C ASP C 267 -18.97 -22.45 29.23
N LYS C 268 -19.92 -22.65 28.33
CA LYS C 268 -20.27 -21.68 27.30
C LYS C 268 -21.75 -21.31 27.39
N LYS C 269 -22.24 -21.12 28.61
CA LYS C 269 -23.63 -20.80 28.86
C LYS C 269 -23.83 -19.30 28.96
N LYS C 270 -25.09 -18.89 29.00
CA LYS C 270 -25.44 -17.48 29.16
C LYS C 270 -24.96 -16.97 30.52
N THR C 271 -23.97 -16.07 30.50
CA THR C 271 -23.37 -15.58 31.73
C THR C 271 -24.40 -14.80 32.55
N LYS C 272 -24.45 -15.08 33.85
CA LYS C 272 -25.35 -14.38 34.77
C LYS C 272 -24.60 -13.62 35.85
N GLU C 273 -23.72 -14.28 36.59
CA GLU C 273 -22.98 -13.66 37.68
C GLU C 273 -21.49 -13.54 37.43
N THR C 274 -20.91 -14.42 36.62
CA THR C 274 -19.48 -14.42 36.32
C THR C 274 -18.63 -14.50 37.57
N TYR C 275 -19.12 -15.21 38.59
CA TYR C 275 -18.40 -15.41 39.83
C TYR C 275 -17.76 -16.79 39.81
N ILE C 276 -16.44 -16.83 39.95
CA ILE C 276 -15.65 -18.05 39.89
C ILE C 276 -15.39 -18.52 41.31
N ASP C 277 -15.72 -19.79 41.57
CA ASP C 277 -15.43 -20.45 42.83
C ASP C 277 -13.99 -20.92 42.81
N VAL C 278 -13.16 -20.41 43.72
CA VAL C 278 -11.74 -20.74 43.78
C VAL C 278 -11.49 -21.47 45.08
N PHE C 279 -10.90 -22.67 44.97
CA PHE C 279 -10.53 -23.53 46.08
C PHE C 279 -9.01 -23.63 46.11
N LYS C 280 -8.39 -23.00 47.10
CA LYS C 280 -6.95 -23.05 47.30
C LYS C 280 -6.66 -23.97 48.47
N ILE C 281 -5.81 -24.98 48.25
CA ILE C 281 -5.46 -25.90 49.32
C ILE C 281 -4.66 -25.17 50.38
N LYS C 282 -4.94 -25.49 51.64
CA LYS C 282 -4.28 -24.82 52.75
C LYS C 282 -3.10 -25.62 53.31
N ASN C 283 -3.08 -26.94 53.13
CA ASN C 283 -1.96 -27.78 53.54
C ASN C 283 -1.52 -28.62 52.35
N GLU C 284 -0.29 -28.38 51.89
CA GLU C 284 0.24 -29.10 50.73
C GLU C 284 0.72 -30.50 51.06
N ASP C 285 0.77 -30.88 52.34
CA ASP C 285 1.30 -32.17 52.74
C ASP C 285 0.27 -33.29 52.67
N ILE C 286 -0.96 -32.99 52.25
CA ILE C 286 -2.01 -34.01 52.25
C ILE C 286 -1.71 -35.09 51.22
N CYS C 287 -2.15 -36.31 51.53
CA CYS C 287 -2.07 -37.44 50.61
C CYS C 287 -3.44 -37.60 49.97
N ILE C 288 -3.48 -37.53 48.63
CA ILE C 288 -4.75 -37.52 47.91
C ILE C 288 -5.47 -38.85 48.07
N ASN C 289 -4.73 -39.96 48.14
CA ASN C 289 -5.34 -41.28 48.20
C ASN C 289 -6.04 -41.56 49.53
N LYS C 290 -5.86 -40.70 50.53
CA LYS C 290 -6.42 -40.97 51.85
C LYS C 290 -7.88 -40.56 52.00
N PHE C 291 -8.47 -39.93 50.99
CA PHE C 291 -9.79 -39.35 51.11
C PHE C 291 -10.77 -40.01 50.15
N GLU C 292 -11.98 -40.25 50.64
CA GLU C 292 -12.98 -40.98 49.85
C GLU C 292 -13.46 -40.17 48.64
N THR C 293 -13.61 -38.86 48.81
CA THR C 293 -14.07 -37.99 47.74
C THR C 293 -13.31 -36.67 47.79
N LEU C 294 -13.30 -35.97 46.66
CA LEU C 294 -12.68 -34.64 46.60
C LEU C 294 -13.55 -33.60 47.28
N GLU C 295 -14.87 -33.81 47.28
CA GLU C 295 -15.78 -32.88 47.96
C GLU C 295 -15.53 -32.87 49.46
N GLU C 296 -15.12 -34.01 50.03
CA GLU C 296 -14.74 -34.03 51.44
C GLU C 296 -13.58 -33.08 51.70
N LEU C 297 -12.59 -33.06 50.81
CA LEU C 297 -11.48 -32.13 50.95
C LEU C 297 -11.93 -30.69 50.79
N LEU C 298 -12.69 -30.40 49.73
CA LEU C 298 -13.05 -29.03 49.44
C LEU C 298 -13.93 -28.43 50.54
N LYS C 299 -14.89 -29.20 51.03
CA LYS C 299 -15.80 -28.74 52.08
C LYS C 299 -15.16 -28.73 53.46
N SER C 300 -13.91 -29.20 53.58
CA SER C 300 -13.26 -29.27 54.88
C SER C 300 -12.41 -28.03 55.13
N SER C 301 -11.82 -27.98 56.33
CA SER C 301 -10.91 -26.91 56.72
C SER C 301 -9.61 -26.92 55.94
N LYS C 302 -9.33 -27.98 55.19
CA LYS C 302 -8.09 -28.12 54.45
C LYS C 302 -8.08 -27.33 53.15
N PHE C 303 -9.20 -26.70 52.79
CA PHE C 303 -9.30 -25.88 51.60
C PHE C 303 -9.94 -24.54 51.94
N GLU C 304 -9.38 -23.46 51.40
CA GLU C 304 -10.01 -22.15 51.46
C GLU C 304 -10.79 -21.92 50.18
N HIS C 305 -11.92 -21.21 50.31
CA HIS C 305 -12.76 -20.90 49.17
C HIS C 305 -13.03 -19.40 49.11
N PHE C 306 -13.02 -18.86 47.89
CA PHE C 306 -13.44 -17.48 47.71
C PHE C 306 -13.91 -17.28 46.28
N ASN C 307 -14.59 -16.15 46.06
CA ASN C 307 -15.20 -15.85 44.77
C ASN C 307 -14.42 -14.76 44.05
N ILE C 308 -14.19 -14.96 42.76
CA ILE C 308 -13.47 -14.00 41.93
C ILE C 308 -14.38 -13.58 40.77
N ASN C 309 -14.54 -12.27 40.60
CA ASN C 309 -15.32 -11.76 39.47
C ASN C 309 -14.49 -11.90 38.20
N GLN C 310 -14.99 -12.70 37.25
CA GLN C 310 -14.24 -12.94 36.02
C GLN C 310 -14.10 -11.68 35.20
N ARG C 311 -15.14 -10.84 35.18
CA ARG C 311 -15.09 -9.60 34.41
C ARG C 311 -14.02 -8.64 34.92
N LEU C 312 -13.61 -8.77 36.17
CA LEU C 312 -12.59 -7.90 36.75
C LEU C 312 -11.18 -8.43 36.55
N LEU C 313 -11.02 -9.58 35.91
CA LEU C 313 -9.69 -10.13 35.69
C LEU C 313 -8.95 -9.34 34.62
N SER C 314 -7.72 -8.95 34.92
CA SER C 314 -6.82 -8.34 33.95
C SER C 314 -6.00 -9.44 33.28
N ASP C 315 -4.92 -9.05 32.60
CA ASP C 315 -4.02 -10.03 32.00
C ASP C 315 -3.40 -10.95 33.04
N GLU C 316 -3.34 -10.52 34.30
CA GLU C 316 -2.86 -11.35 35.40
C GLU C 316 -4.04 -11.75 36.28
N TRP C 317 -4.02 -13.01 36.75
CA TRP C 317 -5.13 -13.57 37.52
C TRP C 317 -4.78 -13.55 38.99
N ILE C 318 -5.23 -12.51 39.69
CA ILE C 318 -4.98 -12.35 41.12
C ILE C 318 -6.08 -13.11 41.85
N LEU C 319 -5.81 -14.38 42.15
CA LEU C 319 -6.79 -15.25 42.80
C LEU C 319 -6.48 -15.29 44.30
N VAL C 320 -6.91 -14.23 45.00
CA VAL C 320 -6.73 -14.08 46.43
C VAL C 320 -8.04 -13.62 47.05
N ASN C 321 -8.11 -13.72 48.38
CA ASN C 321 -9.30 -13.28 49.09
C ASN C 321 -9.31 -11.76 49.23
N LYS C 322 -10.33 -11.25 49.93
CA LYS C 322 -10.50 -9.80 50.05
C LYS C 322 -9.35 -9.16 50.83
N ASP C 323 -8.92 -9.80 51.93
CA ASP C 323 -7.88 -9.23 52.77
C ASP C 323 -6.56 -9.11 52.00
N ASP C 324 -6.16 -10.18 51.32
CA ASP C 324 -4.93 -10.15 50.54
C ASP C 324 -5.02 -9.14 49.41
N GLU C 325 -6.19 -9.03 48.77
CA GLU C 325 -6.35 -8.06 47.69
C GLU C 325 -6.18 -6.63 48.20
N THR C 326 -6.78 -6.31 49.35
CA THR C 326 -6.62 -4.96 49.90
C THR C 326 -5.17 -4.71 50.30
N PHE C 327 -4.52 -5.69 50.93
CA PHE C 327 -3.11 -5.56 51.30
C PHE C 327 -2.23 -5.27 50.08
N TYR C 328 -2.42 -6.07 49.03
CA TYR C 328 -1.66 -5.93 47.79
C TYR C 328 -1.88 -4.56 47.16
N ASN C 329 -3.12 -4.10 47.10
CA ASN C 329 -3.39 -2.81 46.48
C ASN C 329 -2.84 -1.65 47.30
N LYS C 330 -2.89 -1.74 48.63
CA LYS C 330 -2.27 -0.71 49.46
C LYS C 330 -0.79 -0.59 49.12
N ILE C 331 -0.09 -1.72 49.08
CA ILE C 331 1.35 -1.64 48.77
C ILE C 331 1.57 -1.10 47.37
N GLN C 332 0.77 -1.56 46.40
CA GLN C 332 0.99 -1.13 45.01
C GLN C 332 0.80 0.37 44.86
N GLU C 333 -0.21 0.94 45.53
CA GLU C 333 -0.44 2.37 45.37
C GLU C 333 0.60 3.20 46.13
N LYS C 334 0.97 2.77 47.34
CA LYS C 334 1.89 3.60 48.14
C LYS C 334 3.26 3.72 47.47
N CYS C 335 3.79 2.63 46.95
CA CYS C 335 5.15 2.64 46.42
C CYS C 335 5.21 3.34 45.06
N LYS C 336 6.18 4.25 44.91
CA LYS C 336 6.35 5.00 43.67
C LYS C 336 7.32 4.35 42.71
N TYR C 337 8.27 3.57 43.21
CA TYR C 337 9.29 2.94 42.39
C TYR C 337 9.04 1.44 42.30
N SER C 338 9.70 0.81 41.33
CA SER C 338 9.81 -0.64 41.24
C SER C 338 11.28 -1.01 41.16
N LEU C 339 11.57 -2.29 41.39
CA LEU C 339 12.96 -2.74 41.31
C LEU C 339 13.52 -2.56 39.90
N GLU C 340 12.68 -2.77 38.88
CA GLU C 340 13.12 -2.58 37.50
C GLU C 340 13.53 -1.14 37.24
N ASP C 341 12.88 -0.19 37.91
CA ASP C 341 13.20 1.22 37.69
C ASP C 341 14.62 1.56 38.16
N ILE C 342 15.07 0.96 39.26
CA ILE C 342 16.30 1.39 39.92
C ILE C 342 17.43 0.38 39.82
N ALA C 343 17.19 -0.82 39.26
CA ALA C 343 18.19 -1.87 39.29
C ALA C 343 18.39 -2.47 37.90
N ILE C 344 19.58 -3.01 37.70
CA ILE C 344 19.94 -3.79 36.53
C ILE C 344 20.01 -5.24 36.96
N SER C 345 19.15 -6.07 36.36
CA SER C 345 19.02 -7.48 36.68
C SER C 345 19.74 -8.34 35.65
N PHE C 346 20.21 -9.51 36.08
CA PHE C 346 20.74 -10.46 35.13
C PHE C 346 20.75 -11.86 35.71
N GLN C 347 20.60 -12.82 34.80
CA GLN C 347 20.73 -14.25 35.04
C GLN C 347 22.19 -14.65 35.07
N GLY C 348 22.46 -15.76 35.76
CA GLY C 348 23.82 -16.18 36.01
C GLY C 348 24.47 -16.86 34.82
N ILE C 349 25.69 -17.33 35.07
CA ILE C 349 26.45 -18.04 34.05
C ILE C 349 25.71 -19.30 33.64
N ILE C 350 25.71 -19.60 32.34
CA ILE C 350 25.22 -20.86 31.82
C ILE C 350 26.36 -21.49 31.02
N THR C 351 27.12 -22.38 31.66
CA THR C 351 28.26 -23.00 31.01
C THR C 351 27.83 -23.95 29.90
N GLY C 352 26.70 -24.65 30.09
CA GLY C 352 26.28 -25.68 29.18
C GLY C 352 26.74 -27.07 29.55
N CYS C 353 27.77 -27.17 30.38
CA CYS C 353 28.19 -28.44 30.96
C CYS C 353 28.97 -28.10 32.23
N ASP C 354 28.30 -28.19 33.38
CA ASP C 354 28.93 -27.76 34.63
C ASP C 354 30.10 -28.66 35.01
N LYS C 355 30.02 -29.95 34.71
CA LYS C 355 31.10 -30.87 35.06
C LYS C 355 32.41 -30.50 34.38
N ALA C 356 32.37 -29.80 33.24
CA ALA C 356 33.59 -29.46 32.52
C ALA C 356 34.28 -28.23 33.09
N PHE C 357 33.54 -27.33 33.75
CA PHE C 357 34.07 -26.04 34.15
C PHE C 357 34.07 -25.79 35.66
N ILE C 358 33.35 -26.58 36.45
CA ILE C 358 33.17 -26.33 37.88
C ILE C 358 33.93 -27.37 38.67
N LEU C 359 34.75 -26.93 39.62
CA LEU C 359 35.51 -27.84 40.47
C LEU C 359 35.41 -27.42 41.93
N SER C 360 35.43 -28.41 42.83
CA SER C 360 35.51 -28.08 44.25
C SER C 360 36.84 -27.39 44.54
N LYS C 361 36.81 -26.42 45.46
CA LYS C 361 38.01 -25.61 45.70
C LYS C 361 39.13 -26.42 46.34
N ASP C 362 38.85 -27.61 46.86
CA ASP C 362 39.87 -28.51 47.37
C ASP C 362 40.37 -29.49 46.33
N ASP C 363 39.88 -29.41 45.10
CA ASP C 363 40.28 -30.35 44.06
C ASP C 363 41.73 -30.13 43.65
N VAL C 364 42.45 -31.24 43.45
CA VAL C 364 43.86 -31.16 43.12
C VAL C 364 44.07 -30.64 41.70
N LYS C 365 43.12 -30.87 40.80
CA LYS C 365 43.29 -30.43 39.42
C LYS C 365 43.32 -28.92 39.28
N LEU C 366 42.93 -28.19 40.33
CA LEU C 366 43.10 -26.74 40.33
C LEU C 366 44.57 -26.32 40.31
N ASN C 367 45.51 -27.24 40.52
CA ASN C 367 46.89 -26.87 40.26
C ASN C 367 47.11 -26.56 38.78
N LEU C 368 46.33 -27.14 37.88
CA LEU C 368 46.56 -26.93 36.46
C LEU C 368 46.08 -25.55 35.99
N VAL C 369 45.23 -24.88 36.76
CA VAL C 369 44.59 -23.65 36.35
C VAL C 369 45.23 -22.48 37.08
N ASP C 370 45.64 -21.46 36.33
CA ASP C 370 46.10 -20.23 36.95
C ASP C 370 44.94 -19.54 37.64
N ASP C 371 45.22 -18.87 38.76
CA ASP C 371 44.18 -18.29 39.58
C ASP C 371 43.45 -17.13 38.90
N LYS C 372 44.05 -16.51 37.87
CA LYS C 372 43.38 -15.43 37.17
C LYS C 372 42.16 -15.92 36.41
N PHE C 373 42.10 -17.20 36.04
CA PHE C 373 40.92 -17.76 35.40
C PHE C 373 39.86 -18.18 36.40
N LEU C 374 40.24 -18.44 37.65
CA LEU C 374 39.31 -19.00 38.63
C LEU C 374 38.42 -17.93 39.24
N LYS C 375 37.14 -18.27 39.40
CA LYS C 375 36.15 -17.41 40.01
C LYS C 375 35.44 -18.18 41.12
N CYS C 376 34.95 -17.48 42.13
CA CYS C 376 34.18 -18.13 43.18
C CYS C 376 32.79 -18.50 42.66
N TRP C 377 32.30 -19.69 43.03
CA TRP C 377 31.09 -20.25 42.45
C TRP C 377 30.15 -20.62 43.59
N ILE C 378 28.92 -20.09 43.56
CA ILE C 378 27.94 -20.39 44.60
C ILE C 378 26.71 -21.03 43.96
N LYS C 379 26.05 -21.87 44.74
CA LYS C 379 24.78 -22.46 44.38
C LYS C 379 23.67 -21.78 45.18
N SER C 380 22.41 -22.17 44.90
CA SER C 380 21.28 -21.54 45.57
C SER C 380 21.27 -21.81 47.07
N LYS C 381 21.92 -22.89 47.52
CA LYS C 381 22.01 -23.15 48.96
C LYS C 381 22.66 -22.00 49.69
N ASN C 382 23.68 -21.39 49.07
CA ASN C 382 24.56 -20.48 49.81
C ASN C 382 23.91 -19.13 50.11
N ILE C 383 22.79 -18.81 49.47
CA ILE C 383 22.15 -17.52 49.70
C ILE C 383 21.24 -17.64 50.92
N ASN C 384 21.51 -16.81 51.92
CA ASN C 384 20.64 -16.65 53.08
C ASN C 384 20.01 -15.26 53.03
N LYS C 385 19.24 -14.95 54.06
CA LYS C 385 18.78 -13.58 54.25
C LYS C 385 19.97 -12.70 54.62
N TYR C 386 20.19 -11.66 53.81
CA TYR C 386 21.19 -10.60 53.97
C TYR C 386 22.64 -10.96 53.65
N ILE C 387 23.00 -12.25 53.56
CA ILE C 387 24.40 -12.64 53.37
C ILE C 387 24.47 -13.96 52.61
N VAL C 388 25.67 -14.28 52.12
CA VAL C 388 25.93 -15.44 51.28
C VAL C 388 26.95 -16.32 51.98
N ASP C 389 26.68 -17.63 52.00
CA ASP C 389 27.65 -18.59 52.51
C ASP C 389 28.94 -18.55 51.68
N LYS C 390 30.06 -18.81 52.34
CA LYS C 390 31.33 -18.90 51.64
C LYS C 390 31.27 -19.99 50.58
N SER C 391 31.87 -19.71 49.42
CA SER C 391 31.77 -20.61 48.28
C SER C 391 32.66 -21.84 48.47
N GLU C 392 32.10 -23.00 48.13
CA GLU C 392 32.82 -24.26 48.15
C GLU C 392 33.32 -24.66 46.77
N TYR C 393 33.02 -23.87 45.74
CA TYR C 393 33.30 -24.24 44.36
C TYR C 393 33.99 -23.11 43.62
N ARG C 394 34.69 -23.50 42.56
CA ARG C 394 35.44 -22.63 41.67
C ARG C 394 34.98 -22.86 40.24
N LEU C 395 34.90 -21.76 39.50
CA LEU C 395 34.53 -21.74 38.09
C LEU C 395 35.77 -21.43 37.26
N ILE C 396 36.00 -22.22 36.23
CA ILE C 396 37.04 -21.94 35.24
C ILE C 396 36.41 -21.05 34.18
N TYR C 397 36.79 -19.78 34.16
CA TYR C 397 36.26 -18.82 33.19
C TYR C 397 37.07 -18.97 31.90
N SER C 398 36.73 -19.99 31.12
CA SER C 398 37.50 -20.37 29.95
C SER C 398 37.47 -19.34 28.84
N ASN C 399 36.55 -18.37 28.88
CA ASN C 399 36.53 -17.33 27.86
C ASN C 399 37.77 -16.45 27.90
N ASP C 400 38.44 -16.37 29.05
CA ASP C 400 39.66 -15.59 29.16
C ASP C 400 40.88 -16.29 28.57
N ILE C 401 40.74 -17.56 28.17
CA ILE C 401 41.79 -18.24 27.43
C ILE C 401 41.62 -17.88 25.96
N ASP C 402 42.63 -17.21 25.40
CA ASP C 402 42.46 -16.60 24.08
C ASP C 402 42.40 -17.64 22.96
N ASN C 403 43.24 -18.67 23.02
CA ASN C 403 43.23 -19.70 21.99
C ASN C 403 43.63 -21.03 22.62
N GLU C 404 43.47 -22.10 21.82
CA GLU C 404 43.74 -23.44 22.33
C GLU C 404 45.22 -23.64 22.66
N ASN C 405 46.12 -22.98 21.94
CA ASN C 405 47.54 -23.26 22.06
C ASN C 405 48.18 -22.68 23.31
N THR C 406 47.58 -21.67 23.95
CA THR C 406 48.25 -20.99 25.04
C THR C 406 48.28 -21.84 26.31
N ASN C 407 47.12 -22.36 26.73
CA ASN C 407 47.03 -23.19 27.93
C ASN C 407 46.37 -24.51 27.55
N LYS C 408 47.15 -25.45 27.02
CA LYS C 408 46.59 -26.73 26.63
C LYS C 408 46.37 -27.67 27.80
N ARG C 409 47.03 -27.44 28.93
CA ARG C 409 46.84 -28.33 30.09
C ARG C 409 45.40 -28.30 30.57
N ILE C 410 44.82 -27.10 30.68
CA ILE C 410 43.46 -26.96 31.16
C ILE C 410 42.48 -27.62 30.19
N LEU C 411 42.67 -27.39 28.89
CA LEU C 411 41.77 -27.94 27.89
C LEU C 411 41.88 -29.46 27.83
N ASP C 412 43.10 -29.99 27.86
CA ASP C 412 43.33 -31.42 27.72
C ASP C 412 42.86 -32.19 28.95
N GLU C 413 43.13 -31.66 30.15
CA GLU C 413 42.95 -32.44 31.36
C GLU C 413 41.69 -32.11 32.17
N ILE C 414 41.03 -30.99 31.90
CA ILE C 414 39.84 -30.65 32.67
C ILE C 414 38.62 -30.48 31.77
N ILE C 415 38.65 -29.48 30.90
CA ILE C 415 37.48 -29.18 30.07
C ILE C 415 37.27 -30.27 29.02
N GLY C 416 38.34 -30.69 28.35
CA GLY C 416 38.22 -31.63 27.25
C GLY C 416 37.64 -32.97 27.63
N LEU C 417 37.61 -33.31 28.92
CA LEU C 417 36.97 -34.55 29.34
C LEU C 417 35.50 -34.61 28.94
N TYR C 418 34.88 -33.46 28.67
CA TYR C 418 33.50 -33.51 28.18
C TYR C 418 33.39 -32.90 26.78
N LYS C 419 34.47 -32.99 26.01
CA LYS C 419 34.56 -32.27 24.74
C LYS C 419 33.41 -32.65 23.79
N THR C 420 33.15 -33.94 23.65
CA THR C 420 32.06 -34.36 22.77
C THR C 420 30.73 -33.78 23.20
N LYS C 421 30.47 -33.73 24.50
CA LYS C 421 29.28 -33.04 24.97
C LYS C 421 29.34 -31.57 24.62
N LEU C 422 30.48 -30.93 24.88
CA LEU C 422 30.63 -29.49 24.65
C LEU C 422 30.41 -29.14 23.18
N GLU C 423 30.98 -29.91 22.27
CA GLU C 423 30.77 -29.66 20.85
C GLU C 423 29.31 -29.80 20.44
N ASN C 424 28.50 -30.54 21.18
CA ASN C 424 27.12 -30.74 20.79
C ASN C 424 26.23 -29.54 21.12
N ARG C 425 26.74 -28.57 21.87
CA ARG C 425 25.97 -27.39 22.22
C ARG C 425 25.67 -26.55 20.97
N ARG C 426 24.50 -25.89 21.00
CA ARG C 426 23.98 -25.26 19.80
C ARG C 426 24.94 -24.22 19.24
N GLU C 427 25.50 -23.38 20.10
CA GLU C 427 26.36 -22.30 19.62
C GLU C 427 27.68 -22.83 19.06
N CYS C 428 28.17 -23.95 19.60
CA CYS C 428 29.36 -24.57 19.03
C CYS C 428 29.09 -25.09 17.62
N LYS C 429 27.93 -25.71 17.40
CA LYS C 429 27.61 -26.26 16.10
C LYS C 429 27.42 -25.17 15.05
N SER C 430 26.86 -24.02 15.46
CA SER C 430 26.77 -22.89 14.54
C SER C 430 28.14 -22.31 14.22
N GLY C 431 29.11 -22.48 15.11
CA GLY C 431 30.46 -22.03 14.89
C GLY C 431 30.83 -20.73 15.57
N ILE C 432 29.89 -20.05 16.24
CA ILE C 432 30.20 -18.79 16.91
C ILE C 432 30.81 -18.98 18.28
N ARG C 433 30.82 -20.21 18.80
CA ARG C 433 31.39 -20.48 20.12
C ARG C 433 32.40 -21.60 20.00
N LYS C 434 33.59 -21.39 20.56
CA LYS C 434 34.59 -22.44 20.62
C LYS C 434 34.15 -23.53 21.58
N TRP C 435 34.65 -24.75 21.37
CA TRP C 435 34.17 -25.89 22.15
C TRP C 435 34.51 -25.75 23.62
N TYR C 436 35.62 -25.09 23.95
CA TYR C 436 36.05 -24.98 25.33
C TYR C 436 35.50 -23.75 26.04
N GLU C 437 34.79 -22.88 25.34
CA GLU C 437 34.27 -21.65 25.93
C GLU C 437 32.94 -21.88 26.62
N LEU C 438 32.66 -21.03 27.61
CA LEU C 438 31.36 -21.07 28.29
C LEU C 438 30.25 -20.71 27.32
N GLN C 439 29.14 -21.45 27.40
CA GLN C 439 28.06 -21.24 26.43
C GLN C 439 27.45 -19.85 26.56
N TRP C 440 27.18 -19.41 27.79
CA TRP C 440 26.70 -18.06 28.06
C TRP C 440 27.53 -17.51 29.22
N GLY C 441 28.67 -16.90 28.87
CA GLY C 441 29.60 -16.41 29.87
C GLY C 441 29.27 -15.05 30.45
N ARG C 442 28.27 -14.36 29.90
CA ARG C 442 27.81 -13.08 30.41
C ARG C 442 28.95 -12.04 30.42
N GLU C 443 28.81 -11.01 31.23
CA GLU C 443 29.83 -9.97 31.38
C GLU C 443 30.41 -10.05 32.78
N LYS C 444 31.74 -10.16 32.86
CA LYS C 444 32.40 -10.28 34.16
C LYS C 444 32.15 -9.06 35.03
N LEU C 445 32.13 -7.87 34.43
CA LEU C 445 31.96 -6.64 35.18
C LEU C 445 30.65 -6.60 35.95
N PHE C 446 29.65 -7.40 35.55
CA PHE C 446 28.39 -7.43 36.29
C PHE C 446 28.51 -8.24 37.57
N PHE C 447 29.27 -9.33 37.54
CA PHE C 447 29.41 -10.18 38.73
C PHE C 447 30.44 -9.64 39.71
N GLU C 448 31.52 -9.04 39.23
CA GLU C 448 32.64 -8.64 40.08
C GLU C 448 32.44 -7.23 40.63
N ARG C 449 31.35 -7.09 41.39
CA ARG C 449 30.96 -5.81 41.98
C ARG C 449 30.02 -6.10 43.12
N LYS C 450 29.79 -5.08 43.94
CA LYS C 450 28.79 -5.18 44.99
C LYS C 450 27.41 -5.31 44.36
N LYS C 451 26.65 -6.32 44.79
CA LYS C 451 25.37 -6.62 44.16
C LYS C 451 24.53 -7.43 45.13
N ILE C 452 23.27 -7.62 44.77
CA ILE C 452 22.32 -8.44 45.54
C ILE C 452 22.05 -9.71 44.75
N MET C 453 22.09 -10.84 45.45
CA MET C 453 21.83 -12.14 44.86
C MET C 453 20.71 -12.84 45.61
N TYR C 454 19.89 -13.59 44.88
CA TYR C 454 18.82 -14.36 45.48
C TYR C 454 18.62 -15.66 44.72
N PRO C 455 18.19 -16.73 45.41
CA PRO C 455 17.99 -18.01 44.71
C PRO C 455 16.80 -17.96 43.77
N TYR C 456 16.91 -18.72 42.68
CA TYR C 456 15.85 -18.71 41.67
C TYR C 456 14.61 -19.49 42.12
N LYS C 457 14.75 -20.37 43.10
CA LYS C 457 13.64 -21.13 43.65
C LYS C 457 13.86 -21.25 45.15
N SER C 458 12.88 -20.79 45.94
CA SER C 458 13.03 -20.76 47.37
C SER C 458 11.65 -20.83 48.02
N ASN C 459 11.64 -21.09 49.32
CA ASN C 459 10.42 -21.06 50.11
C ASN C 459 10.10 -19.69 50.67
N GLU C 460 11.03 -18.74 50.54
CA GLU C 460 10.88 -17.43 51.17
C GLU C 460 11.81 -16.45 50.46
N ASN C 461 11.63 -15.17 50.76
CA ASN C 461 12.55 -14.15 50.26
C ASN C 461 13.91 -14.33 50.91
N ARG C 462 14.93 -14.57 50.09
CA ARG C 462 16.32 -14.69 50.55
C ARG C 462 17.16 -13.77 49.66
N PHE C 463 17.20 -12.49 50.02
CA PHE C 463 17.97 -11.50 49.29
C PHE C 463 19.22 -11.17 50.09
N ALA C 464 20.39 -11.35 49.47
CA ALA C 464 21.65 -11.21 50.17
C ALA C 464 22.55 -10.23 49.43
N ILE C 465 23.40 -9.56 50.18
CA ILE C 465 24.45 -8.71 49.60
C ILE C 465 25.70 -9.55 49.41
N ASP C 466 26.23 -9.56 48.19
CA ASP C 466 27.45 -10.29 47.89
C ASP C 466 28.62 -9.31 47.89
N TYR C 467 29.56 -9.51 48.81
CA TYR C 467 30.76 -8.71 48.89
C TYR C 467 31.97 -9.36 48.23
N ASP C 468 31.84 -10.63 47.82
CA ASP C 468 32.99 -11.44 47.43
C ASP C 468 33.10 -11.67 45.93
N ASN C 469 32.32 -10.96 45.11
CA ASN C 469 32.30 -11.15 43.65
C ASN C 469 32.01 -12.61 43.29
N ASN C 470 30.87 -13.10 43.78
CA ASN C 470 30.49 -14.49 43.55
C ASN C 470 29.83 -14.66 42.20
N PHE C 471 30.29 -15.63 41.43
CA PHE C 471 29.63 -16.08 40.22
C PHE C 471 28.66 -17.20 40.56
N SER C 472 27.66 -17.38 39.71
CA SER C 472 26.63 -18.37 39.95
C SER C 472 26.09 -18.88 38.63
N SER C 473 25.44 -20.03 38.68
CA SER C 473 24.71 -20.55 37.53
C SER C 473 23.37 -19.84 37.45
N ALA C 474 22.47 -20.34 36.60
CA ALA C 474 21.16 -19.73 36.50
C ALA C 474 20.28 -19.99 37.70
N ASP C 475 20.72 -20.86 38.62
CA ASP C 475 19.96 -21.12 39.84
C ASP C 475 20.04 -19.97 40.85
N VAL C 476 20.83 -18.93 40.56
CA VAL C 476 20.91 -17.74 41.39
C VAL C 476 20.83 -16.52 40.46
N TYR C 477 20.04 -15.53 40.85
CA TYR C 477 19.89 -14.31 40.08
C TYR C 477 20.57 -13.15 40.77
N SER C 478 20.96 -12.14 39.99
CA SER C 478 21.61 -10.99 40.61
C SER C 478 21.06 -9.69 40.05
N PHE C 479 21.20 -8.63 40.84
CA PHE C 479 20.96 -7.28 40.35
C PHE C 479 21.80 -6.28 41.13
N PHE C 480 22.06 -5.13 40.49
CA PHE C 480 22.77 -4.04 41.14
C PHE C 480 22.07 -2.71 40.86
N ILE C 481 22.23 -1.76 41.78
CA ILE C 481 21.53 -0.49 41.70
C ILE C 481 22.17 0.39 40.63
N LYS C 482 21.32 1.09 39.88
CA LYS C 482 21.79 2.02 38.87
C LYS C 482 22.54 3.19 39.52
N GLU C 483 23.49 3.75 38.76
CA GLU C 483 24.31 4.83 39.29
C GLU C 483 23.50 6.06 39.62
N GLU C 484 22.42 6.33 38.88
CA GLU C 484 21.60 7.49 39.14
C GLU C 484 20.70 7.33 40.36
N TYR C 485 20.50 6.11 40.84
CA TYR C 485 19.68 5.85 42.01
C TYR C 485 20.49 5.51 43.25
N LEU C 486 21.82 5.56 43.17
CA LEU C 486 22.64 5.22 44.32
C LEU C 486 22.49 6.22 45.46
N ASP C 487 22.14 7.46 45.14
CA ASP C 487 21.93 8.48 46.18
C ASP C 487 20.53 8.44 46.76
N LYS C 488 19.65 7.58 46.26
CA LYS C 488 18.31 7.37 46.81
C LYS C 488 18.15 6.05 47.53
N PHE C 489 18.73 4.98 46.99
CA PHE C 489 18.59 3.65 47.56
C PHE C 489 19.96 3.02 47.78
N SER C 490 20.11 2.34 48.90
CA SER C 490 21.31 1.58 49.21
C SER C 490 21.00 0.08 49.17
N TYR C 491 22.05 -0.72 49.05
CA TYR C 491 21.87 -2.17 49.09
C TYR C 491 21.36 -2.61 50.46
N GLU C 492 21.88 -2.00 51.52
CA GLU C 492 21.46 -2.37 52.87
C GLU C 492 19.97 -2.12 53.08
N TYR C 493 19.48 -0.96 52.66
CA TYR C 493 18.05 -0.67 52.77
C TYR C 493 17.22 -1.65 51.95
N LEU C 494 17.66 -1.95 50.73
CA LEU C 494 16.92 -2.84 49.86
C LEU C 494 16.81 -4.24 50.47
N VAL C 495 17.92 -4.79 50.95
CA VAL C 495 17.84 -6.11 51.56
C VAL C 495 17.05 -6.05 52.86
N GLY C 496 17.07 -4.92 53.56
CA GLY C 496 16.23 -4.79 54.74
C GLY C 496 14.75 -4.95 54.42
N ILE C 497 14.29 -4.26 53.39
CA ILE C 497 12.85 -4.32 53.12
C ILE C 497 12.47 -5.58 52.35
N LEU C 498 13.34 -6.08 51.46
CA LEU C 498 13.02 -7.25 50.65
C LEU C 498 12.89 -8.50 51.49
N ASN C 499 13.71 -8.64 52.53
CA ASN C 499 13.67 -9.79 53.42
C ASN C 499 12.61 -9.67 54.52
N SER C 500 11.90 -8.54 54.59
CA SER C 500 10.91 -8.36 55.64
C SER C 500 9.70 -9.26 55.43
N SER C 501 8.97 -9.51 56.52
CA SER C 501 7.77 -10.33 56.45
C SER C 501 6.72 -9.72 55.54
N VAL C 502 6.60 -8.39 55.58
CA VAL C 502 5.63 -7.69 54.75
C VAL C 502 5.90 -7.97 53.28
N TYR C 503 7.17 -7.84 52.85
CA TYR C 503 7.48 -8.05 51.46
C TYR C 503 7.46 -9.53 51.09
N ASP C 504 7.69 -10.42 52.04
CA ASP C 504 7.54 -11.85 51.77
C ASP C 504 6.09 -12.17 51.40
N LYS C 505 5.15 -11.75 52.24
CA LYS C 505 3.73 -11.96 51.91
C LYS C 505 3.37 -11.25 50.60
N TYR C 506 3.86 -10.02 50.43
CA TYR C 506 3.58 -9.23 49.23
C TYR C 506 4.01 -9.95 47.96
N PHE C 507 5.24 -10.45 47.92
CA PHE C 507 5.71 -11.17 46.74
C PHE C 507 4.92 -12.46 46.54
N LYS C 508 4.70 -13.22 47.61
CA LYS C 508 4.06 -14.51 47.41
C LYS C 508 2.58 -14.39 47.01
N ILE C 509 2.00 -13.19 47.12
CA ILE C 509 0.64 -13.01 46.60
C ILE C 509 0.57 -13.34 45.11
N THR C 510 1.53 -12.86 44.32
CA THR C 510 1.51 -13.06 42.88
C THR C 510 2.57 -14.02 42.37
N ALA C 511 3.36 -14.62 43.25
CA ALA C 511 4.47 -15.46 42.84
C ALA C 511 3.96 -16.76 42.20
N LYS C 512 4.88 -17.46 41.55
CA LYS C 512 4.59 -18.67 40.80
C LYS C 512 4.94 -19.88 41.67
N LYS C 513 3.91 -20.59 42.15
CA LYS C 513 4.12 -21.74 43.02
C LYS C 513 4.58 -22.92 42.17
N MET C 514 5.80 -23.42 42.44
CA MET C 514 6.37 -24.47 41.61
C MET C 514 6.11 -25.86 42.17
N SER C 515 6.59 -26.13 43.37
CA SER C 515 6.36 -27.40 44.04
C SER C 515 6.13 -27.11 45.52
N LYS C 516 6.11 -28.16 46.33
CA LYS C 516 5.85 -27.99 47.76
C LYS C 516 6.92 -27.11 48.39
N ASN C 517 6.48 -26.02 49.02
CA ASN C 517 7.36 -25.05 49.67
C ASN C 517 8.38 -24.46 48.70
N ILE C 518 8.01 -24.27 47.44
CA ILE C 518 8.92 -23.69 46.44
C ILE C 518 8.17 -22.65 45.62
N TYR C 519 8.71 -21.45 45.55
CA TYR C 519 8.24 -20.40 44.67
C TYR C 519 9.30 -20.08 43.63
N ASP C 520 8.85 -19.57 42.49
CA ASP C 520 9.76 -19.07 41.46
C ASP C 520 10.17 -17.65 41.80
N TYR C 521 11.46 -17.45 42.08
CA TYR C 521 12.01 -16.10 42.23
C TYR C 521 12.81 -15.79 40.96
N TYR C 522 12.08 -15.36 39.93
CA TYR C 522 12.66 -14.99 38.65
C TYR C 522 12.50 -13.49 38.42
N PRO C 523 13.36 -12.87 37.63
CA PRO C 523 13.25 -11.42 37.41
C PRO C 523 11.91 -11.00 36.81
N ASN C 524 11.25 -11.85 36.03
CA ASN C 524 10.00 -11.45 35.39
C ASN C 524 8.91 -11.13 36.41
N LYS C 525 9.08 -11.54 37.66
CA LYS C 525 8.22 -11.10 38.74
C LYS C 525 8.95 -10.37 39.86
N VAL C 526 10.20 -10.72 40.14
CA VAL C 526 10.95 -10.05 41.20
C VAL C 526 11.23 -8.60 40.83
N MET C 527 11.54 -8.33 39.56
CA MET C 527 11.79 -6.96 39.14
C MET C 527 10.53 -6.10 39.15
N LYS C 528 9.35 -6.71 39.25
CA LYS C 528 8.11 -5.95 39.35
C LYS C 528 7.78 -5.55 40.79
N ILE C 529 8.58 -5.98 41.77
CA ILE C 529 8.36 -5.58 43.15
C ILE C 529 8.47 -4.07 43.27
N ARG C 530 7.47 -3.45 43.87
CA ARG C 530 7.46 -2.02 44.07
C ARG C 530 8.05 -1.67 45.43
N ILE C 531 8.78 -0.56 45.47
CA ILE C 531 9.49 -0.13 46.68
C ILE C 531 9.18 1.34 46.94
N PHE C 532 9.41 1.75 48.19
CA PHE C 532 9.08 3.08 48.65
C PHE C 532 10.31 3.75 49.24
N ARG C 533 10.15 5.03 49.58
CA ARG C 533 11.23 5.81 50.18
C ARG C 533 10.58 6.97 50.93
N ASP C 534 10.69 6.96 52.26
CA ASP C 534 10.06 7.99 53.09
C ASP C 534 10.94 8.22 54.31
N ASN C 535 10.37 8.87 55.33
CA ASN C 535 11.14 9.28 56.50
C ASN C 535 11.67 8.10 57.31
N ASN C 536 11.13 6.90 57.12
CA ASN C 536 11.62 5.73 57.85
C ASN C 536 12.81 5.07 57.16
N TYR C 537 13.34 5.69 56.09
CA TYR C 537 14.45 5.09 55.35
C TYR C 537 15.69 4.94 56.23
N GLU C 538 16.02 5.98 57.00
CA GLU C 538 17.25 5.98 57.78
C GLU C 538 17.26 4.86 58.82
N GLU C 539 16.16 4.69 59.56
CA GLU C 539 16.15 3.70 60.63
C GLU C 539 16.06 2.28 60.06
N ILE C 540 15.32 2.09 58.98
CA ILE C 540 15.27 0.77 58.35
C ILE C 540 16.67 0.38 57.85
N GLU C 541 17.37 1.31 57.22
CA GLU C 541 18.73 1.04 56.78
C GLU C 541 19.65 0.72 57.96
N ASN C 542 19.51 1.47 59.06
CA ASN C 542 20.35 1.22 60.23
C ASN C 542 20.08 -0.16 60.82
N LEU C 543 18.80 -0.55 60.92
CA LEU C 543 18.46 -1.87 61.42
C LEU C 543 19.03 -2.97 60.53
N SER C 544 18.96 -2.77 59.21
CA SER C 544 19.55 -3.75 58.30
C SER C 544 21.06 -3.86 58.49
N LYS C 545 21.74 -2.72 58.67
CA LYS C 545 23.17 -2.75 58.90
C LYS C 545 23.51 -3.50 60.18
N GLN C 546 22.72 -3.28 61.24
CA GLN C 546 22.94 -4.02 62.48
C GLN C 546 22.74 -5.52 62.28
N ILE C 547 21.70 -5.90 61.55
CA ILE C 547 21.44 -7.33 61.29
C ILE C 547 22.63 -7.94 60.56
N ILE C 548 23.13 -7.25 59.54
CA ILE C 548 24.27 -7.76 58.78
C ILE C 548 25.50 -7.88 59.67
N SER C 549 25.73 -6.87 60.53
CA SER C 549 26.89 -6.92 61.42
C SER C 549 26.83 -8.12 62.34
N ILE C 550 25.64 -8.43 62.87
CA ILE C 550 25.52 -9.61 63.73
C ILE C 550 25.71 -10.89 62.93
N LEU C 551 25.16 -10.96 61.72
CA LEU C 551 25.24 -12.18 60.93
C LEU C 551 26.66 -12.54 60.52
N LEU C 552 27.59 -11.58 60.55
CA LEU C 552 28.97 -11.83 60.18
C LEU C 552 29.90 -12.01 61.37
N ASN C 553 29.35 -11.97 62.59
CA ASN C 553 30.18 -12.10 63.79
C ASN C 553 30.43 -13.58 64.10
N LYS C 554 31.41 -13.80 65.00
CA LYS C 554 31.70 -15.15 65.44
C LYS C 554 30.57 -15.69 66.31
N SER C 555 30.10 -14.89 67.26
CA SER C 555 28.99 -15.28 68.15
C SER C 555 27.74 -14.56 67.68
N ILE C 556 26.92 -15.26 66.91
CA ILE C 556 25.68 -14.70 66.37
C ILE C 556 24.57 -14.91 67.39
N ASP C 557 24.01 -13.81 67.89
CA ASP C 557 22.87 -13.86 68.81
C ASP C 557 21.60 -13.78 67.98
N LYS C 558 20.93 -14.93 67.80
CA LYS C 558 19.79 -14.99 66.91
C LYS C 558 18.61 -14.14 67.42
N GLY C 559 18.37 -14.16 68.73
CA GLY C 559 17.27 -13.38 69.27
C GLY C 559 17.40 -11.89 69.03
N LYS C 560 18.63 -11.38 69.08
CA LYS C 560 18.86 -9.97 68.77
C LYS C 560 18.47 -9.67 67.32
N VAL C 561 18.81 -10.57 66.39
CA VAL C 561 18.42 -10.40 65.01
C VAL C 561 16.90 -10.41 64.87
N GLU C 562 16.23 -11.30 65.61
CA GLU C 562 14.77 -11.35 65.54
C GLU C 562 14.14 -10.04 66.03
N LYS C 563 14.66 -9.50 67.13
CA LYS C 563 14.14 -8.22 67.63
C LYS C 563 14.35 -7.11 66.61
N LEU C 564 15.53 -7.05 66.01
CA LEU C 564 15.81 -6.02 65.00
C LEU C 564 14.87 -6.16 63.81
N GLN C 565 14.65 -7.40 63.34
CA GLN C 565 13.77 -7.63 62.21
C GLN C 565 12.34 -7.21 62.51
N ILE C 566 11.87 -7.48 63.74
CA ILE C 566 10.51 -7.08 64.11
C ILE C 566 10.37 -5.57 64.12
N LYS C 567 11.37 -4.87 64.68
CA LYS C 567 11.33 -3.41 64.63
C LYS C 567 11.25 -2.91 63.19
N MET C 568 12.05 -3.50 62.30
CA MET C 568 12.04 -3.10 60.89
C MET C 568 10.68 -3.35 60.26
N ASP C 569 10.08 -4.50 60.54
CA ASP C 569 8.77 -4.82 59.98
C ASP C 569 7.72 -3.83 60.44
N ASN C 570 7.77 -3.42 61.70
CA ASN C 570 6.84 -2.40 62.18
C ASN C 570 7.04 -1.09 61.43
N LEU C 571 8.30 -0.71 61.17
CA LEU C 571 8.51 0.53 60.41
C LEU C 571 7.95 0.41 59.00
N ILE C 572 8.12 -0.74 58.35
CA ILE C 572 7.63 -0.91 56.99
C ILE C 572 6.10 -0.86 56.97
N MET C 573 5.46 -1.49 57.95
CA MET C 573 4.00 -1.41 58.05
C MET C 573 3.53 0.01 58.28
N ASP C 574 4.25 0.77 59.11
CA ASP C 574 3.90 2.17 59.32
C ASP C 574 4.02 2.96 58.02
N SER C 575 5.08 2.71 57.27
CA SER C 575 5.27 3.42 56.00
C SER C 575 4.16 3.11 55.01
N LEU C 576 3.78 1.84 54.87
CA LEU C 576 2.80 1.45 53.87
C LEU C 576 1.36 1.47 54.39
N GLY C 577 1.15 1.89 55.63
CA GLY C 577 -0.19 1.92 56.19
C GLY C 577 -0.83 0.54 56.30
N ILE C 578 -0.05 -0.45 56.71
CA ILE C 578 -0.55 -1.81 56.83
C ILE C 578 -0.92 -2.12 58.27
#